data_6AO1
#
_entry.id   6AO1
#
_cell.length_a   69.300
_cell.length_b   70.800
_cell.length_c   82.580
_cell.angle_alpha   90.470
_cell.angle_beta   98.620
_cell.angle_gamma   112.460
#
_symmetry.space_group_name_H-M   'P 1'
#
loop_
_entity.id
_entity.type
_entity.pdbx_description
1 polymer 'Beta-lactamase domain protein'
2 non-polymer 1,2-ETHANEDIOL
3 non-polymer 'CALCIUM ION'
4 water water
#
_entity_poly.entity_id   1
_entity_poly.type   'polypeptide(L)'
_entity_poly.pdbx_seq_one_letter_code
;MAHHHHHHMNALEHQLDYPFADGMPAAGTTQEVAPGVYWLRMPLPFALDHINLWLLRDEIDGQKGWTIVDCGIASGEIKA
NWETVFDTALEGLPVLRVIVTHCHPDHLGLANWLCEGGDKKRWNVRLWITLGEYMLGRVMAAGDGSNAGGEGAARHFARH
GLRDEASLDKLRNRKSYYADLVPAVPGQYRRLRDGDALSIGARTWRVVTGFGHSPEHCALHAEADGVLISGDMVLPRIST
NVSVFDIEPEGNPLALYLESLGRYETMAADTLVLPSHGKPFRGLHTRIGQLRDHHAARLAEVRAACADKPCSAADIVPIM
FRRALDIHQMTFAMGEALAHLHLLWLQGELTRVQGEDGVIRFRA
;
_entity_poly.pdbx_strand_id   A,B,C,D
#
# COMPACT_ATOMS: atom_id res chain seq x y z
N ALA A 2 24.93 8.83 33.76
CA ALA A 2 23.92 8.22 34.62
C ALA A 2 24.29 8.27 36.09
N HIS A 3 25.24 9.16 36.44
CA HIS A 3 25.71 9.25 37.82
C HIS A 3 24.57 9.59 38.76
N HIS A 4 23.70 10.50 38.36
CA HIS A 4 22.52 10.87 39.12
C HIS A 4 21.26 10.13 38.68
N HIS A 5 21.35 9.30 37.64
CA HIS A 5 20.21 8.52 37.22
C HIS A 5 19.93 7.41 38.21
N HIS A 6 18.65 7.09 38.36
CA HIS A 6 18.20 6.05 39.26
C HIS A 6 16.94 5.44 38.67
N HIS A 7 16.65 4.20 39.07
CA HIS A 7 15.68 3.40 38.36
C HIS A 7 14.74 2.71 39.35
N HIS A 8 13.66 2.16 38.80
CA HIS A 8 12.72 1.35 39.58
C HIS A 8 13.10 -0.12 39.43
N MET A 9 13.32 -0.80 40.55
CA MET A 9 13.76 -2.19 40.52
C MET A 9 12.57 -3.12 40.36
N ASN A 10 12.79 -4.21 39.63
CA ASN A 10 11.75 -5.20 39.35
C ASN A 10 11.70 -6.22 40.49
N ALA A 11 10.65 -6.14 41.32
CA ALA A 11 10.45 -7.13 42.38
C ALA A 11 9.86 -8.43 41.86
N LEU A 12 9.50 -8.52 40.59
CA LEU A 12 8.93 -9.73 39.99
C LEU A 12 9.91 -10.40 39.04
N GLU A 13 11.20 -10.19 39.30
CA GLU A 13 12.25 -10.80 38.49
C GLU A 13 12.11 -12.31 38.43
N HIS A 14 11.60 -12.93 39.49
CA HIS A 14 11.46 -14.38 39.55
C HIS A 14 10.49 -14.91 38.51
N GLN A 15 9.70 -14.05 37.86
CA GLN A 15 8.78 -14.46 36.81
C GLN A 15 9.47 -14.58 35.46
N LEU A 16 10.71 -14.12 35.34
CA LEU A 16 11.50 -14.26 34.12
C LEU A 16 12.40 -15.49 34.24
N ASP A 17 12.90 -15.93 33.09
CA ASP A 17 13.81 -17.07 33.02
C ASP A 17 15.17 -16.59 32.53
N TYR A 18 16.23 -16.87 33.32
CA TYR A 18 17.59 -16.55 32.88
C TYR A 18 18.28 -17.82 32.39
N PRO A 19 18.43 -18.01 31.08
CA PRO A 19 18.98 -19.30 30.59
C PRO A 19 20.39 -19.57 31.06
N PHE A 20 21.16 -18.53 31.35
CA PHE A 20 22.52 -18.70 31.84
C PHE A 20 22.63 -18.44 33.33
N ALA A 21 21.48 -18.33 34.01
CA ALA A 21 21.41 -18.17 35.47
C ALA A 21 22.14 -16.89 35.84
N ASP A 22 23.14 -16.94 36.72
CA ASP A 22 23.96 -15.77 37.02
C ASP A 22 25.32 -15.79 36.33
N GLY A 23 25.50 -16.64 35.32
CA GLY A 23 26.72 -16.59 34.53
C GLY A 23 26.82 -15.26 33.77
N MET A 24 28.01 -14.67 33.78
CA MET A 24 28.30 -13.38 33.13
C MET A 24 29.75 -13.41 32.66
N PRO A 25 30.06 -12.81 31.52
CA PRO A 25 31.45 -12.78 31.05
C PRO A 25 32.28 -11.80 31.88
N ALA A 26 33.44 -12.27 32.35
CA ALA A 26 34.35 -11.36 33.04
C ALA A 26 34.87 -10.29 32.08
N ALA A 27 35.38 -9.21 32.66
CA ALA A 27 35.87 -8.08 31.85
C ALA A 27 36.92 -8.53 30.85
N GLY A 28 36.76 -8.11 29.59
CA GLY A 28 37.71 -8.46 28.56
C GLY A 28 37.47 -9.79 27.88
N THR A 29 36.42 -10.52 28.23
CA THR A 29 36.12 -11.80 27.62
C THR A 29 34.70 -11.79 27.07
N THR A 30 34.39 -12.80 26.27
CA THR A 30 33.07 -12.93 25.65
C THR A 30 32.41 -14.23 26.09
N GLN A 31 31.09 -14.27 25.93
CA GLN A 31 30.30 -15.45 26.25
C GLN A 31 29.25 -15.64 25.16
N GLU A 32 29.23 -16.82 24.54
CA GLU A 32 28.24 -17.07 23.49
C GLU A 32 26.85 -17.20 24.09
N VAL A 33 25.92 -16.36 23.64
CA VAL A 33 24.53 -16.43 24.11
C VAL A 33 23.58 -17.00 23.07
N ALA A 34 23.97 -17.03 21.80
CA ALA A 34 23.32 -17.78 20.74
C ALA A 34 24.36 -18.02 19.67
N PRO A 35 24.13 -18.97 18.76
CA PRO A 35 25.16 -19.23 17.74
C PRO A 35 25.60 -17.97 16.99
N GLY A 36 26.89 -17.62 17.09
CA GLY A 36 27.39 -16.43 16.44
C GLY A 36 27.07 -15.13 17.14
N VAL A 37 26.50 -15.18 18.35
CA VAL A 37 26.14 -13.97 19.09
C VAL A 37 26.84 -14.02 20.44
N TYR A 38 27.76 -13.07 20.67
CA TYR A 38 28.58 -13.07 21.87
C TYR A 38 28.27 -11.85 22.73
N TRP A 39 28.38 -12.06 24.03
CA TRP A 39 28.01 -11.11 25.08
C TRP A 39 29.29 -10.56 25.69
N LEU A 40 29.42 -9.22 25.69
CA LEU A 40 30.46 -8.51 26.42
C LEU A 40 29.81 -7.70 27.51
N ARG A 41 30.42 -7.65 28.69
CA ARG A 41 29.89 -6.86 29.79
C ARG A 41 30.94 -5.86 30.23
N MET A 42 30.66 -4.56 30.05
CA MET A 42 31.58 -3.48 30.39
C MET A 42 31.15 -2.79 31.67
N PRO A 43 32.11 -2.39 32.50
CA PRO A 43 31.77 -1.67 33.73
C PRO A 43 31.39 -0.23 33.46
N LEU A 44 30.48 0.27 34.28
CA LEU A 44 30.13 1.68 34.28
C LEU A 44 30.26 2.21 35.70
N PRO A 45 30.65 3.49 35.85
CA PRO A 45 30.91 4.03 37.19
C PRO A 45 29.67 4.59 37.87
N PHE A 46 28.48 4.21 37.42
CA PHE A 46 27.24 4.76 37.94
C PHE A 46 26.53 3.75 38.85
N ALA A 47 25.37 4.16 39.36
CA ALA A 47 24.51 3.25 40.11
C ALA A 47 24.20 2.01 39.28
N LEU A 48 23.84 2.23 38.02
CA LEU A 48 23.86 1.19 37.01
C LEU A 48 25.31 0.91 36.66
N ASP A 49 25.84 -0.25 37.06
CA ASP A 49 27.28 -0.44 37.11
C ASP A 49 27.84 -1.18 35.90
N HIS A 50 27.09 -1.27 34.81
CA HIS A 50 27.52 -2.10 33.69
C HIS A 50 26.66 -1.79 32.49
N ILE A 51 27.16 -2.16 31.31
CA ILE A 51 26.36 -2.21 30.10
C ILE A 51 26.77 -3.46 29.33
N ASN A 52 25.78 -4.17 28.78
CA ASN A 52 26.02 -5.31 27.90
C ASN A 52 26.15 -4.83 26.47
N LEU A 53 27.24 -5.25 25.82
CA LEU A 53 27.50 -5.01 24.39
C LEU A 53 27.55 -6.35 23.68
N TRP A 54 27.31 -6.34 22.37
CA TRP A 54 27.14 -7.58 21.60
C TRP A 54 28.14 -7.62 20.46
N LEU A 55 28.72 -8.79 20.25
CA LEU A 55 29.64 -9.05 19.14
C LEU A 55 29.03 -10.12 18.27
N LEU A 56 28.74 -9.78 17.00
CA LEU A 56 28.06 -10.70 16.10
C LEU A 56 29.03 -11.18 15.03
N ARG A 57 29.20 -12.50 14.92
CA ARG A 57 30.03 -13.05 13.86
C ARG A 57 29.42 -12.67 12.51
N ASP A 58 30.27 -12.28 11.57
CA ASP A 58 29.77 -11.67 10.35
C ASP A 58 30.76 -11.89 9.21
N GLU A 59 30.31 -11.56 8.01
CA GLU A 59 31.16 -11.61 6.81
C GLU A 59 30.58 -10.63 5.81
N ILE A 60 31.37 -9.64 5.41
CA ILE A 60 30.94 -8.63 4.45
C ILE A 60 31.98 -8.56 3.33
N ASP A 61 31.51 -8.75 2.09
CA ASP A 61 32.36 -8.63 0.91
C ASP A 61 33.53 -9.62 0.97
N GLY A 62 33.23 -10.86 1.38
CA GLY A 62 34.25 -11.88 1.50
C GLY A 62 35.11 -11.82 2.74
N GLN A 63 35.03 -10.76 3.53
CA GLN A 63 35.90 -10.56 4.69
C GLN A 63 35.16 -11.01 5.94
N LYS A 64 35.65 -12.08 6.57
CA LYS A 64 35.11 -12.52 7.85
C LYS A 64 35.53 -11.56 8.95
N GLY A 65 34.64 -11.35 9.91
CA GLY A 65 34.91 -10.41 11.00
C GLY A 65 33.72 -10.25 11.93
N TRP A 66 33.62 -9.07 12.53
CA TRP A 66 32.70 -8.86 13.63
C TRP A 66 31.91 -7.57 13.45
N THR A 67 30.58 -7.67 13.64
CA THR A 67 29.72 -6.50 13.80
C THR A 67 29.47 -6.27 15.30
N ILE A 68 29.81 -5.07 15.78
CA ILE A 68 29.63 -4.66 17.16
C ILE A 68 28.29 -3.97 17.28
N VAL A 69 27.55 -4.27 18.36
CA VAL A 69 26.35 -3.52 18.70
C VAL A 69 26.57 -2.84 20.06
N ASP A 70 26.63 -1.50 20.03
CA ASP A 70 26.85 -0.58 21.17
C ASP A 70 28.28 -0.63 21.70
N CYS A 71 28.70 0.43 22.40
CA CYS A 71 30.14 0.73 22.50
C CYS A 71 30.70 0.96 23.90
N GLY A 72 29.87 1.42 24.84
CA GLY A 72 30.33 1.85 26.15
C GLY A 72 30.62 3.34 26.19
N ILE A 73 30.69 3.88 27.42
CA ILE A 73 31.20 5.25 27.59
C ILE A 73 32.69 5.25 27.27
N ALA A 74 33.21 6.44 26.96
CA ALA A 74 34.64 6.60 26.65
C ALA A 74 35.45 6.72 27.94
N SER A 75 35.53 5.61 28.66
CA SER A 75 36.37 5.54 29.85
C SER A 75 37.64 4.77 29.55
N GLY A 76 38.73 5.12 30.26
CA GLY A 76 39.96 4.36 30.11
C GLY A 76 39.79 2.88 30.36
N GLU A 77 38.94 2.52 31.34
CA GLU A 77 38.74 1.12 31.66
C GLU A 77 38.02 0.36 30.54
N ILE A 78 36.99 0.96 29.93
CA ILE A 78 36.31 0.25 28.86
C ILE A 78 37.20 0.15 27.62
N LYS A 79 37.95 1.21 27.32
CA LYS A 79 38.92 1.13 26.21
C LYS A 79 39.92 0.00 26.43
N ALA A 80 40.46 -0.13 27.65
CA ALA A 80 41.38 -1.22 27.94
C ALA A 80 40.71 -2.58 27.73
N ASN A 81 39.46 -2.72 28.17
CA ASN A 81 38.75 -4.00 27.99
C ASN A 81 38.53 -4.30 26.51
N TRP A 82 38.18 -3.28 25.71
CA TRP A 82 38.05 -3.48 24.27
C TRP A 82 39.37 -3.93 23.67
N GLU A 83 40.48 -3.30 24.07
CA GLU A 83 41.78 -3.71 23.52
C GLU A 83 42.11 -5.16 23.88
N THR A 84 41.81 -5.58 25.10
CA THR A 84 41.97 -6.99 25.44
C THR A 84 41.13 -7.86 24.51
N VAL A 85 39.91 -7.42 24.24
CA VAL A 85 39.03 -8.18 23.35
C VAL A 85 39.64 -8.28 21.96
N PHE A 86 40.12 -7.14 21.42
CA PHE A 86 40.75 -7.16 20.09
C PHE A 86 41.88 -8.17 20.04
N ASP A 87 42.73 -8.17 21.07
CA ASP A 87 43.94 -8.99 21.05
C ASP A 87 43.67 -10.47 21.30
N THR A 88 42.62 -10.81 22.05
CA THR A 88 42.46 -12.18 22.52
C THR A 88 41.12 -12.83 22.20
N ALA A 89 40.10 -12.08 21.83
CA ALA A 89 38.75 -12.64 21.74
C ALA A 89 38.10 -12.43 20.38
N LEU A 90 38.84 -11.96 19.38
CA LEU A 90 38.30 -11.75 18.04
C LEU A 90 38.81 -12.78 17.05
N GLU A 91 39.53 -13.81 17.51
CA GLU A 91 40.13 -14.82 16.64
C GLU A 91 41.02 -14.16 15.58
N GLY A 92 41.55 -12.98 15.90
CA GLY A 92 42.42 -12.28 14.98
C GLY A 92 41.74 -11.67 13.78
N LEU A 93 40.39 -11.60 13.78
CA LEU A 93 39.59 -11.05 12.69
C LEU A 93 39.15 -9.62 13.01
N PRO A 94 38.94 -8.79 11.99
CA PRO A 94 38.67 -7.37 12.25
C PRO A 94 37.21 -7.09 12.54
N VAL A 95 36.98 -5.91 13.13
CA VAL A 95 35.63 -5.36 13.18
C VAL A 95 35.27 -4.83 11.79
N LEU A 96 34.04 -5.11 11.36
CA LEU A 96 33.57 -4.75 10.04
C LEU A 96 32.67 -3.53 10.03
N ARG A 97 31.96 -3.27 11.13
CA ARG A 97 31.05 -2.14 11.26
C ARG A 97 30.60 -2.09 12.71
N VAL A 98 30.05 -0.94 13.10
CA VAL A 98 29.56 -0.68 14.45
C VAL A 98 28.11 -0.24 14.32
N ILE A 99 27.21 -0.92 15.03
CA ILE A 99 25.80 -0.55 15.10
C ILE A 99 25.55 0.03 16.48
N VAL A 100 24.83 1.15 16.56
CA VAL A 100 24.48 1.75 17.83
C VAL A 100 22.95 1.82 17.95
N THR A 101 22.41 1.36 19.09
CA THR A 101 20.97 1.35 19.29
C THR A 101 20.41 2.75 19.52
N HIS A 102 21.11 3.60 20.29
CA HIS A 102 20.64 4.96 20.53
C HIS A 102 21.78 5.78 21.11
N CYS A 103 21.55 7.10 21.18
CA CYS A 103 22.63 8.07 21.41
C CYS A 103 23.02 8.23 22.87
N HIS A 104 22.36 7.55 23.80
CA HIS A 104 22.76 7.76 25.18
C HIS A 104 24.22 7.36 25.37
N PRO A 105 24.93 8.01 26.28
CA PRO A 105 26.40 7.91 26.29
C PRO A 105 26.97 6.52 26.47
N ASP A 106 26.32 5.66 27.28
CA ASP A 106 26.85 4.31 27.44
C ASP A 106 26.74 3.48 26.16
N HIS A 107 25.92 3.89 25.20
CA HIS A 107 25.78 3.18 23.95
C HIS A 107 26.61 3.80 22.81
N LEU A 108 26.65 5.13 22.73
CA LEU A 108 27.32 5.85 21.65
C LEU A 108 28.75 6.27 21.96
N GLY A 109 29.16 6.26 23.24
CA GLY A 109 30.35 6.97 23.66
C GLY A 109 31.60 6.61 22.87
N LEU A 110 31.88 5.31 22.72
CA LEU A 110 33.10 4.87 22.05
C LEU A 110 32.89 4.54 20.57
N ALA A 111 31.76 4.95 19.97
CA ALA A 111 31.52 4.63 18.56
C ALA A 111 32.64 5.16 17.69
N ASN A 112 33.01 6.42 17.87
CA ASN A 112 34.06 7.01 17.03
C ASN A 112 35.37 6.25 17.22
N TRP A 113 35.72 5.95 18.48
CA TRP A 113 36.96 5.25 18.77
C TRP A 113 36.99 3.85 18.15
N LEU A 114 35.87 3.13 18.24
CA LEU A 114 35.80 1.79 17.64
C LEU A 114 35.82 1.88 16.12
N CYS A 115 35.06 2.81 15.54
CA CYS A 115 35.04 2.95 14.09
C CYS A 115 36.44 3.19 13.55
N GLU A 116 37.28 3.90 14.30
CA GLU A 116 38.61 4.26 13.84
C GLU A 116 39.68 3.26 14.26
N GLY A 117 39.29 2.11 14.79
CA GLY A 117 40.23 1.02 15.04
C GLY A 117 40.82 0.95 16.44
N GLY A 118 40.24 1.64 17.42
CA GLY A 118 40.84 1.52 18.75
C GLY A 118 42.17 2.28 18.85
N ASP A 119 42.92 1.97 19.92
CA ASP A 119 44.17 2.68 20.16
C ASP A 119 45.18 2.49 19.04
N LYS A 120 45.20 1.34 18.38
CA LYS A 120 46.19 1.08 17.34
C LYS A 120 45.68 1.42 15.94
N LYS A 121 44.45 1.93 15.82
CA LYS A 121 43.86 2.28 14.52
C LYS A 121 43.94 1.08 13.56
N ARG A 122 43.31 -0.02 13.97
CA ARG A 122 43.47 -1.29 13.28
C ARG A 122 42.58 -1.40 12.04
N TRP A 123 41.55 -0.59 11.93
CA TRP A 123 40.59 -0.62 10.83
C TRP A 123 39.95 0.75 10.75
N ASN A 124 39.04 0.92 9.78
CA ASN A 124 38.35 2.21 9.58
C ASN A 124 36.96 1.86 9.02
N VAL A 125 35.96 1.79 9.89
CA VAL A 125 34.67 1.20 9.53
C VAL A 125 33.54 2.17 9.81
N ARG A 126 32.33 1.81 9.33
CA ARG A 126 31.17 2.69 9.30
C ARG A 126 30.29 2.48 10.51
N LEU A 127 29.76 3.59 11.04
CA LEU A 127 28.75 3.60 12.10
C LEU A 127 27.36 3.48 11.47
N TRP A 128 26.58 2.48 11.89
CA TRP A 128 25.20 2.30 11.48
C TRP A 128 24.29 2.68 12.65
N ILE A 129 23.30 3.55 12.40
CA ILE A 129 22.52 4.18 13.48
C ILE A 129 21.32 4.88 12.86
N THR A 130 20.23 5.04 13.61
CA THR A 130 19.08 5.76 13.05
C THR A 130 19.37 7.25 12.99
N LEU A 131 18.63 7.94 12.12
CA LEU A 131 18.90 9.36 11.89
C LEU A 131 18.64 10.17 13.15
N GLY A 132 17.51 9.93 13.83
CA GLY A 132 17.19 10.72 15.01
C GLY A 132 18.23 10.57 16.10
N GLU A 133 18.75 9.36 16.28
CA GLU A 133 19.77 9.13 17.32
C GLU A 133 21.09 9.76 16.91
N TYR A 134 21.48 9.61 15.64
CA TYR A 134 22.69 10.26 15.16
C TYR A 134 22.63 11.78 15.35
N MET A 135 21.52 12.41 14.92
CA MET A 135 21.45 13.87 14.97
C MET A 135 21.38 14.41 16.40
N LEU A 136 20.59 13.78 17.28
CA LEU A 136 20.60 14.22 18.68
C LEU A 136 21.98 14.01 19.30
N GLY A 137 22.64 12.90 18.97
CA GLY A 137 23.99 12.69 19.43
C GLY A 137 24.92 13.83 19.01
N ARG A 138 24.84 14.24 17.74
CA ARG A 138 25.65 15.37 17.26
C ARG A 138 25.32 16.66 18.01
N VAL A 139 24.03 16.91 18.24
CA VAL A 139 23.63 18.12 18.97
C VAL A 139 24.22 18.12 20.37
N MET A 140 24.07 16.99 21.09
CA MET A 140 24.53 16.96 22.48
C MET A 140 26.04 16.86 22.59
N ALA A 141 26.71 16.26 21.59
CA ALA A 141 28.16 16.15 21.65
C ALA A 141 28.83 17.50 21.57
N ALA A 142 28.23 18.46 20.86
CA ALA A 142 28.77 19.80 20.73
C ALA A 142 28.13 20.73 21.76
N GLY A 150 22.48 23.00 31.82
CA GLY A 150 22.69 24.38 31.41
C GLY A 150 21.66 25.33 31.99
N GLU A 151 21.66 26.58 31.49
CA GLU A 151 20.71 27.59 31.98
C GLU A 151 19.28 27.30 31.55
N GLY A 152 19.08 26.54 30.47
CA GLY A 152 17.73 26.17 30.08
C GLY A 152 17.13 25.08 30.95
N ALA A 153 17.97 24.17 31.45
CA ALA A 153 17.48 23.14 32.36
C ALA A 153 16.98 23.75 33.66
N ALA A 154 17.65 24.78 34.16
CA ALA A 154 17.25 25.40 35.42
C ALA A 154 15.91 26.12 35.28
N ARG A 155 15.71 26.86 34.20
CA ARG A 155 14.40 27.48 33.99
C ARG A 155 13.31 26.41 33.90
N HIS A 156 13.66 25.25 33.35
CA HIS A 156 12.71 24.15 33.19
C HIS A 156 12.31 23.58 34.54
N PHE A 157 13.29 23.24 35.36
CA PHE A 157 12.95 22.60 36.63
C PHE A 157 12.35 23.61 37.60
N ALA A 158 12.73 24.88 37.48
CA ALA A 158 12.08 25.92 38.27
C ALA A 158 10.60 26.01 37.96
N ARG A 159 10.24 26.05 36.67
CA ARG A 159 8.82 26.15 36.37
C ARG A 159 8.06 24.88 36.69
N HIS A 160 8.75 23.77 36.96
CA HIS A 160 8.08 22.55 37.37
C HIS A 160 8.22 22.28 38.86
N GLY A 161 8.63 23.28 39.64
CA GLY A 161 8.50 23.21 41.09
C GLY A 161 9.79 23.23 41.87
N LEU A 162 10.96 23.25 41.25
CA LEU A 162 12.21 23.36 41.99
C LEU A 162 12.49 24.83 42.27
N ARG A 163 12.42 25.24 43.53
CA ARG A 163 12.49 26.64 43.89
C ARG A 163 13.68 27.01 44.78
N ASP A 164 14.44 26.02 45.27
CA ASP A 164 15.60 26.34 46.10
C ASP A 164 16.68 27.01 45.25
N GLU A 165 17.03 28.24 45.60
CA GLU A 165 17.98 28.99 44.78
C GLU A 165 19.33 28.30 44.73
N ALA A 166 19.75 27.66 45.84
CA ALA A 166 21.01 26.94 45.84
C ALA A 166 20.97 25.72 44.93
N SER A 167 19.83 25.01 44.90
CA SER A 167 19.72 23.85 44.03
C SER A 167 19.69 24.25 42.56
N LEU A 168 18.97 25.32 42.23
CA LEU A 168 18.93 25.78 40.84
C LEU A 168 20.31 26.19 40.36
N ASP A 169 21.10 26.81 41.24
CA ASP A 169 22.47 27.17 40.86
C ASP A 169 23.30 25.94 40.54
N LYS A 170 23.11 24.86 41.29
CA LYS A 170 23.86 23.63 41.03
C LYS A 170 23.55 23.04 39.66
N LEU A 171 22.34 23.30 39.12
CA LEU A 171 22.05 22.87 37.75
C LEU A 171 22.57 23.87 36.72
N ARG A 172 22.44 25.17 36.98
CA ARG A 172 22.95 26.20 36.09
C ARG A 172 24.43 25.98 35.77
N ASN A 173 25.23 25.66 36.78
CA ASN A 173 26.68 25.54 36.63
C ASN A 173 27.12 24.12 36.31
N ARG A 174 26.30 23.38 35.56
CA ARG A 174 26.53 21.96 35.28
C ARG A 174 27.86 21.69 34.59
N TYR A 177 28.13 16.96 30.92
CA TYR A 177 28.43 15.56 31.18
C TYR A 177 28.61 14.77 29.87
N TYR A 178 27.63 14.89 28.98
CA TYR A 178 27.60 14.10 27.76
C TYR A 178 28.93 14.19 27.00
N ALA A 179 29.52 15.38 26.92
CA ALA A 179 30.72 15.56 26.11
C ALA A 179 31.92 14.83 26.69
N ASP A 180 32.00 14.68 28.01
CA ASP A 180 33.09 13.92 28.60
C ASP A 180 32.94 12.41 28.36
N LEU A 181 31.71 11.92 28.23
CA LEU A 181 31.50 10.50 27.98
C LEU A 181 31.43 10.15 26.50
N VAL A 182 31.11 11.13 25.66
CA VAL A 182 31.02 10.95 24.21
C VAL A 182 31.92 12.02 23.61
N PRO A 183 33.23 11.79 23.50
CA PRO A 183 34.15 12.90 23.18
C PRO A 183 34.22 13.20 21.70
N ALA A 184 33.61 12.37 20.86
CA ALA A 184 33.53 12.59 19.42
C ALA A 184 32.44 11.67 18.91
N VAL A 185 31.77 12.12 17.84
CA VAL A 185 30.75 11.36 17.16
C VAL A 185 31.18 11.29 15.70
N PRO A 186 31.13 10.13 15.05
CA PRO A 186 31.64 10.06 13.67
C PRO A 186 30.94 11.07 12.76
N GLY A 187 31.71 11.62 11.82
CA GLY A 187 31.15 12.60 10.89
C GLY A 187 30.37 12.02 9.74
N GLN A 188 30.30 10.69 9.65
CA GLN A 188 29.56 10.00 8.62
C GLN A 188 28.83 8.82 9.23
N TYR A 189 27.67 8.46 8.67
CA TYR A 189 26.93 7.34 9.24
C TYR A 189 26.14 6.66 8.13
N ARG A 190 25.68 5.45 8.42
CA ARG A 190 24.80 4.70 7.54
C ARG A 190 23.44 4.58 8.22
N ARG A 191 22.40 5.12 7.59
CA ARG A 191 21.10 5.28 8.26
C ARG A 191 20.35 3.97 8.38
N LEU A 192 19.95 3.63 9.61
CA LEU A 192 19.00 2.56 9.89
C LEU A 192 17.60 3.14 9.96
N ARG A 193 16.61 2.41 9.43
CA ARG A 193 15.21 2.83 9.47
C ARG A 193 14.35 1.63 9.86
N ASP A 194 13.23 1.90 10.52
CA ASP A 194 12.30 0.85 10.92
C ASP A 194 12.00 -0.08 9.75
N GLY A 195 12.08 -1.37 10.00
CA GLY A 195 11.80 -2.36 8.97
C GLY A 195 12.98 -2.78 8.12
N ASP A 196 14.11 -2.08 8.21
CA ASP A 196 15.29 -2.46 7.44
C ASP A 196 15.75 -3.87 7.80
N ALA A 197 16.10 -4.65 6.79
CA ALA A 197 16.63 -5.99 6.98
C ALA A 197 18.14 -5.94 6.92
N LEU A 198 18.80 -6.28 8.03
CA LEU A 198 20.24 -6.34 8.09
C LEU A 198 20.70 -7.78 7.97
N SER A 199 21.66 -8.03 7.08
CA SER A 199 22.29 -9.34 6.94
CA SER A 199 22.29 -9.34 6.94
C SER A 199 23.51 -9.38 7.84
N ILE A 200 23.44 -10.16 8.93
CA ILE A 200 24.54 -10.28 9.88
C ILE A 200 24.84 -11.75 10.06
N GLY A 201 25.99 -12.20 9.58
CA GLY A 201 26.33 -13.61 9.69
C GLY A 201 25.28 -14.46 9.02
N ALA A 202 24.81 -15.47 9.75
CA ALA A 202 23.83 -16.41 9.21
C ALA A 202 22.38 -15.93 9.31
N ARG A 203 22.14 -14.69 9.71
CA ARG A 203 20.79 -14.24 10.07
C ARG A 203 20.42 -12.95 9.35
N THR A 204 19.12 -12.76 9.24
CA THR A 204 18.52 -11.46 8.98
C THR A 204 18.02 -10.88 10.29
N TRP A 205 18.50 -9.69 10.63
CA TRP A 205 18.00 -8.92 11.76
C TRP A 205 17.20 -7.74 11.24
N ARG A 206 16.00 -7.54 11.78
CA ARG A 206 15.17 -6.41 11.39
C ARG A 206 15.27 -5.28 12.40
N VAL A 207 15.29 -4.06 11.91
CA VAL A 207 15.24 -2.87 12.76
C VAL A 207 13.81 -2.67 13.25
N VAL A 208 13.65 -2.59 14.56
CA VAL A 208 12.39 -2.34 15.24
C VAL A 208 12.58 -1.02 15.99
N THR A 209 11.98 0.06 15.51
CA THR A 209 12.22 1.33 16.17
C THR A 209 11.30 1.50 17.38
N GLY A 210 11.79 2.23 18.37
CA GLY A 210 11.02 2.46 19.59
C GLY A 210 11.13 3.91 20.00
N PHE A 211 10.07 4.40 20.65
CA PHE A 211 9.95 5.81 20.97
C PHE A 211 9.66 6.00 22.44
N GLY A 212 9.87 7.23 22.93
CA GLY A 212 9.59 7.59 24.30
C GLY A 212 10.80 7.55 25.21
N HIS A 213 11.80 6.70 24.91
CA HIS A 213 13.05 6.69 25.66
C HIS A 213 14.13 7.55 25.02
N SER A 214 14.15 7.57 23.69
CA SER A 214 15.15 8.30 22.93
C SER A 214 14.54 8.56 21.55
N PRO A 215 15.17 9.39 20.71
CA PRO A 215 14.50 9.80 19.46
C PRO A 215 13.94 8.69 18.58
N GLU A 216 14.71 7.62 18.37
CA GLU A 216 14.40 6.63 17.34
C GLU A 216 15.24 5.41 17.69
N HIS A 217 14.89 4.77 18.80
CA HIS A 217 15.70 3.70 19.36
C HIS A 217 15.66 2.47 18.46
N CYS A 218 16.82 1.88 18.19
CA CYS A 218 16.92 0.70 17.32
C CYS A 218 17.07 -0.56 18.16
N ALA A 219 16.01 -1.38 18.21
CA ALA A 219 16.12 -2.77 18.61
C ALA A 219 16.29 -3.64 17.37
N LEU A 220 16.97 -4.77 17.52
CA LEU A 220 17.24 -5.66 16.40
C LEU A 220 16.59 -7.01 16.67
N HIS A 221 15.78 -7.49 15.72
CA HIS A 221 14.98 -8.68 15.92
C HIS A 221 15.32 -9.71 14.85
N ALA A 222 15.81 -10.88 15.27
CA ALA A 222 16.03 -12.03 14.39
C ALA A 222 14.85 -12.97 14.59
N GLU A 223 13.86 -12.87 13.70
CA GLU A 223 12.59 -13.56 13.93
C GLU A 223 12.71 -15.07 13.74
N ALA A 224 13.54 -15.51 12.80
CA ALA A 224 13.64 -16.93 12.52
C ALA A 224 14.22 -17.69 13.69
N ASP A 225 15.27 -17.16 14.32
CA ASP A 225 15.88 -17.81 15.48
C ASP A 225 15.26 -17.36 16.79
N GLY A 226 14.47 -16.30 16.79
CA GLY A 226 13.83 -15.83 18.01
C GLY A 226 14.78 -15.18 18.99
N VAL A 227 15.53 -14.17 18.53
CA VAL A 227 16.43 -13.39 19.37
C VAL A 227 16.13 -11.91 19.19
N LEU A 228 16.12 -11.17 20.29
CA LEU A 228 15.84 -9.73 20.28
C LEU A 228 16.92 -9.00 21.04
N ILE A 229 17.63 -8.10 20.35
CA ILE A 229 18.53 -7.15 21.01
C ILE A 229 17.66 -5.94 21.35
N SER A 230 17.31 -5.80 22.63
CA SER A 230 16.29 -4.84 23.05
C SER A 230 16.86 -3.48 23.44
N GLY A 231 18.17 -3.29 23.41
CA GLY A 231 18.73 -2.02 23.85
C GLY A 231 18.24 -1.66 25.25
N ASP A 232 17.78 -0.41 25.43
CA ASP A 232 17.20 0.02 26.69
C ASP A 232 15.67 -0.08 26.73
N MET A 233 15.01 -0.54 25.67
CA MET A 233 13.55 -0.49 25.62
C MET A 233 12.89 -1.55 26.48
N VAL A 234 13.52 -2.72 26.64
CA VAL A 234 13.01 -3.76 27.54
C VAL A 234 14.19 -4.28 28.35
N LEU A 235 14.19 -3.99 29.66
CA LEU A 235 15.23 -4.42 30.57
C LEU A 235 14.63 -5.27 31.67
N PRO A 236 15.27 -6.37 32.06
CA PRO A 236 14.63 -7.31 32.99
C PRO A 236 14.56 -6.83 34.44
N ARG A 237 15.53 -6.04 34.90
CA ARG A 237 15.59 -5.69 36.32
C ARG A 237 15.13 -4.28 36.62
N ILE A 238 15.13 -3.38 35.64
CA ILE A 238 14.90 -1.96 35.90
C ILE A 238 13.90 -1.40 34.89
N SER A 239 13.26 -0.30 35.28
CA SER A 239 12.39 0.41 34.34
C SER A 239 13.24 1.17 33.32
N THR A 240 12.63 1.46 32.17
CA THR A 240 13.25 2.27 31.13
C THR A 240 12.97 3.74 31.43
N ASN A 241 14.01 4.58 31.37
CA ASN A 241 13.80 5.99 31.65
C ASN A 241 12.88 6.60 30.61
N VAL A 242 11.82 7.27 31.07
CA VAL A 242 10.90 8.01 30.22
C VAL A 242 10.73 9.38 30.85
N SER A 243 11.14 10.43 30.14
CA SER A 243 11.27 11.75 30.75
CA SER A 243 11.26 11.75 30.75
C SER A 243 10.88 12.85 29.78
N VAL A 244 10.25 13.89 30.33
CA VAL A 244 10.01 15.15 29.61
C VAL A 244 11.20 16.06 29.88
N PHE A 245 11.80 16.61 28.83
CA PHE A 245 13.00 17.45 28.92
C PHE A 245 12.71 18.86 28.44
N ASP A 246 13.62 19.80 28.75
CA ASP A 246 13.40 21.20 28.40
CA ASP A 246 13.37 21.19 28.40
C ASP A 246 13.29 21.41 26.89
N ILE A 247 13.95 20.57 26.11
CA ILE A 247 14.03 20.80 24.66
C ILE A 247 12.69 20.54 23.99
N GLU A 248 11.87 19.69 24.58
CA GLU A 248 10.55 19.33 24.07
C GLU A 248 9.60 19.45 25.26
N PRO A 249 9.25 20.69 25.64
CA PRO A 249 8.59 20.90 26.94
C PRO A 249 7.16 20.43 27.01
N GLU A 250 6.50 20.16 25.89
CA GLU A 250 5.17 19.57 25.90
C GLU A 250 5.17 18.12 25.42
N GLY A 251 6.31 17.44 25.52
CA GLY A 251 6.41 16.08 25.03
C GLY A 251 5.48 15.12 25.76
N ASN A 252 5.16 14.03 25.09
CA ASN A 252 4.36 12.95 25.68
C ASN A 252 5.13 11.63 25.58
N PRO A 253 6.34 11.56 26.12
CA PRO A 253 7.16 10.34 25.90
C PRO A 253 6.55 9.08 26.48
N LEU A 254 5.83 9.15 27.60
CA LEU A 254 5.29 7.92 28.17
C LEU A 254 4.23 7.32 27.25
N ALA A 255 3.41 8.16 26.62
CA ALA A 255 2.43 7.61 25.68
C ALA A 255 3.16 6.95 24.50
N LEU A 256 4.21 7.60 24.00
CA LEU A 256 5.00 6.99 22.93
C LEU A 256 5.63 5.67 23.38
N TYR A 257 6.15 5.64 24.61
CA TYR A 257 6.81 4.44 25.10
C TYR A 257 5.83 3.27 25.22
N LEU A 258 4.69 3.51 25.89
CA LEU A 258 3.71 2.44 26.07
C LEU A 258 3.15 1.96 24.74
N GLU A 259 2.99 2.86 23.76
CA GLU A 259 2.61 2.43 22.42
C GLU A 259 3.72 1.60 21.79
N SER A 260 4.97 2.04 21.94
CA SER A 260 6.12 1.31 21.37
C SER A 260 6.25 -0.10 21.91
N LEU A 261 5.86 -0.35 23.17
CA LEU A 261 6.02 -1.70 23.71
C LEU A 261 5.18 -2.73 22.96
N GLY A 262 4.16 -2.28 22.20
CA GLY A 262 3.37 -3.22 21.41
C GLY A 262 4.15 -3.92 20.32
N ARG A 263 5.25 -3.33 19.85
CA ARG A 263 6.06 -3.98 18.83
C ARG A 263 6.63 -5.31 19.31
N TYR A 264 6.82 -5.48 20.63
CA TYR A 264 7.41 -6.71 21.17
C TYR A 264 6.37 -7.73 21.58
N GLU A 265 5.12 -7.32 21.77
CA GLU A 265 4.06 -8.24 22.18
C GLU A 265 3.60 -9.14 21.04
N THR A 266 3.90 -8.79 19.80
CA THR A 266 3.64 -9.68 18.69
C THR A 266 4.80 -10.61 18.40
N MET A 267 5.93 -10.44 19.08
CA MET A 267 7.04 -11.36 18.85
C MET A 267 6.77 -12.69 19.57
N ALA A 268 7.57 -13.70 19.25
CA ALA A 268 7.36 -15.01 19.84
C ALA A 268 7.49 -14.96 21.35
N ALA A 269 6.63 -15.72 22.04
CA ALA A 269 6.66 -15.73 23.50
C ALA A 269 7.98 -16.30 24.05
N ASP A 270 8.67 -17.15 23.29
CA ASP A 270 9.94 -17.72 23.75
C ASP A 270 11.14 -16.97 23.23
N THR A 271 10.95 -15.72 22.79
CA THR A 271 12.06 -14.90 22.31
C THR A 271 13.16 -14.75 23.36
N LEU A 272 14.40 -14.99 22.96
CA LEU A 272 15.55 -14.71 23.82
C LEU A 272 15.83 -13.22 23.75
N VAL A 273 15.74 -12.53 24.89
CA VAL A 273 15.94 -11.08 24.93
C VAL A 273 17.34 -10.79 25.43
N LEU A 274 18.09 -10.00 24.66
CA LEU A 274 19.43 -9.57 25.05
C LEU A 274 19.37 -8.10 25.44
N PRO A 275 19.22 -7.77 26.72
CA PRO A 275 19.02 -6.38 27.15
C PRO A 275 20.36 -5.69 27.38
N SER A 276 20.33 -4.35 27.30
CA SER A 276 21.58 -3.61 27.49
C SER A 276 22.02 -3.59 28.95
N HIS A 277 21.11 -3.85 29.88
CA HIS A 277 21.45 -3.96 31.29
C HIS A 277 20.70 -5.14 31.86
N GLY A 278 21.35 -5.86 32.76
CA GLY A 278 20.78 -7.11 33.29
C GLY A 278 21.37 -8.30 32.57
N LYS A 279 20.61 -9.38 32.48
CA LYS A 279 21.09 -10.62 31.91
C LYS A 279 20.16 -11.09 30.79
N PRO A 280 20.69 -11.79 29.79
CA PRO A 280 19.83 -12.42 28.78
C PRO A 280 18.68 -13.18 29.43
N PHE A 281 17.48 -13.05 28.87
CA PHE A 281 16.33 -13.65 29.53
C PHE A 281 15.24 -14.02 28.53
N ARG A 282 14.40 -14.95 28.96
CA ARG A 282 13.13 -15.24 28.32
C ARG A 282 12.00 -14.81 29.24
N GLY A 283 10.83 -14.54 28.63
CA GLY A 283 9.72 -13.90 29.32
C GLY A 283 9.49 -12.49 28.83
N LEU A 284 9.75 -12.28 27.53
CA LEU A 284 9.51 -10.98 26.90
C LEU A 284 8.10 -10.46 27.20
N HIS A 285 7.09 -11.29 26.97
CA HIS A 285 5.72 -10.83 27.19
C HIS A 285 5.45 -10.61 28.68
N THR A 286 6.00 -11.46 29.53
CA THR A 286 5.87 -11.26 30.97
C THR A 286 6.42 -9.92 31.39
N ARG A 287 7.62 -9.58 30.88
CA ARG A 287 8.25 -8.33 31.29
C ARG A 287 7.45 -7.14 30.79
N ILE A 288 6.96 -7.19 29.56
CA ILE A 288 6.13 -6.11 29.02
CA ILE A 288 6.15 -6.08 29.06
C ILE A 288 4.91 -5.88 29.93
N GLY A 289 4.28 -6.98 30.34
CA GLY A 289 3.14 -6.86 31.24
C GLY A 289 3.51 -6.19 32.55
N GLN A 290 4.67 -6.56 33.10
CA GLN A 290 5.15 -5.94 34.34
C GLN A 290 5.38 -4.45 34.14
N LEU A 291 5.91 -4.05 32.98
CA LEU A 291 6.17 -2.64 32.74
C LEU A 291 4.86 -1.87 32.57
N ARG A 292 3.89 -2.46 31.87
CA ARG A 292 2.58 -1.81 31.74
C ARG A 292 1.92 -1.67 33.10
N ASP A 293 1.97 -2.73 33.92
CA ASP A 293 1.41 -2.68 35.27
C ASP A 293 2.09 -1.59 36.10
N HIS A 294 3.42 -1.51 36.00
CA HIS A 294 4.19 -0.50 36.73
C HIS A 294 3.72 0.91 36.40
N HIS A 295 3.64 1.24 35.12
CA HIS A 295 3.23 2.59 34.76
C HIS A 295 1.77 2.86 35.10
N ALA A 296 0.91 1.84 35.04
CA ALA A 296 -0.47 2.04 35.45
C ALA A 296 -0.56 2.39 36.93
N ALA A 297 0.29 1.77 37.75
CA ALA A 297 0.33 2.08 39.18
C ALA A 297 0.86 3.49 39.44
N ARG A 298 1.90 3.90 38.70
CA ARG A 298 2.40 5.26 38.89
C ARG A 298 1.37 6.30 38.45
N LEU A 299 0.66 6.02 37.34
CA LEU A 299 -0.38 6.93 36.90
C LEU A 299 -1.51 7.04 37.92
N ALA A 300 -1.88 5.92 38.54
CA ALA A 300 -2.93 5.97 39.57
C ALA A 300 -2.52 6.87 40.72
N GLU A 301 -1.24 6.82 41.12
CA GLU A 301 -0.75 7.69 42.19
C GLU A 301 -0.84 9.15 41.78
N VAL A 302 -0.51 9.44 40.53
CA VAL A 302 -0.56 10.82 40.07
C VAL A 302 -2.01 11.31 40.07
N ARG A 303 -2.93 10.50 39.55
CA ARG A 303 -4.35 10.84 39.59
C ARG A 303 -4.79 11.16 41.00
N ALA A 304 -4.45 10.28 41.96
CA ALA A 304 -4.93 10.44 43.33
C ALA A 304 -4.41 11.75 43.93
N ALA A 305 -3.14 12.07 43.70
CA ALA A 305 -2.58 13.30 44.25
C ALA A 305 -3.20 14.53 43.61
N CYS A 306 -3.39 14.52 42.29
CA CYS A 306 -3.96 15.68 41.61
C CYS A 306 -5.44 15.84 41.87
N ALA A 307 -6.10 14.81 42.39
CA ALA A 307 -7.50 14.96 42.76
C ALA A 307 -7.66 15.84 43.98
N ASP A 308 -6.66 15.86 44.88
CA ASP A 308 -6.78 16.60 46.12
C ASP A 308 -6.21 18.02 46.03
N LYS A 309 -5.23 18.27 45.16
CA LYS A 309 -4.72 19.62 44.97
C LYS A 309 -4.00 19.67 43.63
N PRO A 310 -3.82 20.86 43.06
CA PRO A 310 -2.96 20.99 41.87
C PRO A 310 -1.51 20.67 42.23
N CYS A 311 -0.91 19.74 41.50
CA CYS A 311 0.42 19.22 41.79
C CYS A 311 1.40 19.56 40.67
N SER A 312 2.61 19.96 41.05
CA SER A 312 3.73 20.11 40.13
C SER A 312 4.48 18.79 40.02
N ALA A 313 5.41 18.72 39.06
CA ALA A 313 6.27 17.55 38.99
C ALA A 313 7.04 17.34 40.28
N ALA A 314 7.49 18.44 40.90
CA ALA A 314 8.20 18.34 42.16
C ALA A 314 7.32 17.75 43.26
N ASP A 315 6.01 18.03 43.23
CA ASP A 315 5.10 17.41 44.21
C ASP A 315 4.98 15.91 44.00
N ILE A 316 5.10 15.46 42.76
CA ILE A 316 4.87 14.06 42.44
C ILE A 316 6.09 13.21 42.76
N VAL A 317 7.29 13.79 42.68
CA VAL A 317 8.53 13.00 42.86
C VAL A 317 8.52 12.16 44.14
N PRO A 318 8.24 12.72 45.33
CA PRO A 318 8.34 11.89 46.55
C PRO A 318 7.27 10.82 46.65
N ILE A 319 6.20 10.89 45.86
CA ILE A 319 5.22 9.82 45.79
C ILE A 319 5.69 8.72 44.87
N MET A 320 6.24 9.11 43.71
CA MET A 320 6.69 8.16 42.69
C MET A 320 7.99 7.49 43.07
N PHE A 321 8.86 8.20 43.79
CA PHE A 321 10.19 7.72 44.19
C PHE A 321 10.24 7.71 45.71
N ARG A 322 10.06 6.54 46.32
CA ARG A 322 10.04 6.42 47.79
C ARG A 322 11.45 6.18 48.31
N ARG A 323 12.32 7.16 48.04
CA ARG A 323 13.71 7.05 48.44
C ARG A 323 14.33 8.44 48.40
N ALA A 324 15.37 8.63 49.21
CA ALA A 324 16.07 9.90 49.26
C ALA A 324 16.79 10.16 47.94
N LEU A 325 16.71 11.41 47.47
CA LEU A 325 17.32 11.85 46.22
C LEU A 325 18.14 13.11 46.45
N ASP A 326 19.33 13.18 45.85
CA ASP A 326 20.07 14.44 45.88
C ASP A 326 19.46 15.40 44.85
N ILE A 327 20.03 16.60 44.75
CA ILE A 327 19.48 17.61 43.84
C ILE A 327 19.52 17.12 42.40
N HIS A 328 20.57 16.39 42.03
CA HIS A 328 20.69 15.89 40.67
C HIS A 328 19.72 14.75 40.42
N GLN A 329 19.63 13.80 41.35
CA GLN A 329 18.65 12.72 41.20
C GLN A 329 17.22 13.26 41.22
N MET A 330 17.00 14.36 41.95
CA MET A 330 15.67 14.95 42.04
C MET A 330 15.19 15.44 40.68
N THR A 331 16.05 16.19 39.97
CA THR A 331 15.65 16.71 38.66
C THR A 331 15.48 15.60 37.64
N PHE A 332 16.29 14.54 37.72
CA PHE A 332 16.05 13.38 36.86
C PHE A 332 14.68 12.75 37.15
N ALA A 333 14.35 12.59 38.43
CA ALA A 333 13.04 12.07 38.80
C ALA A 333 11.93 13.02 38.37
N MET A 334 12.20 14.33 38.39
CA MET A 334 11.19 15.30 37.96
C MET A 334 10.81 15.09 36.50
N GLY A 335 11.77 14.74 35.65
CA GLY A 335 11.45 14.48 34.26
C GLY A 335 10.49 13.32 34.10
N GLU A 336 10.67 12.26 34.89
CA GLU A 336 9.78 11.10 34.81
C GLU A 336 8.42 11.42 35.43
N ALA A 337 8.39 12.16 36.55
CA ALA A 337 7.12 12.62 37.08
C ALA A 337 6.35 13.41 36.04
N LEU A 338 7.03 14.32 35.34
CA LEU A 338 6.34 15.14 34.35
C LEU A 338 5.83 14.31 33.17
N ALA A 339 6.54 13.25 32.81
CA ALA A 339 6.04 12.39 31.74
C ALA A 339 4.72 11.74 32.13
N HIS A 340 4.55 11.37 33.40
CA HIS A 340 3.28 10.76 33.81
C HIS A 340 2.19 11.81 33.89
N LEU A 341 2.52 13.00 34.39
CA LEU A 341 1.58 14.11 34.38
C LEU A 341 1.14 14.44 32.96
N HIS A 342 2.08 14.47 32.02
CA HIS A 342 1.75 14.85 30.66
C HIS A 342 0.85 13.82 29.99
N LEU A 343 1.08 12.53 30.23
CA LEU A 343 0.21 11.54 29.62
C LEU A 343 -1.23 11.78 30.05
N LEU A 344 -1.47 11.98 31.35
CA LEU A 344 -2.83 12.23 31.81
C LEU A 344 -3.37 13.54 31.26
N TRP A 345 -2.56 14.61 31.33
CA TRP A 345 -2.96 15.92 30.83
C TRP A 345 -3.38 15.85 29.37
N LEU A 346 -2.57 15.23 28.54
CA LEU A 346 -2.81 15.30 27.11
C LEU A 346 -3.93 14.36 26.66
N GLN A 347 -4.36 13.43 27.50
CA GLN A 347 -5.59 12.69 27.18
C GLN A 347 -6.80 13.24 27.93
N GLY A 348 -6.68 14.43 28.51
CA GLY A 348 -7.83 15.15 29.00
C GLY A 348 -8.22 14.85 30.44
N GLU A 349 -7.36 14.18 31.20
CA GLU A 349 -7.68 13.79 32.57
C GLU A 349 -7.13 14.76 33.61
N LEU A 350 -6.28 15.69 33.20
CA LEU A 350 -5.76 16.72 34.07
C LEU A 350 -5.83 18.05 33.33
N THR A 351 -5.99 19.14 34.09
CA THR A 351 -5.91 20.48 33.56
C THR A 351 -4.59 21.09 34.00
N ARG A 352 -3.85 21.67 33.06
CA ARG A 352 -2.56 22.27 33.36
C ARG A 352 -2.73 23.77 33.60
N VAL A 353 -2.16 24.26 34.69
CA VAL A 353 -2.32 25.66 35.10
C VAL A 353 -0.95 26.19 35.47
N GLN A 354 -0.57 27.34 34.90
CA GLN A 354 0.67 28.00 35.30
C GLN A 354 0.32 29.04 36.35
N GLY A 355 0.73 28.79 37.59
CA GLY A 355 0.40 29.69 38.67
C GLY A 355 1.08 31.04 38.53
N GLU A 356 0.56 32.01 39.27
CA GLU A 356 1.16 33.34 39.32
C GLU A 356 2.58 33.29 39.87
N ASP A 357 2.94 32.24 40.61
CA ASP A 357 4.30 32.04 41.06
C ASP A 357 5.19 31.44 39.97
N GLY A 358 4.65 31.27 38.76
CA GLY A 358 5.40 30.73 37.65
C GLY A 358 5.50 29.23 37.60
N VAL A 359 4.90 28.51 38.55
CA VAL A 359 5.02 27.05 38.62
C VAL A 359 3.86 26.40 37.88
N ILE A 360 4.18 25.44 37.02
CA ILE A 360 3.18 24.66 36.29
C ILE A 360 2.65 23.56 37.20
N ARG A 361 1.33 23.47 37.32
CA ARG A 361 0.70 22.46 38.17
C ARG A 361 -0.47 21.84 37.41
N PHE A 362 -0.89 20.66 37.87
CA PHE A 362 -1.88 19.86 37.17
C PHE A 362 -2.97 19.47 38.16
N ARG A 363 -4.23 19.61 37.75
CA ARG A 363 -5.34 19.29 38.64
C ARG A 363 -6.39 18.45 37.92
N ALA A 364 -7.15 17.70 38.70
CA ALA A 364 -8.25 16.89 38.16
C ALA A 364 -9.31 17.77 37.50
N HIS B 6 20.42 24.03 -11.70
CA HIS B 6 19.89 23.45 -10.47
C HIS B 6 18.66 22.60 -10.75
N HIS B 7 17.50 23.23 -10.85
CA HIS B 7 16.23 22.52 -10.87
C HIS B 7 15.86 22.07 -12.29
N HIS B 8 15.30 20.86 -12.38
CA HIS B 8 14.77 20.37 -13.65
C HIS B 8 13.35 20.89 -13.83
N MET B 9 13.09 21.55 -14.96
CA MET B 9 11.78 22.15 -15.19
C MET B 9 10.81 21.13 -15.77
N ASN B 10 9.55 21.26 -15.37
CA ASN B 10 8.47 20.37 -15.82
C ASN B 10 8.03 20.79 -17.22
N ALA B 11 8.34 19.97 -18.22
CA ALA B 11 7.92 20.29 -19.58
C ALA B 11 6.44 20.01 -19.83
N LEU B 12 5.78 19.30 -18.93
CA LEU B 12 4.38 18.94 -19.12
C LEU B 12 3.48 19.65 -18.11
N GLU B 13 3.81 20.89 -17.81
CA GLU B 13 2.99 21.70 -16.92
C GLU B 13 1.56 21.79 -17.42
N HIS B 14 1.36 21.72 -18.74
CA HIS B 14 0.01 21.87 -19.26
C HIS B 14 -0.90 20.72 -18.87
N GLN B 15 -0.37 19.64 -18.29
CA GLN B 15 -1.21 18.53 -17.86
C GLN B 15 -1.79 18.75 -16.47
N LEU B 16 -1.37 19.81 -15.78
CA LEU B 16 -1.85 20.18 -14.46
C LEU B 16 -2.87 21.29 -14.58
N ASP B 17 -3.64 21.48 -13.52
CA ASP B 17 -4.62 22.57 -13.49
C ASP B 17 -4.25 23.56 -12.41
N TYR B 18 -4.14 24.84 -12.80
CA TYR B 18 -3.98 25.89 -11.80
C TYR B 18 -5.33 26.58 -11.58
N PRO B 19 -6.03 26.29 -10.48
CA PRO B 19 -7.42 26.80 -10.36
C PRO B 19 -7.49 28.29 -10.16
N PHE B 20 -6.43 28.94 -9.70
CA PHE B 20 -6.39 30.38 -9.61
C PHE B 20 -5.63 31.02 -10.77
N ALA B 21 -5.34 30.23 -11.81
CA ALA B 21 -4.74 30.72 -13.07
C ALA B 21 -3.41 31.41 -12.73
N ASP B 22 -3.19 32.65 -13.16
CA ASP B 22 -1.95 33.34 -12.87
C ASP B 22 -2.03 34.22 -11.62
N GLY B 23 -3.14 34.16 -10.88
CA GLY B 23 -3.27 35.00 -9.70
C GLY B 23 -2.33 34.54 -8.59
N MET B 24 -1.64 35.50 -7.97
CA MET B 24 -0.69 35.24 -6.89
C MET B 24 -0.75 36.42 -5.93
N PRO B 25 -0.47 36.23 -4.64
CA PRO B 25 -0.55 37.37 -3.71
C PRO B 25 0.67 38.28 -3.82
N ALA B 26 0.42 39.56 -4.01
CA ALA B 26 1.51 40.53 -3.97
C ALA B 26 2.19 40.48 -2.60
N ALA B 27 3.46 40.87 -2.57
CA ALA B 27 4.23 40.80 -1.33
C ALA B 27 3.58 41.60 -0.22
N GLY B 28 3.51 41.01 0.97
CA GLY B 28 2.86 41.63 2.11
C GLY B 28 1.37 41.42 2.20
N THR B 29 0.77 40.66 1.28
CA THR B 29 -0.67 40.42 1.28
C THR B 29 -0.92 38.92 1.29
N THR B 30 -2.17 38.54 1.53
CA THR B 30 -2.61 37.16 1.56
C THR B 30 -3.66 36.92 0.50
N GLN B 31 -3.81 35.66 0.10
CA GLN B 31 -4.83 35.26 -0.87
C GLN B 31 -5.49 33.98 -0.37
N GLU B 32 -6.82 33.98 -0.25
CA GLU B 32 -7.48 32.78 0.25
C GLU B 32 -7.50 31.70 -0.83
N VAL B 33 -6.99 30.52 -0.50
CA VAL B 33 -6.96 29.40 -1.43
C VAL B 33 -7.92 28.29 -1.02
N ALA B 34 -8.36 28.27 0.24
CA ALA B 34 -9.40 27.39 0.74
C ALA B 34 -9.96 28.05 1.98
N PRO B 35 -11.21 27.73 2.37
CA PRO B 35 -11.79 28.42 3.53
C PRO B 35 -10.85 28.36 4.72
N GLY B 36 -10.41 29.55 5.17
CA GLY B 36 -9.51 29.63 6.30
C GLY B 36 -8.06 29.33 6.02
N VAL B 37 -7.67 29.19 4.75
CA VAL B 37 -6.31 28.84 4.37
C VAL B 37 -5.82 29.92 3.43
N TYR B 38 -4.79 30.65 3.86
CA TYR B 38 -4.33 31.82 3.14
C TYR B 38 -2.90 31.62 2.64
N TRP B 39 -2.67 32.10 1.41
CA TRP B 39 -1.42 31.96 0.68
C TRP B 39 -0.64 33.27 0.79
N LEU B 40 0.64 33.19 1.16
CA LEU B 40 1.59 34.28 1.12
C LEU B 40 2.74 33.88 0.21
N ARG B 41 3.33 34.84 -0.48
CA ARG B 41 4.45 34.56 -1.37
C ARG B 41 5.59 35.51 -1.04
N MET B 42 6.71 34.95 -0.59
CA MET B 42 7.87 35.76 -0.22
C MET B 42 8.96 35.65 -1.28
N PRO B 43 9.69 36.72 -1.53
CA PRO B 43 10.77 36.67 -2.52
C PRO B 43 12.01 35.98 -1.97
N LEU B 44 12.73 35.31 -2.85
CA LEU B 44 14.03 34.74 -2.52
C LEU B 44 15.06 35.24 -3.51
N PRO B 45 16.28 35.54 -3.06
CA PRO B 45 17.28 36.12 -3.97
C PRO B 45 18.04 35.07 -4.77
N PHE B 46 17.41 33.95 -5.08
CA PHE B 46 18.06 32.87 -5.82
C PHE B 46 17.39 32.70 -7.18
N ALA B 47 17.87 31.72 -7.93
CA ALA B 47 17.24 31.40 -9.22
C ALA B 47 15.81 30.91 -9.00
N LEU B 48 15.58 30.13 -7.96
CA LEU B 48 14.23 29.92 -7.43
C LEU B 48 13.87 31.15 -6.63
N ASP B 49 12.98 31.99 -7.16
CA ASP B 49 12.92 33.38 -6.71
C ASP B 49 11.82 33.65 -5.69
N HIS B 50 11.26 32.61 -5.07
CA HIS B 50 10.14 32.80 -4.17
C HIS B 50 9.95 31.56 -3.32
N ILE B 51 9.20 31.71 -2.24
CA ILE B 51 8.66 30.59 -1.49
C ILE B 51 7.24 30.96 -1.07
N ASN B 52 6.35 29.98 -1.17
CA ASN B 52 4.98 30.09 -0.71
C ASN B 52 4.90 29.66 0.75
N LEU B 53 4.33 30.52 1.59
CA LEU B 53 4.09 30.25 3.01
C LEU B 53 2.58 30.27 3.24
N TRP B 54 2.12 29.64 4.32
CA TRP B 54 0.68 29.47 4.53
C TRP B 54 0.28 30.04 5.87
N LEU B 55 -0.89 30.65 5.90
CA LEU B 55 -1.47 31.27 7.09
C LEU B 55 -2.84 30.64 7.29
N LEU B 56 -3.02 29.91 8.39
CA LEU B 56 -4.25 29.17 8.65
C LEU B 56 -5.01 29.80 9.81
N ARG B 57 -6.26 30.18 9.57
CA ARG B 57 -7.13 30.65 10.63
C ARG B 57 -7.27 29.56 11.69
N ASP B 58 -7.24 29.95 12.97
CA ASP B 58 -7.10 28.95 14.01
C ASP B 58 -7.63 29.53 15.32
N GLU B 59 -7.79 28.65 16.31
CA GLU B 59 -8.18 29.05 17.66
C GLU B 59 -7.65 27.99 18.62
N ILE B 60 -6.91 28.42 19.63
CA ILE B 60 -6.28 27.51 20.59
C ILE B 60 -6.56 28.03 21.99
N ASP B 61 -7.14 27.17 22.82
CA ASP B 61 -7.43 27.51 24.22
C ASP B 61 -8.24 28.81 24.31
N GLY B 62 -9.21 28.95 23.40
CA GLY B 62 -10.10 30.10 23.41
C GLY B 62 -9.56 31.38 22.81
N GLN B 63 -8.34 31.38 22.28
CA GLN B 63 -7.75 32.57 21.66
C GLN B 63 -7.73 32.38 20.15
N LYS B 64 -8.47 33.23 19.43
CA LYS B 64 -8.46 33.17 17.97
C LYS B 64 -7.20 33.81 17.43
N GLY B 65 -6.73 33.29 16.31
CA GLY B 65 -5.49 33.76 15.71
C GLY B 65 -5.05 32.90 14.55
N TRP B 66 -3.74 32.74 14.41
CA TRP B 66 -3.18 32.19 13.18
C TRP B 66 -2.09 31.17 13.46
N THR B 67 -2.10 30.10 12.70
CA THR B 67 -0.99 29.16 12.61
C THR B 67 -0.25 29.42 11.30
N ILE B 68 1.06 29.66 11.40
CA ILE B 68 1.92 29.89 10.23
C ILE B 68 2.52 28.55 9.82
N VAL B 69 2.59 28.29 8.52
CA VAL B 69 3.32 27.12 8.01
C VAL B 69 4.47 27.64 7.13
N ASP B 70 5.69 27.46 7.63
CA ASP B 70 6.96 27.86 7.02
C ASP B 70 7.20 29.36 7.08
N CYS B 71 8.47 29.78 6.94
CA CYS B 71 8.88 31.06 7.50
C CYS B 71 9.62 31.99 6.53
N GLY B 72 10.32 31.43 5.56
CA GLY B 72 11.23 32.21 4.74
C GLY B 72 12.67 32.23 5.26
N ILE B 73 13.61 32.61 4.38
CA ILE B 73 14.97 32.91 4.86
C ILE B 73 14.96 34.19 5.69
N ALA B 74 15.98 34.33 6.55
CA ALA B 74 16.09 35.52 7.40
C ALA B 74 16.70 36.68 6.61
N SER B 75 15.93 37.20 5.66
CA SER B 75 16.33 38.39 4.93
C SER B 75 15.57 39.60 5.44
N GLY B 76 16.17 40.78 5.27
CA GLY B 76 15.47 42.00 5.61
C GLY B 76 14.17 42.15 4.84
N GLU B 77 14.17 41.75 3.58
CA GLU B 77 12.98 41.94 2.76
C GLU B 77 11.83 41.07 3.24
N ILE B 78 12.10 39.81 3.61
CA ILE B 78 11.02 38.95 4.07
C ILE B 78 10.53 39.39 5.44
N LYS B 79 11.45 39.77 6.34
CA LYS B 79 11.02 40.34 7.62
C LYS B 79 10.08 41.52 7.41
N ALA B 80 10.44 42.44 6.50
CA ALA B 80 9.58 43.60 6.27
C ALA B 80 8.22 43.19 5.74
N ASN B 81 8.18 42.18 4.87
CA ASN B 81 6.90 41.69 4.36
C ASN B 81 6.08 41.03 5.47
N TRP B 82 6.75 40.31 6.38
CA TRP B 82 6.02 39.73 7.50
C TRP B 82 5.43 40.83 8.38
N GLU B 83 6.21 41.90 8.64
CA GLU B 83 5.69 42.99 9.46
C GLU B 83 4.49 43.65 8.81
N THR B 84 4.51 43.81 7.48
CA THR B 84 3.32 44.34 6.80
C THR B 84 2.12 43.42 7.03
N VAL B 85 2.33 42.11 6.93
CA VAL B 85 1.25 41.15 7.20
C VAL B 85 0.72 41.31 8.62
N PHE B 86 1.61 41.38 9.61
CA PHE B 86 1.18 41.57 11.00
C PHE B 86 0.33 42.82 11.15
N ASP B 87 0.71 43.91 10.46
CA ASP B 87 0.03 45.19 10.66
C ASP B 87 -1.31 45.25 9.91
N THR B 88 -1.45 44.53 8.80
CA THR B 88 -2.55 44.80 7.87
C THR B 88 -3.37 43.58 7.48
N ALA B 89 -2.90 42.36 7.73
CA ALA B 89 -3.58 41.19 7.18
C ALA B 89 -3.88 40.10 8.21
N LEU B 90 -3.69 40.37 9.50
CA LEU B 90 -4.02 39.39 10.52
C LEU B 90 -5.29 39.74 11.27
N GLU B 91 -6.04 40.75 10.83
CA GLU B 91 -7.27 41.18 11.49
C GLU B 91 -7.03 41.50 12.96
N GLY B 92 -5.83 41.94 13.30
CA GLY B 92 -5.52 42.29 14.67
C GLY B 92 -5.38 41.12 15.62
N LEU B 93 -5.34 39.89 15.09
CA LEU B 93 -5.24 38.69 15.90
C LEU B 93 -3.80 38.17 15.90
N PRO B 94 -3.39 37.49 16.96
CA PRO B 94 -2.00 37.04 17.07
C PRO B 94 -1.74 35.72 16.36
N VAL B 95 -0.46 35.53 16.01
CA VAL B 95 0.03 34.20 15.67
C VAL B 95 0.02 33.34 16.94
N LEU B 96 -0.40 32.08 16.79
CA LEU B 96 -0.54 31.15 17.91
C LEU B 96 0.55 30.10 17.98
N ARG B 97 1.18 29.77 16.85
CA ARG B 97 2.21 28.76 16.74
C ARG B 97 2.73 28.78 15.33
N VAL B 98 3.91 28.18 15.14
CA VAL B 98 4.58 28.15 13.85
C VAL B 98 4.88 26.69 13.55
N ILE B 99 4.45 26.22 12.38
CA ILE B 99 4.76 24.88 11.91
C ILE B 99 5.80 25.00 10.79
N VAL B 100 6.79 24.13 10.80
CA VAL B 100 7.82 24.12 9.75
C VAL B 100 7.86 22.74 9.10
N THR B 101 7.82 22.70 7.76
CA THR B 101 7.81 21.41 7.05
C THR B 101 9.15 20.71 7.10
N HIS B 102 10.25 21.45 6.95
CA HIS B 102 11.56 20.82 7.01
C HIS B 102 12.62 21.89 7.20
N CYS B 103 13.86 21.46 7.40
CA CYS B 103 14.88 22.36 7.95
C CYS B 103 15.63 23.17 6.89
N HIS B 104 15.26 23.06 5.62
CA HIS B 104 16.00 23.84 4.62
C HIS B 104 15.78 25.34 4.89
N PRO B 105 16.76 26.19 4.55
CA PRO B 105 16.76 27.56 5.08
C PRO B 105 15.55 28.39 4.69
N ASP B 106 15.01 28.20 3.48
CA ASP B 106 13.85 28.98 3.10
C ASP B 106 12.61 28.61 3.90
N HIS B 107 12.59 27.45 4.57
CA HIS B 107 11.44 27.05 5.38
C HIS B 107 11.67 27.34 6.86
N LEU B 108 12.90 27.15 7.36
CA LEU B 108 13.19 27.28 8.79
C LEU B 108 13.79 28.64 9.18
N GLY B 109 14.28 29.42 8.21
CA GLY B 109 15.16 30.54 8.54
C GLY B 109 14.59 31.51 9.56
N LEU B 110 13.33 31.91 9.39
CA LEU B 110 12.73 32.90 10.27
C LEU B 110 11.88 32.28 11.38
N ALA B 111 12.00 30.98 11.63
CA ALA B 111 11.20 30.35 12.68
C ALA B 111 11.43 31.00 14.03
N ASN B 112 12.70 31.20 14.41
CA ASN B 112 12.99 31.80 15.71
C ASN B 112 12.43 33.22 15.78
N TRP B 113 12.62 34.00 14.72
CA TRP B 113 12.17 35.39 14.73
C TRP B 113 10.65 35.47 14.82
N LEU B 114 9.96 34.57 14.10
CA LEU B 114 8.50 34.52 14.17
C LEU B 114 8.04 34.06 15.54
N CYS B 115 8.69 33.02 16.08
CA CYS B 115 8.29 32.50 17.39
C CYS B 115 8.41 33.57 18.47
N GLU B 116 9.34 34.51 18.31
CA GLU B 116 9.55 35.54 19.32
C GLU B 116 8.78 36.82 19.04
N GLY B 117 7.91 36.82 18.04
CA GLY B 117 7.01 37.93 17.83
C GLY B 117 7.43 38.92 16.78
N GLY B 118 8.40 38.57 15.94
CA GLY B 118 8.84 39.54 14.94
C GLY B 118 9.63 40.69 15.57
N ASP B 119 9.77 41.76 14.77
CA ASP B 119 10.54 42.93 15.24
C ASP B 119 9.95 43.55 16.50
N LYS B 120 8.63 43.52 16.67
CA LYS B 120 8.00 44.18 17.79
C LYS B 120 7.64 43.23 18.93
N LYS B 121 8.13 42.00 18.90
CA LYS B 121 7.95 41.04 20.00
C LYS B 121 6.49 40.92 20.43
N ARG B 122 5.61 40.66 19.44
CA ARG B 122 4.18 40.77 19.65
C ARG B 122 3.58 39.55 20.36
N TRP B 123 4.29 38.43 20.36
CA TRP B 123 3.82 37.19 20.96
C TRP B 123 5.04 36.32 21.21
N ASN B 124 4.81 35.19 21.86
CA ASN B 124 5.88 34.23 22.17
C ASN B 124 5.27 32.84 22.03
N VAL B 125 5.56 32.14 20.93
CA VAL B 125 4.85 30.92 20.59
C VAL B 125 5.82 29.80 20.24
N ARG B 126 5.28 28.59 20.13
CA ARG B 126 6.04 27.36 19.97
C ARG B 126 6.21 26.96 18.51
N LEU B 127 7.40 26.45 18.18
CA LEU B 127 7.72 25.82 16.92
C LEU B 127 7.30 24.35 16.92
N TRP B 128 6.51 23.96 15.93
CA TRP B 128 6.09 22.59 15.70
C TRP B 128 6.83 22.07 14.47
N ILE B 129 7.50 20.92 14.62
CA ILE B 129 8.42 20.43 13.59
C ILE B 129 8.76 18.99 13.90
N THR B 130 9.13 18.20 12.90
CA THR B 130 9.52 16.82 13.20
C THR B 130 10.91 16.81 13.86
N LEU B 131 11.21 15.71 14.57
CA LEU B 131 12.47 15.65 15.31
C LEU B 131 13.66 15.64 14.36
N GLY B 132 13.59 14.84 13.30
CA GLY B 132 14.72 14.74 12.38
C GLY B 132 15.05 16.07 11.75
N GLU B 133 14.03 16.86 11.40
CA GLU B 133 14.27 18.17 10.81
C GLU B 133 14.77 19.15 11.86
N TYR B 134 14.21 19.10 13.07
CA TYR B 134 14.66 20.00 14.12
C TYR B 134 16.12 19.77 14.47
N MET B 135 16.52 18.50 14.62
CA MET B 135 17.87 18.19 15.07
C MET B 135 18.91 18.49 14.00
N LEU B 136 18.62 18.12 12.74
CA LEU B 136 19.53 18.50 11.65
C LEU B 136 19.63 20.02 11.52
N GLY B 137 18.51 20.72 11.74
CA GLY B 137 18.56 22.17 11.76
C GLY B 137 19.53 22.70 12.80
N ARG B 138 19.48 22.12 14.01
CA ARG B 138 20.41 22.56 15.05
C ARG B 138 21.84 22.18 14.73
N VAL B 139 22.04 21.02 14.09
CA VAL B 139 23.38 20.63 13.69
C VAL B 139 23.94 21.61 12.66
N MET B 140 23.13 21.95 11.67
CA MET B 140 23.58 22.86 10.62
C MET B 140 23.68 24.30 11.10
N ALA B 141 22.83 24.69 12.06
CA ALA B 141 22.85 26.05 12.55
C ALA B 141 24.13 26.39 13.32
N ALA B 142 24.82 25.38 13.84
CA ALA B 142 26.04 25.58 14.62
C ALA B 142 27.31 25.45 13.80
N GLY B 143 27.40 24.45 12.94
CA GLY B 143 28.61 24.20 12.16
C GLY B 143 28.68 24.99 10.86
N GLY B 149 32.82 20.86 7.64
CA GLY B 149 31.76 21.13 6.68
C GLY B 149 32.25 21.17 5.25
N GLY B 150 32.98 22.24 4.90
CA GLY B 150 33.53 22.34 3.57
C GLY B 150 34.58 21.27 3.31
N GLU B 151 35.39 20.96 4.33
CA GLU B 151 36.37 19.89 4.19
C GLU B 151 35.70 18.56 3.86
N GLY B 152 34.61 18.23 4.55
CA GLY B 152 33.93 16.97 4.27
C GLY B 152 33.36 16.90 2.87
N ALA B 153 32.77 18.00 2.40
CA ALA B 153 32.25 18.05 1.04
C ALA B 153 33.36 17.85 0.01
N ALA B 154 34.51 18.49 0.21
CA ALA B 154 35.60 18.33 -0.75
C ALA B 154 36.09 16.90 -0.79
N ARG B 155 36.16 16.24 0.38
CA ARG B 155 36.56 14.83 0.39
C ARG B 155 35.57 13.98 -0.39
N HIS B 156 34.27 14.20 -0.14
CA HIS B 156 33.22 13.42 -0.78
C HIS B 156 33.24 13.60 -2.29
N PHE B 157 33.24 14.85 -2.74
CA PHE B 157 33.16 15.07 -4.17
C PHE B 157 34.45 14.66 -4.88
N ALA B 158 35.62 14.77 -4.23
CA ALA B 158 36.85 14.23 -4.82
C ALA B 158 36.77 12.70 -4.94
N ARG B 159 36.29 12.03 -3.89
CA ARG B 159 36.11 10.59 -3.98
C ARG B 159 35.15 10.20 -5.10
N HIS B 160 34.29 11.12 -5.54
CA HIS B 160 33.33 10.81 -6.59
C HIS B 160 33.67 11.52 -7.89
N GLY B 161 34.93 11.88 -8.06
CA GLY B 161 35.45 12.23 -9.38
C GLY B 161 35.77 13.69 -9.58
N LEU B 162 35.45 14.56 -8.64
CA LEU B 162 35.79 15.99 -8.78
C LEU B 162 37.25 16.18 -8.36
N ARG B 163 38.16 16.24 -9.32
CA ARG B 163 39.57 16.30 -8.96
C ARG B 163 40.23 17.59 -9.41
N ASP B 164 39.45 18.57 -9.89
CA ASP B 164 39.97 19.92 -10.14
C ASP B 164 40.33 20.57 -8.81
N GLU B 165 41.63 20.82 -8.62
CA GLU B 165 42.07 21.33 -7.32
C GLU B 165 41.61 22.76 -7.07
N ALA B 166 41.42 23.55 -8.13
CA ALA B 166 40.85 24.88 -7.94
C ALA B 166 39.44 24.77 -7.36
N SER B 167 38.63 23.82 -7.84
CA SER B 167 37.28 23.64 -7.33
C SER B 167 37.30 23.11 -5.90
N LEU B 168 38.14 22.12 -5.61
CA LEU B 168 38.20 21.59 -4.25
C LEU B 168 38.67 22.65 -3.27
N ASP B 169 39.60 23.51 -3.71
CA ASP B 169 40.04 24.63 -2.88
C ASP B 169 38.86 25.52 -2.49
N LYS B 170 38.02 25.85 -3.47
CA LYS B 170 36.86 26.70 -3.18
C LYS B 170 35.89 26.01 -2.25
N LEU B 171 35.75 24.69 -2.39
CA LEU B 171 34.89 23.94 -1.49
C LEU B 171 35.41 23.94 -0.07
N ARG B 172 36.72 23.72 0.09
CA ARG B 172 37.29 23.64 1.44
C ARG B 172 37.20 24.97 2.16
N ASN B 173 37.31 26.08 1.43
CA ASN B 173 37.35 27.42 2.01
C ASN B 173 36.06 28.18 1.76
N ARG B 174 34.92 27.51 1.81
CA ARG B 174 33.63 28.15 1.63
C ARG B 174 32.97 28.41 2.98
N LYS B 175 32.28 29.55 3.08
CA LYS B 175 31.63 29.93 4.32
C LYS B 175 30.27 29.23 4.45
N SER B 176 29.92 28.86 5.68
CA SER B 176 28.64 28.19 5.93
C SER B 176 27.47 29.08 5.56
N TYR B 177 26.86 28.83 4.39
CA TYR B 177 25.72 29.64 3.96
C TYR B 177 24.53 29.46 4.88
N TYR B 178 24.34 28.25 5.43
CA TYR B 178 23.14 27.94 6.20
C TYR B 178 22.98 28.88 7.39
N ALA B 179 24.07 29.15 8.12
CA ALA B 179 23.96 29.95 9.34
C ALA B 179 23.63 31.42 9.07
N ASP B 180 23.92 31.93 7.87
CA ASP B 180 23.52 33.31 7.56
C ASP B 180 22.03 33.41 7.26
N LEU B 181 21.45 32.39 6.62
CA LEU B 181 20.02 32.38 6.31
C LEU B 181 19.17 31.93 7.47
N VAL B 182 19.75 31.20 8.41
CA VAL B 182 19.07 30.65 9.58
C VAL B 182 19.89 31.09 10.79
N PRO B 183 19.74 32.32 11.27
CA PRO B 183 20.68 32.86 12.27
C PRO B 183 20.45 32.34 13.67
N ALA B 184 19.31 31.70 13.94
CA ALA B 184 19.03 31.06 15.21
C ALA B 184 17.93 30.03 14.97
N VAL B 185 17.91 29.00 15.83
CA VAL B 185 16.86 27.98 15.81
C VAL B 185 16.26 27.96 17.20
N PRO B 186 14.93 27.89 17.36
CA PRO B 186 14.35 27.86 18.72
C PRO B 186 14.96 26.73 19.55
N GLY B 187 15.17 27.00 20.83
CA GLY B 187 15.72 26.02 21.76
C GLY B 187 14.72 25.00 22.30
N GLN B 188 13.45 25.17 21.97
CA GLN B 188 12.39 24.25 22.35
C GLN B 188 11.52 23.99 21.13
N TYR B 189 10.91 22.81 21.07
CA TYR B 189 9.99 22.54 19.96
C TYR B 189 8.91 21.56 20.41
N ARG B 190 7.88 21.47 19.59
CA ARG B 190 6.80 20.51 19.74
CA ARG B 190 6.80 20.51 19.75
C ARG B 190 6.92 19.50 18.60
N ARG B 191 7.19 18.25 18.95
CA ARG B 191 7.54 17.25 17.96
C ARG B 191 6.32 16.79 17.16
N LEU B 192 6.40 16.91 15.84
CA LEU B 192 5.45 16.30 14.93
C LEU B 192 5.93 14.91 14.52
N ARG B 193 4.99 13.97 14.40
CA ARG B 193 5.31 12.61 13.98
C ARG B 193 4.29 12.14 12.95
N ASP B 194 4.74 11.26 12.06
CA ASP B 194 3.88 10.71 11.03
C ASP B 194 2.57 10.22 11.64
N GLY B 195 1.46 10.61 11.02
CA GLY B 195 0.14 10.20 11.48
C GLY B 195 -0.48 11.05 12.57
N ASP B 196 0.25 12.03 13.13
CA ASP B 196 -0.34 12.90 14.14
C ASP B 196 -1.48 13.71 13.53
N ALA B 197 -2.60 13.77 14.24
CA ALA B 197 -3.76 14.54 13.82
C ALA B 197 -3.70 15.91 14.49
N LEU B 198 -3.49 16.95 13.70
CA LEU B 198 -3.48 18.32 14.20
C LEU B 198 -4.85 18.93 14.00
N SER B 199 -5.32 19.67 15.00
CA SER B 199 -6.54 20.47 14.87
CA SER B 199 -6.54 20.47 14.88
C SER B 199 -6.13 21.91 14.58
N ILE B 200 -6.44 22.37 13.37
CA ILE B 200 -6.15 23.75 12.97
C ILE B 200 -7.45 24.34 12.43
N GLY B 201 -7.97 25.34 13.12
CA GLY B 201 -9.24 25.93 12.70
C GLY B 201 -10.32 24.86 12.66
N ALA B 202 -11.03 24.79 11.55
CA ALA B 202 -12.18 23.89 11.54
C ALA B 202 -11.80 22.44 11.20
N ARG B 203 -10.53 22.12 11.00
CA ARG B 203 -10.11 20.96 10.23
C ARG B 203 -9.10 20.11 10.99
N THR B 204 -9.07 18.82 10.67
CA THR B 204 -7.98 17.94 11.05
C THR B 204 -6.98 17.88 9.90
N TRP B 205 -5.72 18.24 10.18
CA TRP B 205 -4.63 18.04 9.25
C TRP B 205 -3.76 16.91 9.78
N ARG B 206 -3.45 15.94 8.94
CA ARG B 206 -2.61 14.83 9.37
C ARG B 206 -1.19 15.03 8.87
N VAL B 207 -0.23 14.72 9.75
CA VAL B 207 1.17 14.74 9.38
C VAL B 207 1.47 13.56 8.46
N VAL B 208 2.06 13.85 7.30
CA VAL B 208 2.49 12.83 6.32
C VAL B 208 4.00 13.02 6.13
N THR B 209 4.80 12.08 6.64
CA THR B 209 6.24 12.28 6.54
C THR B 209 6.75 11.77 5.19
N GLY B 210 7.81 12.41 4.70
CA GLY B 210 8.41 12.04 3.44
C GLY B 210 9.91 12.00 3.59
N PHE B 211 10.56 11.11 2.83
CA PHE B 211 11.98 10.87 2.96
C PHE B 211 12.67 11.04 1.62
N GLY B 212 14.00 11.19 1.67
CA GLY B 212 14.83 11.31 0.46
C GLY B 212 15.21 12.75 0.08
N HIS B 213 14.40 13.73 0.48
CA HIS B 213 14.73 15.14 0.29
C HIS B 213 15.33 15.79 1.52
N SER B 214 14.81 15.42 2.69
CA SER B 214 15.29 15.93 3.96
C SER B 214 14.98 14.85 5.00
N PRO B 215 15.49 15.00 6.23
CA PRO B 215 15.40 13.86 7.19
C PRO B 215 14.02 13.29 7.42
N GLU B 216 12.98 14.12 7.53
CA GLU B 216 11.66 13.69 7.99
C GLU B 216 10.66 14.78 7.64
N HIS B 217 10.47 14.97 6.33
CA HIS B 217 9.71 16.10 5.82
C HIS B 217 8.25 15.99 6.20
N CYS B 218 7.66 17.10 6.67
CA CYS B 218 6.27 17.12 7.11
C CYS B 218 5.40 17.77 6.03
N ALA B 219 4.63 16.95 5.32
CA ALA B 219 3.47 17.46 4.56
C ALA B 219 2.26 17.41 5.49
N LEU B 220 1.31 18.32 5.26
CA LEU B 220 0.08 18.36 6.06
C LEU B 220 -1.10 18.05 5.15
N HIS B 221 -1.86 17.01 5.48
CA HIS B 221 -2.98 16.56 4.66
C HIS B 221 -4.31 16.75 5.38
N ALA B 222 -5.18 17.62 4.83
CA ALA B 222 -6.55 17.81 5.31
C ALA B 222 -7.44 16.92 4.46
N GLU B 223 -7.68 15.71 4.96
CA GLU B 223 -8.27 14.65 4.16
C GLU B 223 -9.74 14.90 3.86
N ALA B 224 -10.49 15.40 4.84
CA ALA B 224 -11.93 15.60 4.65
C ALA B 224 -12.22 16.68 3.62
N ASP B 225 -11.48 17.78 3.66
CA ASP B 225 -11.69 18.87 2.72
CA ASP B 225 -11.71 18.86 2.70
C ASP B 225 -10.85 18.74 1.45
N GLY B 226 -9.87 17.86 1.45
CA GLY B 226 -9.10 17.61 0.24
C GLY B 226 -8.06 18.67 -0.07
N VAL B 227 -7.19 18.98 0.89
CA VAL B 227 -6.14 19.97 0.73
C VAL B 227 -4.84 19.35 1.22
N LEU B 228 -3.76 19.56 0.47
CA LEU B 228 -2.43 19.06 0.86
C LEU B 228 -1.41 20.19 0.82
N ILE B 229 -0.77 20.45 1.95
CA ILE B 229 0.41 21.31 1.98
C ILE B 229 1.60 20.38 1.76
N SER B 230 2.20 20.46 0.56
CA SER B 230 3.15 19.44 0.14
C SER B 230 4.61 19.81 0.42
N GLY B 231 4.87 21.00 0.94
CA GLY B 231 6.26 21.41 1.21
C GLY B 231 7.07 21.36 -0.08
N ASP B 232 8.27 20.77 -0.02
CA ASP B 232 9.09 20.57 -1.21
C ASP B 232 8.93 19.19 -1.85
N MET B 233 8.08 18.33 -1.29
CA MET B 233 8.02 16.95 -1.77
C MET B 233 7.31 16.81 -3.12
N VAL B 234 6.30 17.64 -3.38
CA VAL B 234 5.62 17.67 -4.68
C VAL B 234 5.51 19.12 -5.13
N LEU B 235 6.23 19.47 -6.20
CA LEU B 235 6.23 20.83 -6.72
C LEU B 235 5.80 20.79 -8.17
N PRO B 236 4.92 21.70 -8.60
CA PRO B 236 4.34 21.56 -9.95
C PRO B 236 5.30 21.87 -11.10
N ARG B 237 6.29 22.77 -10.91
CA ARG B 237 7.14 23.19 -12.03
C ARG B 237 8.56 22.65 -11.98
N ILE B 238 9.03 22.22 -10.82
CA ILE B 238 10.42 21.82 -10.69
C ILE B 238 10.50 20.48 -9.96
N SER B 239 11.63 19.80 -10.15
CA SER B 239 11.92 18.56 -9.47
C SER B 239 12.33 18.84 -8.02
N THR B 240 12.17 17.82 -7.19
CA THR B 240 12.60 17.87 -5.80
C THR B 240 14.03 17.37 -5.70
N ASN B 241 14.91 18.17 -5.09
CA ASN B 241 16.32 17.79 -5.03
C ASN B 241 16.49 16.52 -4.21
N VAL B 242 17.17 15.54 -4.78
CA VAL B 242 17.55 14.33 -4.08
CA VAL B 242 17.54 14.30 -4.11
C VAL B 242 19.04 14.12 -4.31
N SER B 243 19.80 14.06 -3.22
CA SER B 243 21.25 14.09 -3.33
C SER B 243 21.90 13.21 -2.27
N VAL B 244 23.03 12.62 -2.63
CA VAL B 244 23.89 11.91 -1.68
C VAL B 244 24.98 12.86 -1.20
N PHE B 245 25.00 13.14 0.10
CA PHE B 245 25.93 14.06 0.73
C PHE B 245 26.99 13.30 1.54
N ASP B 246 28.02 14.04 1.97
CA ASP B 246 29.13 13.43 2.69
CA ASP B 246 29.13 13.41 2.68
C ASP B 246 28.70 12.81 4.01
N ILE B 247 27.68 13.38 4.65
CA ILE B 247 27.35 12.92 6.02
C ILE B 247 26.77 11.51 5.99
N GLU B 248 26.11 11.14 4.90
CA GLU B 248 25.51 9.81 4.74
C GLU B 248 26.00 9.28 3.40
N PRO B 249 27.26 8.82 3.33
CA PRO B 249 27.91 8.60 2.03
C PRO B 249 27.45 7.36 1.29
N GLU B 250 26.74 6.43 1.94
CA GLU B 250 26.10 5.31 1.25
C GLU B 250 24.59 5.48 1.18
N GLY B 251 24.10 6.72 1.28
CA GLY B 251 22.68 6.95 1.30
C GLY B 251 21.98 6.53 0.02
N ASN B 252 20.69 6.22 0.16
CA ASN B 252 19.84 5.87 -0.98
C ASN B 252 18.64 6.82 -1.04
N PRO B 253 18.88 8.14 -1.11
CA PRO B 253 17.76 9.08 -1.00
C PRO B 253 16.78 8.98 -2.15
N LEU B 254 17.21 8.59 -3.35
CA LEU B 254 16.25 8.51 -4.45
C LEU B 254 15.27 7.36 -4.25
N ALA B 255 15.75 6.21 -3.80
CA ALA B 255 14.82 5.13 -3.48
C ALA B 255 13.85 5.56 -2.38
N LEU B 256 14.36 6.23 -1.33
CA LEU B 256 13.47 6.76 -0.28
C LEU B 256 12.46 7.74 -0.84
N TYR B 257 12.88 8.61 -1.78
CA TYR B 257 11.95 9.59 -2.31
C TYR B 257 10.87 8.93 -3.15
N LEU B 258 11.27 8.05 -4.07
CA LEU B 258 10.28 7.42 -4.92
C LEU B 258 9.30 6.58 -4.12
N GLU B 259 9.77 5.98 -3.03
CA GLU B 259 8.85 5.24 -2.16
C GLU B 259 7.89 6.20 -1.45
N SER B 260 8.41 7.32 -0.99
CA SER B 260 7.59 8.31 -0.28
C SER B 260 6.48 8.86 -1.17
N LEU B 261 6.71 8.96 -2.48
CA LEU B 261 5.67 9.54 -3.33
C LEU B 261 4.42 8.69 -3.37
N GLY B 262 4.53 7.41 -3.01
CA GLY B 262 3.36 6.55 -2.98
C GLY B 262 2.30 7.01 -2.01
N ARG B 263 2.73 7.73 -0.94
CA ARG B 263 1.78 8.28 0.04
C ARG B 263 0.78 9.24 -0.59
N TYR B 264 1.19 9.98 -1.62
CA TYR B 264 0.25 10.94 -2.20
C TYR B 264 -0.58 10.32 -3.31
N GLU B 265 -0.13 9.21 -3.88
CA GLU B 265 -0.89 8.55 -4.93
C GLU B 265 -2.14 7.88 -4.39
N THR B 266 -2.20 7.57 -3.09
CA THR B 266 -3.42 7.02 -2.51
C THR B 266 -4.34 8.10 -1.96
N MET B 267 -3.93 9.37 -2.01
CA MET B 267 -4.84 10.46 -1.66
C MET B 267 -5.81 10.71 -2.80
N ALA B 268 -6.88 11.43 -2.50
CA ALA B 268 -7.91 11.70 -3.51
C ALA B 268 -7.29 12.39 -4.72
N ALA B 269 -7.72 12.00 -5.92
CA ALA B 269 -7.16 12.60 -7.13
C ALA B 269 -7.50 14.07 -7.26
N ASP B 270 -8.55 14.54 -6.59
CA ASP B 270 -8.97 15.92 -6.71
C ASP B 270 -8.40 16.79 -5.59
N THR B 271 -7.38 16.30 -4.89
CA THR B 271 -6.74 17.06 -3.82
C THR B 271 -6.18 18.38 -4.34
N LEU B 272 -6.47 19.46 -3.63
CA LEU B 272 -5.82 20.75 -3.92
C LEU B 272 -4.44 20.77 -3.28
N VAL B 273 -3.39 20.89 -4.10
CA VAL B 273 -2.02 20.84 -3.63
C VAL B 273 -1.50 22.26 -3.45
N LEU B 274 -0.93 22.54 -2.27
CA LEU B 274 -0.34 23.84 -1.95
C LEU B 274 1.16 23.62 -1.85
N PRO B 275 1.92 23.85 -2.94
CA PRO B 275 3.36 23.59 -2.95
C PRO B 275 4.15 24.78 -2.46
N SER B 276 5.35 24.50 -1.94
CA SER B 276 6.17 25.59 -1.44
C SER B 276 6.76 26.45 -2.54
N HIS B 277 6.78 25.94 -3.78
CA HIS B 277 7.20 26.73 -4.92
C HIS B 277 6.27 26.44 -6.08
N GLY B 278 5.94 27.49 -6.82
CA GLY B 278 4.97 27.39 -7.91
C GLY B 278 3.61 27.89 -7.45
N LYS B 279 2.55 27.34 -8.03
CA LYS B 279 1.19 27.81 -7.75
C LYS B 279 0.34 26.65 -7.25
N PRO B 280 -0.67 26.91 -6.41
CA PRO B 280 -1.61 25.84 -6.06
C PRO B 280 -2.15 25.15 -7.31
N PHE B 281 -2.28 23.83 -7.24
CA PHE B 281 -2.67 23.10 -8.44
C PHE B 281 -3.46 21.84 -8.08
N ARG B 282 -4.20 21.35 -9.07
CA ARG B 282 -4.72 20.00 -9.03
C ARG B 282 -4.09 19.18 -10.15
N GLY B 283 -4.21 17.86 -10.03
CA GLY B 283 -3.37 16.94 -10.75
C GLY B 283 -2.26 16.34 -9.92
N LEU B 284 -2.49 16.13 -8.63
CA LEU B 284 -1.47 15.50 -7.77
C LEU B 284 -0.96 14.19 -8.36
N HIS B 285 -1.87 13.34 -8.83
CA HIS B 285 -1.42 12.05 -9.35
C HIS B 285 -0.70 12.23 -10.68
N THR B 286 -1.15 13.17 -11.49
CA THR B 286 -0.47 13.48 -12.74
C THR B 286 0.97 13.90 -12.50
N ARG B 287 1.17 14.78 -11.51
CA ARG B 287 2.51 15.27 -11.20
C ARG B 287 3.40 14.16 -10.65
N ILE B 288 2.86 13.31 -9.76
CA ILE B 288 3.63 12.16 -9.28
CA ILE B 288 3.67 12.20 -9.30
C ILE B 288 4.08 11.30 -10.46
N GLY B 289 3.14 11.00 -11.36
CA GLY B 289 3.49 10.21 -12.54
C GLY B 289 4.60 10.85 -13.36
N GLN B 290 4.55 12.18 -13.53
CA GLN B 290 5.60 12.89 -14.26
C GLN B 290 6.96 12.77 -13.57
N LEU B 291 6.98 12.86 -12.23
CA LEU B 291 8.24 12.75 -11.50
C LEU B 291 8.77 11.33 -11.57
N ARG B 292 7.89 10.33 -11.53
CA ARG B 292 8.36 8.96 -11.69
C ARG B 292 8.95 8.74 -13.08
N ASP B 293 8.29 9.24 -14.12
CA ASP B 293 8.80 9.11 -15.48
C ASP B 293 10.15 9.81 -15.63
N HIS B 294 10.29 11.00 -15.03
CA HIS B 294 11.54 11.76 -15.07
C HIS B 294 12.69 10.95 -14.50
N HIS B 295 12.51 10.40 -13.29
CA HIS B 295 13.59 9.64 -12.69
C HIS B 295 13.86 8.33 -13.42
N ALA B 296 12.81 7.69 -13.94
CA ALA B 296 13.03 6.51 -14.77
C ALA B 296 13.92 6.82 -15.96
N ALA B 297 13.71 7.97 -16.59
CA ALA B 297 14.51 8.34 -17.75
C ALA B 297 15.94 8.70 -17.36
N ARG B 298 16.12 9.36 -16.21
CA ARG B 298 17.47 9.63 -15.70
C ARG B 298 18.17 8.31 -15.34
N LEU B 299 17.46 7.39 -14.70
CA LEU B 299 18.06 6.10 -14.37
C LEU B 299 18.50 5.37 -15.62
N ALA B 300 17.70 5.41 -16.68
CA ALA B 300 18.07 4.75 -17.92
C ALA B 300 19.35 5.34 -18.51
N GLU B 301 19.51 6.67 -18.41
CA GLU B 301 20.75 7.28 -18.92
C GLU B 301 21.96 6.82 -18.11
N VAL B 302 21.80 6.68 -16.79
CA VAL B 302 22.91 6.24 -15.95
C VAL B 302 23.27 4.80 -16.26
N ARG B 303 22.26 3.95 -16.43
CA ARG B 303 22.51 2.56 -16.83
C ARG B 303 23.31 2.50 -18.12
N ALA B 304 22.88 3.27 -19.12
CA ALA B 304 23.55 3.24 -20.41
C ALA B 304 25.00 3.69 -20.30
N ALA B 305 25.23 4.76 -19.54
CA ALA B 305 26.59 5.27 -19.38
C ALA B 305 27.49 4.22 -18.72
N CYS B 306 27.00 3.55 -17.68
CA CYS B 306 27.81 2.58 -16.94
C CYS B 306 27.95 1.26 -17.68
N ALA B 307 27.11 1.00 -18.68
CA ALA B 307 27.33 -0.15 -19.55
C ALA B 307 28.52 0.11 -20.48
N ASP B 308 28.69 1.36 -20.92
CA ASP B 308 29.78 1.69 -21.82
C ASP B 308 31.12 1.62 -21.11
N LYS B 309 31.21 2.13 -19.89
CA LYS B 309 32.47 2.21 -19.17
C LYS B 309 32.16 2.49 -17.70
N PRO B 310 33.09 2.20 -16.80
CA PRO B 310 32.89 2.57 -15.38
C PRO B 310 32.80 4.08 -15.23
N CYS B 311 31.78 4.54 -14.51
CA CYS B 311 31.48 5.97 -14.39
C CYS B 311 31.49 6.41 -12.92
N SER B 312 32.14 7.55 -12.66
CA SER B 312 31.94 8.26 -11.41
C SER B 312 30.75 9.21 -11.53
N ALA B 313 30.33 9.74 -10.38
CA ALA B 313 29.31 10.79 -10.40
C ALA B 313 29.76 11.95 -11.28
N ALA B 314 31.05 12.31 -11.23
CA ALA B 314 31.57 13.37 -12.09
C ALA B 314 31.37 13.05 -13.57
N ASP B 315 31.46 11.77 -13.95
CA ASP B 315 31.18 11.38 -15.33
C ASP B 315 29.72 11.54 -15.69
N ILE B 316 28.81 11.34 -14.73
CA ILE B 316 27.38 11.38 -15.01
C ILE B 316 26.87 12.81 -15.13
N VAL B 317 27.49 13.78 -14.43
CA VAL B 317 26.98 15.15 -14.42
C VAL B 317 26.72 15.70 -15.83
N PRO B 318 27.67 15.66 -16.77
CA PRO B 318 27.41 16.27 -18.08
C PRO B 318 26.26 15.65 -18.85
N ILE B 319 25.93 14.38 -18.56
CA ILE B 319 24.79 13.75 -19.21
C ILE B 319 23.49 14.34 -18.67
N MET B 320 23.36 14.42 -17.35
CA MET B 320 22.16 14.95 -16.71
C MET B 320 22.08 16.47 -16.75
N PHE B 321 23.22 17.14 -16.86
CA PHE B 321 23.31 18.61 -16.75
C PHE B 321 24.20 19.07 -17.89
N ARG B 322 23.60 19.29 -19.05
CA ARG B 322 24.31 19.82 -20.20
C ARG B 322 24.30 21.35 -20.15
N ARG B 323 24.86 21.87 -19.06
CA ARG B 323 24.92 23.31 -18.84
C ARG B 323 26.24 23.86 -19.35
N LEU B 325 28.97 24.66 -15.40
CA LEU B 325 28.45 24.81 -14.05
C LEU B 325 29.50 25.40 -13.12
N ASP B 326 29.08 26.27 -12.20
CA ASP B 326 29.98 26.81 -11.19
C ASP B 326 30.05 25.85 -10.01
N ILE B 327 30.65 26.28 -8.90
CA ILE B 327 30.95 25.33 -7.84
C ILE B 327 29.70 24.91 -7.09
N HIS B 328 28.77 25.85 -6.86
CA HIS B 328 27.53 25.49 -6.18
C HIS B 328 26.72 24.53 -7.02
N GLN B 329 26.69 24.74 -8.34
CA GLN B 329 25.90 23.88 -9.22
C GLN B 329 26.57 22.53 -9.42
N MET B 330 27.90 22.50 -9.49
CA MET B 330 28.61 21.23 -9.66
C MET B 330 28.38 20.32 -8.47
N THR B 331 28.40 20.89 -7.26
CA THR B 331 28.11 20.14 -6.04
C THR B 331 26.71 19.56 -6.08
N PHE B 332 25.72 20.42 -6.36
CA PHE B 332 24.34 19.99 -6.48
C PHE B 332 24.19 18.88 -7.52
N ALA B 333 24.84 19.05 -8.68
CA ALA B 333 24.69 18.08 -9.76
C ALA B 333 25.30 16.73 -9.40
N MET B 334 26.52 16.74 -8.84
CA MET B 334 27.15 15.48 -8.46
C MET B 334 26.34 14.75 -7.41
N GLY B 335 25.73 15.47 -6.47
CA GLY B 335 24.89 14.82 -5.49
C GLY B 335 23.70 14.11 -6.10
N GLU B 336 23.05 14.75 -7.08
CA GLU B 336 21.92 14.12 -7.75
C GLU B 336 22.37 12.96 -8.62
N ALA B 337 23.51 13.12 -9.30
CA ALA B 337 24.07 12.02 -10.08
C ALA B 337 24.32 10.81 -9.18
N LEU B 338 24.95 11.04 -8.03
CA LEU B 338 25.27 9.93 -7.14
C LEU B 338 24.01 9.27 -6.59
N ALA B 339 22.94 10.03 -6.37
CA ALA B 339 21.69 9.43 -5.91
C ALA B 339 21.15 8.44 -6.94
N HIS B 340 21.31 8.75 -8.23
CA HIS B 340 20.83 7.82 -9.25
C HIS B 340 21.75 6.61 -9.33
N LEU B 341 23.07 6.83 -9.28
CA LEU B 341 24.02 5.71 -9.21
C LEU B 341 23.72 4.82 -8.01
N HIS B 342 23.43 5.41 -6.86
CA HIS B 342 23.26 4.61 -5.65
C HIS B 342 21.98 3.77 -5.71
N LEU B 343 20.90 4.32 -6.26
CA LEU B 343 19.69 3.50 -6.40
C LEU B 343 19.98 2.25 -7.21
N LEU B 344 20.65 2.40 -8.35
CA LEU B 344 20.98 1.26 -9.19
C LEU B 344 21.96 0.32 -8.51
N TRP B 345 22.99 0.87 -7.85
CA TRP B 345 23.97 0.05 -7.15
C TRP B 345 23.30 -0.78 -6.05
N LEU B 346 22.50 -0.13 -5.21
CA LEU B 346 22.01 -0.83 -4.02
C LEU B 346 20.91 -1.84 -4.36
N GLN B 347 20.31 -1.77 -5.54
CA GLN B 347 19.41 -2.83 -5.95
C GLN B 347 20.08 -3.84 -6.87
N GLY B 348 21.41 -3.80 -6.97
CA GLY B 348 22.16 -4.86 -7.60
C GLY B 348 22.43 -4.70 -9.08
N GLU B 349 22.12 -3.54 -9.66
CA GLU B 349 22.28 -3.35 -11.11
C GLU B 349 23.63 -2.77 -11.50
N LEU B 350 24.39 -2.26 -10.53
CA LEU B 350 25.74 -1.76 -10.78
C LEU B 350 26.70 -2.35 -9.76
N THR B 351 27.96 -2.46 -10.18
CA THR B 351 29.04 -2.83 -9.27
C THR B 351 29.83 -1.58 -8.97
N ARG B 352 30.11 -1.34 -7.68
CA ARG B 352 30.85 -0.16 -7.25
C ARG B 352 32.30 -0.53 -7.00
N VAL B 353 33.22 0.24 -7.56
CA VAL B 353 34.65 -0.06 -7.48
C VAL B 353 35.38 1.19 -7.00
N GLN B 354 36.16 1.04 -5.94
CA GLN B 354 37.09 2.10 -5.53
C GLN B 354 38.36 1.96 -6.36
N GLY B 355 38.56 2.88 -7.29
CA GLY B 355 39.71 2.80 -8.15
C GLY B 355 41.01 3.04 -7.41
N GLU B 356 42.10 2.58 -8.04
CA GLU B 356 43.44 2.79 -7.52
C GLU B 356 43.77 4.27 -7.36
N ASP B 357 43.07 5.15 -8.08
CA ASP B 357 43.27 6.59 -7.97
C ASP B 357 42.41 7.21 -6.88
N GLY B 358 41.70 6.40 -6.10
CA GLY B 358 40.87 6.91 -5.03
C GLY B 358 39.49 7.36 -5.45
N VAL B 359 39.12 7.18 -6.72
CA VAL B 359 37.83 7.61 -7.23
C VAL B 359 36.91 6.39 -7.31
N ILE B 360 35.70 6.56 -6.80
CA ILE B 360 34.66 5.53 -6.84
C ILE B 360 33.98 5.56 -8.21
N ARG B 361 33.83 4.38 -8.83
CA ARG B 361 33.15 4.27 -10.12
C ARG B 361 32.17 3.10 -10.11
N PHE B 362 31.17 3.18 -11.00
CA PHE B 362 30.08 2.22 -11.07
C PHE B 362 30.03 1.59 -12.47
N ARG B 363 29.85 0.28 -12.52
CA ARG B 363 29.87 -0.41 -13.80
C ARG B 363 28.70 -1.39 -13.89
N ALA B 364 28.20 -1.56 -15.10
CA ALA B 364 27.21 -2.59 -15.39
C ALA B 364 27.79 -3.95 -15.07
N HIS C 6 -6.29 -17.10 12.79
CA HIS C 6 -6.98 -16.43 11.69
C HIS C 6 -8.43 -16.90 11.55
N HIS C 7 -8.65 -18.21 11.67
CA HIS C 7 -9.96 -18.79 11.40
C HIS C 7 -10.72 -19.08 12.69
N HIS C 8 -12.05 -19.06 12.59
CA HIS C 8 -12.93 -19.41 13.69
C HIS C 8 -13.18 -20.91 13.70
N MET C 9 -12.91 -21.56 14.83
CA MET C 9 -13.07 -23.00 14.91
C MET C 9 -14.51 -23.38 15.21
N ASN C 10 -14.94 -24.49 14.62
CA ASN C 10 -16.28 -25.03 14.83
C ASN C 10 -16.31 -25.76 16.16
N ALA C 11 -16.99 -25.19 17.15
CA ALA C 11 -17.13 -25.88 18.44
C ALA C 11 -18.08 -27.07 18.37
N LEU C 12 -18.87 -27.19 17.31
CA LEU C 12 -19.91 -28.21 17.20
C LEU C 12 -19.59 -29.25 16.14
N GLU C 13 -18.30 -29.60 16.00
CA GLU C 13 -17.91 -30.65 15.08
C GLU C 13 -18.64 -31.97 15.37
N HIS C 14 -19.01 -32.20 16.63
CA HIS C 14 -19.63 -33.47 16.97
C HIS C 14 -20.98 -33.66 16.32
N GLN C 15 -21.56 -32.60 15.74
CA GLN C 15 -22.83 -32.72 15.05
C GLN C 15 -22.68 -33.20 13.61
N LEU C 16 -21.45 -33.27 13.10
CA LEU C 16 -21.12 -33.76 11.78
C LEU C 16 -20.68 -35.22 11.87
N ASP C 17 -20.70 -35.91 10.74
CA ASP C 17 -20.22 -37.28 10.66
C ASP C 17 -19.01 -37.34 9.75
N TYR C 18 -17.91 -37.91 10.24
CA TYR C 18 -16.75 -38.18 9.40
C TYR C 18 -16.76 -39.67 9.03
N PRO C 19 -17.22 -40.05 7.83
CA PRO C 19 -17.40 -41.48 7.53
C PRO C 19 -16.11 -42.27 7.49
N PHE C 20 -14.96 -41.63 7.27
CA PHE C 20 -13.68 -42.31 7.32
C PHE C 20 -12.93 -42.04 8.61
N ALA C 21 -13.60 -41.45 9.60
CA ALA C 21 -13.09 -41.29 10.97
C ALA C 21 -11.82 -40.46 10.91
N ASP C 22 -10.68 -40.97 11.36
CA ASP C 22 -9.41 -40.25 11.30
C ASP C 22 -8.54 -40.67 10.13
N GLY C 23 -9.00 -41.63 9.32
CA GLY C 23 -8.27 -42.04 8.13
C GLY C 23 -7.98 -40.89 7.18
N MET C 24 -6.72 -40.74 6.81
CA MET C 24 -6.25 -39.73 5.87
C MET C 24 -5.21 -40.36 4.97
N PRO C 25 -5.04 -39.84 3.75
CA PRO C 25 -3.94 -40.31 2.91
C PRO C 25 -2.63 -39.66 3.33
N ALA C 26 -1.59 -40.48 3.49
CA ALA C 26 -0.26 -39.97 3.74
C ALA C 26 0.27 -39.23 2.52
N ALA C 27 1.29 -38.40 2.73
CA ALA C 27 1.84 -37.58 1.66
C ALA C 27 2.29 -38.45 0.50
N GLY C 28 1.84 -38.10 -0.70
CA GLY C 28 2.20 -38.83 -1.89
C GLY C 28 1.32 -40.02 -2.22
N THR C 29 0.30 -40.30 -1.41
CA THR C 29 -0.60 -41.43 -1.62
C THR C 29 -2.02 -40.93 -1.79
N THR C 30 -2.88 -41.79 -2.33
CA THR C 30 -4.28 -41.47 -2.58
C THR C 30 -5.17 -42.39 -1.76
N GLN C 31 -6.38 -41.90 -1.46
CA GLN C 31 -7.38 -42.67 -0.74
C GLN C 31 -8.72 -42.49 -1.43
N GLU C 32 -9.36 -43.60 -1.80
CA GLU C 32 -10.64 -43.49 -2.49
C GLU C 32 -11.72 -43.07 -1.51
N VAL C 33 -12.43 -41.99 -1.83
CA VAL C 33 -13.53 -41.52 -0.99
C VAL C 33 -14.89 -41.77 -1.63
N ALA C 34 -14.94 -42.06 -2.92
CA ALA C 34 -16.12 -42.47 -3.66
C ALA C 34 -15.64 -43.13 -4.94
N PRO C 35 -16.47 -43.94 -5.60
CA PRO C 35 -15.99 -44.66 -6.79
C PRO C 35 -15.40 -43.72 -7.82
N GLY C 36 -14.11 -43.90 -8.12
CA GLY C 36 -13.38 -43.05 -9.04
C GLY C 36 -12.98 -41.69 -8.50
N VAL C 37 -13.11 -41.46 -7.20
CA VAL C 37 -12.80 -40.16 -6.60
C VAL C 37 -11.75 -40.39 -5.53
N TYR C 38 -10.59 -39.78 -5.72
CA TYR C 38 -9.44 -40.05 -4.86
C TYR C 38 -9.00 -38.78 -4.15
N TRP C 39 -8.63 -38.94 -2.88
CA TRP C 39 -8.29 -37.87 -1.96
C TRP C 39 -6.78 -37.80 -1.81
N LEU C 40 -6.20 -36.62 -2.06
CA LEU C 40 -4.81 -36.31 -1.78
C LEU C 40 -4.75 -35.21 -0.72
N ARG C 41 -3.76 -35.29 0.17
CA ARG C 41 -3.58 -34.27 1.19
C ARG C 41 -2.17 -33.73 1.11
N MET C 42 -2.04 -32.41 0.82
CA MET C 42 -0.75 -31.76 0.72
C MET C 42 -0.50 -30.88 1.94
N PRO C 43 0.75 -30.80 2.41
CA PRO C 43 1.05 -29.95 3.56
C PRO C 43 1.18 -28.49 3.16
N LEU C 44 0.74 -27.61 4.06
CA LEU C 44 0.93 -26.17 3.89
C LEU C 44 1.69 -25.62 5.10
N PRO C 45 2.55 -24.61 4.89
CA PRO C 45 3.37 -24.12 5.99
C PRO C 45 2.74 -22.98 6.78
N PHE C 46 1.43 -23.03 6.99
CA PHE C 46 0.71 -22.00 7.71
C PHE C 46 0.00 -22.63 8.90
N ALA C 47 -0.74 -21.80 9.64
CA ALA C 47 -1.54 -22.31 10.75
C ALA C 47 -2.62 -23.26 10.25
N LEU C 48 -3.12 -23.02 9.05
CA LEU C 48 -3.90 -24.02 8.31
C LEU C 48 -2.88 -24.88 7.59
N ASP C 49 -2.65 -26.10 8.08
CA ASP C 49 -1.43 -26.83 7.76
C ASP C 49 -1.57 -27.81 6.60
N HIS C 50 -2.65 -27.71 5.80
CA HIS C 50 -2.89 -28.71 4.77
C HIS C 50 -3.92 -28.18 3.77
N ILE C 51 -3.92 -28.79 2.58
CA ILE C 51 -5.04 -28.64 1.65
C ILE C 51 -5.36 -30.01 1.06
N ASN C 52 -6.66 -30.29 0.92
CA ASN C 52 -7.12 -31.50 0.27
C ASN C 52 -7.29 -31.25 -1.23
N LEU C 53 -6.67 -32.09 -2.05
CA LEU C 53 -6.81 -32.06 -3.50
C LEU C 53 -7.49 -33.34 -3.97
N TRP C 54 -8.09 -33.30 -5.16
CA TRP C 54 -8.91 -34.42 -5.63
C TRP C 54 -8.43 -34.90 -6.98
N LEU C 55 -8.40 -36.21 -7.14
CA LEU C 55 -7.98 -36.87 -8.37
C LEU C 55 -9.14 -37.74 -8.84
N LEU C 56 -9.67 -37.44 -10.02
CA LEU C 56 -10.87 -38.08 -10.52
C LEU C 56 -10.52 -38.92 -11.73
N ARG C 57 -10.84 -40.22 -11.67
CA ARG C 57 -10.66 -41.10 -12.82
C ARG C 57 -11.50 -40.61 -13.98
N ASP C 58 -10.95 -40.63 -15.18
CA ASP C 58 -11.57 -39.92 -16.29
C ASP C 58 -11.17 -40.58 -17.60
N GLU C 59 -11.83 -40.16 -18.67
CA GLU C 59 -11.48 -40.59 -20.02
C GLU C 59 -11.97 -39.52 -20.98
N ILE C 60 -11.09 -38.97 -21.80
CA ILE C 60 -11.43 -37.91 -22.74
C ILE C 60 -10.92 -38.30 -24.12
N ASP C 61 -11.82 -38.31 -25.11
CA ASP C 61 -11.45 -38.59 -26.50
C ASP C 61 -10.74 -39.93 -26.65
N GLY C 62 -11.15 -40.91 -25.83
CA GLY C 62 -10.59 -42.24 -25.89
C GLY C 62 -9.36 -42.48 -25.05
N GLN C 63 -8.80 -41.46 -24.41
CA GLN C 63 -7.62 -41.61 -23.57
C GLN C 63 -8.05 -41.66 -22.11
N LYS C 64 -7.84 -42.81 -21.47
CA LYS C 64 -8.09 -42.92 -20.04
C LYS C 64 -7.02 -42.16 -19.26
N GLY C 65 -7.44 -41.49 -18.19
CA GLY C 65 -6.52 -40.71 -17.39
C GLY C 65 -7.18 -40.06 -16.19
N TRP C 66 -6.65 -38.92 -15.74
CA TRP C 66 -7.03 -38.30 -14.49
C TRP C 66 -7.35 -36.83 -14.66
N THR C 67 -8.42 -36.39 -14.00
CA THR C 67 -8.69 -34.96 -13.87
C THR C 67 -8.33 -34.55 -12.44
N ILE C 68 -7.48 -33.52 -12.32
CA ILE C 68 -7.08 -32.98 -11.01
C ILE C 68 -7.97 -31.80 -10.65
N VAL C 69 -8.40 -31.73 -9.39
CA VAL C 69 -9.11 -30.58 -8.86
C VAL C 69 -8.23 -29.93 -7.79
N ASP C 70 -7.71 -28.73 -8.08
CA ASP C 70 -6.85 -27.89 -7.24
C ASP C 70 -5.44 -28.47 -7.09
N CYS C 71 -4.49 -27.60 -6.71
CA CYS C 71 -3.09 -27.85 -7.08
C CYS C 71 -2.07 -27.75 -5.96
N GLY C 72 -2.32 -26.91 -4.96
CA GLY C 72 -1.34 -26.61 -3.94
C GLY C 72 -0.59 -25.32 -4.22
N ILE C 73 -0.02 -24.74 -3.15
CA ILE C 73 1.00 -23.70 -3.36
C ILE C 73 2.23 -24.32 -4.02
N ALA C 74 3.04 -23.46 -4.65
CA ALA C 74 4.18 -23.95 -5.43
C ALA C 74 5.41 -24.10 -4.52
N SER C 75 5.35 -25.10 -3.66
CA SER C 75 6.45 -25.47 -2.78
C SER C 75 7.15 -26.70 -3.31
N GLY C 76 8.46 -26.79 -3.03
CA GLY C 76 9.19 -28.00 -3.36
C GLY C 76 8.57 -29.25 -2.75
N GLU C 77 8.00 -29.13 -1.55
CA GLU C 77 7.45 -30.28 -0.87
C GLU C 77 6.21 -30.80 -1.59
N ILE C 78 5.34 -29.89 -2.05
CA ILE C 78 4.16 -30.32 -2.78
C ILE C 78 4.54 -30.85 -4.16
N LYS C 79 5.45 -30.16 -4.85
CA LYS C 79 5.96 -30.69 -6.10
C LYS C 79 6.49 -32.11 -5.92
N ALA C 80 7.32 -32.33 -4.91
CA ALA C 80 7.88 -33.65 -4.69
C ALA C 80 6.79 -34.68 -4.41
N ASN C 81 5.77 -34.28 -3.64
CA ASN C 81 4.64 -35.17 -3.39
C ASN C 81 3.87 -35.47 -4.67
N TRP C 82 3.66 -34.44 -5.51
CA TRP C 82 3.00 -34.67 -6.79
C TRP C 82 3.80 -35.61 -7.67
N GLU C 83 5.12 -35.48 -7.67
CA GLU C 83 5.96 -36.37 -8.47
C GLU C 83 5.83 -37.82 -8.01
N THR C 84 5.75 -38.04 -6.69
CA THR C 84 5.52 -39.39 -6.18
C THR C 84 4.21 -39.95 -6.70
N VAL C 85 3.15 -39.13 -6.69
CA VAL C 85 1.85 -39.57 -7.17
C VAL C 85 1.92 -39.95 -8.65
N PHE C 86 2.65 -39.17 -9.45
CA PHE C 86 2.77 -39.49 -10.87
C PHE C 86 3.44 -40.85 -11.06
N ASP C 87 4.48 -41.13 -10.27
CA ASP C 87 5.24 -42.36 -10.45
C ASP C 87 4.52 -43.58 -9.90
N THR C 88 3.71 -43.43 -8.85
CA THR C 88 3.21 -44.59 -8.12
C THR C 88 1.70 -44.69 -8.02
N ALA C 89 0.94 -43.61 -8.23
CA ALA C 89 -0.48 -43.64 -7.92
C ALA C 89 -1.39 -43.34 -9.11
N LEU C 90 -0.85 -43.23 -10.33
CA LEU C 90 -1.66 -42.88 -11.49
C LEU C 90 -1.92 -44.07 -12.41
N GLU C 91 -1.54 -45.28 -11.99
CA GLU C 91 -1.74 -46.49 -12.78
C GLU C 91 -1.11 -46.38 -14.16
N GLY C 92 -0.12 -45.50 -14.32
CA GLY C 92 0.54 -45.30 -15.60
C GLY C 92 -0.21 -44.43 -16.57
N LEU C 93 -1.39 -43.88 -16.18
CA LEU C 93 -2.23 -43.02 -17.00
C LEU C 93 -1.89 -41.55 -16.76
N PRO C 94 -1.99 -40.71 -17.78
CA PRO C 94 -1.61 -39.31 -17.63
C PRO C 94 -2.75 -38.49 -17.04
N VAL C 95 -2.41 -37.28 -16.61
CA VAL C 95 -3.40 -36.26 -16.32
C VAL C 95 -3.97 -35.73 -17.63
N LEU C 96 -5.28 -35.48 -17.66
CA LEU C 96 -5.98 -35.02 -18.85
C LEU C 96 -6.30 -33.54 -18.81
N ARG C 97 -6.45 -32.95 -17.62
CA ARG C 97 -6.84 -31.56 -17.45
C ARG C 97 -6.79 -31.23 -15.95
N VAL C 98 -6.79 -29.93 -15.66
CA VAL C 98 -6.71 -29.44 -14.29
C VAL C 98 -7.87 -28.48 -14.06
N ILE C 99 -8.67 -28.75 -13.04
CA ILE C 99 -9.74 -27.84 -12.61
C ILE C 99 -9.28 -27.14 -11.34
N VAL C 100 -9.52 -25.83 -11.27
CA VAL C 100 -9.22 -25.04 -10.07
C VAL C 100 -10.52 -24.42 -9.56
N THR C 101 -10.76 -24.56 -8.26
CA THR C 101 -12.01 -24.03 -7.68
C THR C 101 -11.98 -22.51 -7.60
N HIS C 102 -10.86 -21.93 -7.20
CA HIS C 102 -10.74 -20.47 -7.13
C HIS C 102 -9.28 -20.10 -7.04
N CYS C 103 -9.00 -18.79 -7.10
CA CYS C 103 -7.66 -18.31 -7.41
C CYS C 103 -6.76 -18.19 -6.20
N HIS C 104 -7.23 -18.50 -5.01
CA HIS C 104 -6.36 -18.37 -3.85
C HIS C 104 -5.17 -19.32 -3.97
N PRO C 105 -4.01 -18.92 -3.44
CA PRO C 105 -2.75 -19.58 -3.83
C PRO C 105 -2.67 -21.06 -3.50
N ASP C 106 -3.28 -21.53 -2.40
CA ASP C 106 -3.23 -22.96 -2.16
C ASP C 106 -4.00 -23.75 -3.19
N HIS C 107 -4.92 -23.12 -3.93
CA HIS C 107 -5.67 -23.82 -4.95
C HIS C 107 -5.09 -23.64 -6.34
N LEU C 108 -4.59 -22.45 -6.66
CA LEU C 108 -4.11 -22.13 -8.01
C LEU C 108 -2.59 -22.25 -8.18
N GLY C 109 -1.84 -22.35 -7.08
CA GLY C 109 -0.41 -22.10 -7.13
C GLY C 109 0.34 -22.95 -8.14
N LEU C 110 0.07 -24.25 -8.17
CA LEU C 110 0.81 -25.17 -9.03
C LEU C 110 0.06 -25.51 -10.30
N ALA C 111 -0.94 -24.70 -10.67
CA ALA C 111 -1.75 -25.03 -11.84
C ALA C 111 -0.92 -25.00 -13.12
N ASN C 112 -0.04 -24.01 -13.25
CA ASN C 112 0.80 -23.95 -14.45
C ASN C 112 1.79 -25.11 -14.50
N TRP C 113 2.42 -25.40 -13.36
CA TRP C 113 3.37 -26.51 -13.28
C TRP C 113 2.70 -27.85 -13.59
N LEU C 114 1.48 -28.05 -13.07
CA LEU C 114 0.74 -29.25 -13.39
C LEU C 114 0.34 -29.30 -14.86
N CYS C 115 -0.13 -28.17 -15.40
CA CYS C 115 -0.60 -28.15 -16.79
C CYS C 115 0.53 -28.43 -17.77
N GLU C 116 1.76 -28.12 -17.40
CA GLU C 116 2.90 -28.37 -18.28
C GLU C 116 3.62 -29.68 -17.96
N GLY C 117 3.04 -30.51 -17.10
CA GLY C 117 3.49 -31.87 -16.90
C GLY C 117 4.38 -32.12 -15.69
N GLY C 118 4.54 -31.13 -14.81
CA GLY C 118 5.43 -31.30 -13.69
C GLY C 118 6.90 -31.25 -14.09
N ASP C 119 7.73 -31.76 -13.17
CA ASP C 119 9.18 -31.66 -13.36
C ASP C 119 9.66 -32.37 -14.61
N LYS C 120 9.01 -33.47 -14.98
CA LYS C 120 9.42 -34.25 -16.14
C LYS C 120 8.60 -33.92 -17.39
N LYS C 121 7.68 -32.97 -17.30
CA LYS C 121 6.90 -32.49 -18.45
C LYS C 121 6.26 -33.65 -19.20
N ARG C 122 5.47 -34.42 -18.46
CA ARG C 122 4.88 -35.66 -18.96
C ARG C 122 3.67 -35.42 -19.85
N TRP C 123 3.07 -34.23 -19.80
CA TRP C 123 1.88 -33.94 -20.58
C TRP C 123 1.75 -32.43 -20.71
N ASN C 124 0.76 -32.01 -21.50
CA ASN C 124 0.47 -30.59 -21.70
C ASN C 124 -1.04 -30.46 -21.80
N VAL C 125 -1.67 -30.05 -20.70
CA VAL C 125 -3.12 -30.09 -20.55
C VAL C 125 -3.63 -28.69 -20.19
N ARG C 126 -4.96 -28.56 -20.22
CA ARG C 126 -5.67 -27.30 -20.11
C ARG C 126 -6.15 -27.07 -18.68
N LEU C 127 -6.08 -25.81 -18.24
CA LEU C 127 -6.67 -25.38 -16.97
C LEU C 127 -8.14 -24.99 -17.17
N TRP C 128 -9.02 -25.58 -16.37
CA TRP C 128 -10.44 -25.26 -16.37
C TRP C 128 -10.74 -24.48 -15.10
N ILE C 129 -11.38 -23.32 -15.24
CA ILE C 129 -11.55 -22.39 -14.11
C ILE C 129 -12.59 -21.36 -14.52
N THR C 130 -13.25 -20.75 -13.54
CA THR C 130 -14.21 -19.71 -13.90
C THR C 130 -13.47 -18.43 -14.32
N LEU C 131 -14.15 -17.59 -15.10
CA LEU C 131 -13.49 -16.38 -15.61
C LEU C 131 -13.10 -15.43 -14.48
N GLY C 132 -13.99 -15.22 -13.52
CA GLY C 132 -13.69 -14.28 -12.46
C GLY C 132 -12.47 -14.68 -11.66
N GLU C 133 -12.34 -15.99 -11.38
CA GLU C 133 -11.16 -16.48 -10.64
C GLU C 133 -9.90 -16.40 -11.48
N TYR C 134 -10.01 -16.74 -12.77
CA TYR C 134 -8.84 -16.70 -13.65
C TYR C 134 -8.31 -15.28 -13.79
N MET C 135 -9.19 -14.32 -14.07
CA MET C 135 -8.75 -12.95 -14.27
C MET C 135 -8.21 -12.33 -12.99
N LEU C 136 -8.88 -12.56 -11.86
CA LEU C 136 -8.30 -12.07 -10.60
C LEU C 136 -6.95 -12.74 -10.36
N GLY C 137 -6.84 -14.03 -10.70
CA GLY C 137 -5.55 -14.70 -10.61
C GLY C 137 -4.49 -14.05 -11.47
N ARG C 138 -4.86 -13.65 -12.68
CA ARG C 138 -3.91 -12.97 -13.57
C ARG C 138 -3.52 -11.61 -13.01
N VAL C 139 -4.47 -10.88 -12.45
CA VAL C 139 -4.19 -9.55 -11.90
C VAL C 139 -3.25 -9.66 -10.70
N MET C 140 -3.49 -10.64 -9.82
CA MET C 140 -2.66 -10.79 -8.64
C MET C 140 -1.29 -11.37 -8.98
N ALA C 141 -1.21 -12.17 -10.03
CA ALA C 141 0.08 -12.74 -10.43
C ALA C 141 1.01 -11.71 -11.05
N ALA C 142 0.52 -10.51 -11.36
CA ALA C 142 1.32 -9.49 -12.04
C ALA C 142 1.92 -8.49 -11.05
N GLY C 143 1.08 -7.59 -10.55
CA GLY C 143 1.53 -6.56 -9.64
C GLY C 143 1.31 -6.93 -8.18
N ALA C 148 1.75 -1.41 -5.56
CA ALA C 148 0.65 -0.53 -5.17
C ALA C 148 -0.39 -1.29 -4.36
N GLY C 149 -0.21 -2.61 -4.26
CA GLY C 149 -1.09 -3.40 -3.42
C GLY C 149 -0.98 -3.02 -1.96
N GLY C 150 0.24 -2.82 -1.47
CA GLY C 150 0.43 -2.46 -0.08
C GLY C 150 -0.04 -1.06 0.22
N GLU C 151 0.24 -0.11 -0.67
CA GLU C 151 -0.24 1.26 -0.47
C GLU C 151 -1.77 1.30 -0.45
N GLY C 152 -2.41 0.55 -1.34
CA GLY C 152 -3.86 0.52 -1.35
C GLY C 152 -4.45 -0.03 -0.06
N ALA C 153 -3.89 -1.13 0.44
CA ALA C 153 -4.35 -1.69 1.70
C ALA C 153 -4.12 -0.73 2.86
N ALA C 154 -2.98 -0.03 2.88
CA ALA C 154 -2.73 0.89 3.98
C ALA C 154 -3.76 2.01 3.99
N ARG C 155 -4.09 2.53 2.80
CA ARG C 155 -5.13 3.53 2.66
C ARG C 155 -6.46 3.03 3.22
N HIS C 156 -6.84 1.82 2.83
CA HIS C 156 -8.12 1.21 3.23
C HIS C 156 -8.20 1.01 4.74
N PHE C 157 -7.18 0.36 5.32
CA PHE C 157 -7.25 0.08 6.76
C PHE C 157 -7.13 1.36 7.60
N ALA C 158 -6.39 2.35 7.12
CA ALA C 158 -6.38 3.63 7.83
C ALA C 158 -7.76 4.28 7.78
N ARG C 159 -8.41 4.24 6.62
CA ARG C 159 -9.77 4.75 6.50
C ARG C 159 -10.74 4.04 7.42
N HIS C 160 -10.43 2.80 7.81
CA HIS C 160 -11.31 2.04 8.68
C HIS C 160 -10.75 1.90 10.09
N GLY C 161 -9.86 2.80 10.50
CA GLY C 161 -9.51 2.96 11.90
C GLY C 161 -8.11 2.53 12.30
N LEU C 162 -7.36 1.89 11.40
CA LEU C 162 -5.97 1.52 11.72
C LEU C 162 -5.09 2.74 11.50
N ARG C 163 -4.80 3.46 12.57
CA ARG C 163 -4.01 4.70 12.45
C ARG C 163 -2.70 4.59 13.21
N ASP C 164 -2.23 3.37 13.49
CA ASP C 164 -0.91 3.12 14.07
C ASP C 164 0.12 3.19 12.95
N GLU C 165 0.91 4.27 12.93
CA GLU C 165 1.74 4.56 11.77
C GLU C 165 2.80 3.50 11.54
N ALA C 166 3.21 2.79 12.60
CA ALA C 166 4.17 1.71 12.41
C ALA C 166 3.54 0.54 11.65
N SER C 167 2.28 0.21 11.97
CA SER C 167 1.58 -0.83 11.24
C SER C 167 1.35 -0.44 9.79
N LEU C 168 0.90 0.79 9.56
CA LEU C 168 0.70 1.25 8.20
C LEU C 168 1.99 1.20 7.39
N ASP C 169 3.12 1.56 8.03
CA ASP C 169 4.42 1.48 7.35
CA ASP C 169 4.41 1.48 7.33
C ASP C 169 4.70 0.06 6.91
N LYS C 170 4.45 -0.92 7.79
CA LYS C 170 4.63 -2.32 7.42
C LYS C 170 3.76 -2.69 6.23
N LEU C 171 2.49 -2.26 6.23
CA LEU C 171 1.60 -2.57 5.10
C LEU C 171 2.13 -2.00 3.79
N ARG C 172 2.57 -0.74 3.80
CA ARG C 172 3.01 -0.11 2.56
C ARG C 172 4.24 -0.79 2.00
N ASN C 173 5.10 -1.33 2.87
CA ASN C 173 6.34 -1.99 2.45
C ASN C 173 6.22 -3.52 2.50
N ARG C 174 5.01 -4.06 2.37
CA ARG C 174 4.82 -5.51 2.41
C ARG C 174 5.33 -6.15 1.12
N TYR C 177 3.52 -10.97 -2.27
CA TYR C 177 3.24 -12.17 -1.50
C TYR C 177 2.63 -13.28 -2.37
N TYR C 178 1.63 -12.89 -3.17
CA TYR C 178 0.95 -13.83 -4.05
C TYR C 178 1.90 -14.47 -5.04
N ALA C 179 2.92 -13.73 -5.50
CA ALA C 179 3.76 -14.20 -6.60
C ALA C 179 4.67 -15.34 -6.20
N ASP C 180 5.10 -15.41 -4.93
CA ASP C 180 6.00 -16.49 -4.55
C ASP C 180 5.28 -17.83 -4.44
N LEU C 181 3.99 -17.80 -4.09
CA LEU C 181 3.18 -19.01 -4.02
C LEU C 181 2.57 -19.40 -5.35
N VAL C 182 2.31 -18.41 -6.21
CA VAL C 182 1.78 -18.63 -7.55
C VAL C 182 2.78 -18.02 -8.53
N PRO C 183 3.85 -18.73 -8.91
CA PRO C 183 4.90 -18.09 -9.71
C PRO C 183 4.51 -17.89 -11.17
N ALA C 184 3.55 -18.67 -11.68
CA ALA C 184 3.06 -18.50 -13.04
C ALA C 184 1.60 -18.91 -13.07
N VAL C 185 0.83 -18.26 -13.95
CA VAL C 185 -0.56 -18.62 -14.20
C VAL C 185 -0.65 -18.99 -15.68
N PRO C 186 -1.34 -20.07 -16.04
CA PRO C 186 -1.42 -20.43 -17.47
C PRO C 186 -1.99 -19.29 -18.29
N GLY C 187 -1.43 -19.09 -19.49
CA GLY C 187 -1.89 -18.06 -20.39
C GLY C 187 -3.17 -18.38 -21.13
N GLN C 188 -3.66 -19.61 -21.01
CA GLN C 188 -4.89 -20.05 -21.64
C GLN C 188 -5.74 -20.77 -20.61
N TYR C 189 -7.05 -20.70 -20.77
CA TYR C 189 -7.94 -21.40 -19.86
C TYR C 189 -9.23 -21.78 -20.57
N ARG C 190 -9.94 -22.72 -19.97
CA ARG C 190 -11.25 -23.17 -20.45
C ARG C 190 -12.28 -22.72 -19.42
N ARG C 191 -13.23 -21.90 -19.85
CA ARG C 191 -14.11 -21.18 -18.92
C ARG C 191 -15.19 -22.11 -18.36
N LEU C 192 -15.23 -22.24 -17.03
CA LEU C 192 -16.34 -22.85 -16.31
C LEU C 192 -17.36 -21.78 -15.96
N ARG C 193 -18.64 -22.09 -16.11
CA ARG C 193 -19.71 -21.19 -15.72
C ARG C 193 -20.75 -21.94 -14.90
N ASP C 194 -21.48 -21.18 -14.09
CA ASP C 194 -22.52 -21.74 -13.24
C ASP C 194 -23.46 -22.62 -14.06
N GLY C 195 -23.70 -23.83 -13.57
CA GLY C 195 -24.61 -24.75 -14.20
C GLY C 195 -24.06 -25.57 -15.34
N ASP C 196 -22.80 -25.34 -15.75
CA ASP C 196 -22.17 -26.21 -16.75
C ASP C 196 -22.14 -27.64 -16.26
N ALA C 197 -22.53 -28.58 -17.12
CA ALA C 197 -22.43 -29.99 -16.83
C ALA C 197 -21.08 -30.51 -17.33
N LEU C 198 -20.30 -31.05 -16.40
CA LEU C 198 -19.00 -31.62 -16.73
C LEU C 198 -19.05 -33.14 -16.70
N SER C 199 -18.57 -33.78 -17.75
CA SER C 199 -18.46 -35.24 -17.80
CA SER C 199 -18.46 -35.23 -17.80
C SER C 199 -17.07 -35.63 -17.29
N ILE C 200 -17.02 -36.24 -16.12
CA ILE C 200 -15.76 -36.70 -15.56
C ILE C 200 -15.94 -38.17 -15.25
N GLY C 201 -15.29 -39.02 -16.02
CA GLY C 201 -15.46 -40.44 -15.83
C GLY C 201 -16.90 -40.85 -16.04
N ALA C 202 -17.44 -41.60 -15.09
CA ALA C 202 -18.75 -42.20 -15.23
C ALA C 202 -19.87 -41.30 -14.73
N ARG C 203 -19.58 -40.03 -14.44
CA ARG C 203 -20.48 -39.14 -13.74
C ARG C 203 -20.58 -37.80 -14.45
N THR C 204 -21.67 -37.10 -14.14
CA THR C 204 -21.83 -35.68 -14.45
C THR C 204 -21.62 -34.89 -13.17
N TRP C 205 -20.70 -33.92 -13.22
CA TRP C 205 -20.55 -32.94 -12.16
C TRP C 205 -21.09 -31.60 -12.66
N ARG C 206 -21.82 -30.89 -11.79
CA ARG C 206 -22.33 -29.57 -12.13
C ARG C 206 -21.50 -28.49 -11.45
N VAL C 207 -21.20 -27.44 -12.20
CA VAL C 207 -20.57 -26.26 -11.63
C VAL C 207 -21.60 -25.50 -10.80
N VAL C 208 -21.26 -25.21 -9.56
CA VAL C 208 -22.11 -24.43 -8.66
C VAL C 208 -21.29 -23.23 -8.19
N THR C 209 -21.62 -22.03 -8.69
CA THR C 209 -20.76 -20.90 -8.35
C THR C 209 -21.14 -20.34 -6.98
N GLY C 210 -20.16 -19.79 -6.29
CA GLY C 210 -20.38 -19.24 -4.96
C GLY C 210 -19.69 -17.89 -4.86
N PHE C 211 -20.30 -17.01 -4.08
CA PHE C 211 -19.81 -15.64 -3.99
C PHE C 211 -19.56 -15.23 -2.55
N GLY C 212 -18.79 -14.15 -2.39
CA GLY C 212 -18.50 -13.62 -1.06
C GLY C 212 -17.14 -14.02 -0.50
N HIS C 213 -16.60 -15.17 -0.92
CA HIS C 213 -15.26 -15.59 -0.52
C HIS C 213 -14.21 -15.26 -1.56
N SER C 214 -14.60 -15.34 -2.83
CA SER C 214 -13.73 -15.11 -3.97
C SER C 214 -14.64 -14.77 -5.14
N PRO C 215 -14.08 -14.31 -6.28
CA PRO C 215 -14.93 -13.74 -7.34
C PRO C 215 -16.06 -14.63 -7.84
N GLU C 216 -15.82 -15.93 -8.00
CA GLU C 216 -16.72 -16.81 -8.75
C GLU C 216 -16.30 -18.24 -8.44
N HIS C 217 -16.49 -18.63 -7.18
CA HIS C 217 -15.94 -19.88 -6.68
C HIS C 217 -16.66 -21.06 -7.31
N CYS C 218 -15.90 -22.05 -7.79
CA CYS C 218 -16.48 -23.22 -8.44
C CYS C 218 -16.49 -24.38 -7.44
N ALA C 219 -17.68 -24.72 -6.93
CA ALA C 219 -17.92 -26.03 -6.32
C ALA C 219 -18.41 -26.98 -7.41
N LEU C 220 -18.10 -28.27 -7.26
CA LEU C 220 -18.52 -29.29 -8.21
C LEU C 220 -19.49 -30.24 -7.51
N HIS C 221 -20.71 -30.36 -8.05
CA HIS C 221 -21.74 -31.19 -7.45
C HIS C 221 -22.07 -32.37 -8.37
N ALA C 222 -21.80 -33.59 -7.88
CA ALA C 222 -22.25 -34.80 -8.57
C ALA C 222 -23.60 -35.18 -7.96
N GLU C 223 -24.67 -34.72 -8.60
CA GLU C 223 -26.01 -34.76 -7.99
C GLU C 223 -26.60 -36.17 -8.00
N ALA C 224 -26.38 -36.94 -9.07
CA ALA C 224 -26.92 -38.30 -9.11
C ALA C 224 -26.32 -39.17 -8.02
N ASP C 225 -25.03 -39.02 -7.76
CA ASP C 225 -24.34 -39.89 -6.81
CA ASP C 225 -24.30 -39.87 -6.82
C ASP C 225 -24.16 -39.26 -5.43
N GLY C 226 -24.49 -37.98 -5.26
CA GLY C 226 -24.48 -37.36 -3.95
C GLY C 226 -23.10 -37.02 -3.40
N VAL C 227 -22.28 -36.36 -4.21
CA VAL C 227 -20.95 -35.93 -3.79
C VAL C 227 -20.78 -34.46 -4.17
N LEU C 228 -20.18 -33.70 -3.26
CA LEU C 228 -19.95 -32.27 -3.43
C LEU C 228 -18.49 -31.93 -3.12
N ILE C 229 -17.77 -31.48 -4.13
CA ILE C 229 -16.46 -30.84 -3.93
C ILE C 229 -16.73 -29.38 -3.59
N SER C 230 -16.56 -29.00 -2.32
CA SER C 230 -17.06 -27.72 -1.84
C SER C 230 -16.01 -26.61 -1.84
N GLY C 231 -14.77 -26.91 -2.25
CA GLY C 231 -13.73 -25.87 -2.24
C GLY C 231 -13.57 -25.30 -0.84
N ASP C 232 -13.50 -23.97 -0.74
CA ASP C 232 -13.46 -23.27 0.53
C ASP C 232 -14.83 -22.80 1.01
N MET C 233 -15.90 -23.05 0.22
CA MET C 233 -17.19 -22.46 0.56
C MET C 233 -17.84 -23.12 1.76
N VAL C 234 -17.65 -24.42 1.95
CA VAL C 234 -18.15 -25.16 3.12
C VAL C 234 -17.03 -26.00 3.69
N LEU C 235 -16.55 -25.64 4.88
CA LEU C 235 -15.46 -26.37 5.55
C LEU C 235 -15.95 -26.85 6.91
N PRO C 236 -15.65 -28.09 7.30
CA PRO C 236 -16.29 -28.62 8.52
C PRO C 236 -15.72 -28.07 9.82
N ARG C 237 -14.44 -27.70 9.88
CA ARG C 237 -13.83 -27.28 11.14
C ARG C 237 -13.62 -25.78 11.26
N ILE C 238 -13.57 -25.05 10.14
CA ILE C 238 -13.24 -23.64 10.20
C ILE C 238 -14.24 -22.83 9.38
N SER C 239 -14.32 -21.54 9.70
CA SER C 239 -15.16 -20.65 8.93
C SER C 239 -14.49 -20.28 7.61
N THR C 240 -15.31 -19.83 6.67
CA THR C 240 -14.83 -19.37 5.38
C THR C 240 -14.55 -17.87 5.46
N ASN C 241 -13.39 -17.44 4.98
CA ASN C 241 -13.03 -16.03 5.09
C ASN C 241 -13.91 -15.17 4.21
N VAL C 242 -14.52 -14.16 4.81
CA VAL C 242 -15.34 -13.18 4.12
CA VAL C 242 -15.32 -13.17 4.10
C VAL C 242 -14.83 -11.81 4.53
N SER C 243 -14.31 -11.03 3.58
CA SER C 243 -13.63 -9.80 3.94
C SER C 243 -13.92 -8.72 2.91
N VAL C 244 -13.96 -7.46 3.37
CA VAL C 244 -14.02 -6.29 2.49
C VAL C 244 -12.62 -5.77 2.28
N PHE C 245 -12.18 -5.72 1.02
CA PHE C 245 -10.82 -5.31 0.62
C PHE C 245 -10.85 -3.96 -0.09
N ASP C 246 -9.65 -3.38 -0.24
CA ASP C 246 -9.52 -2.04 -0.80
CA ASP C 246 -9.54 -2.03 -0.79
C ASP C 246 -10.06 -1.97 -2.22
N ILE C 247 -9.88 -3.03 -3.00
CA ILE C 247 -10.23 -3.00 -4.43
C ILE C 247 -11.73 -2.85 -4.63
N GLU C 248 -12.52 -3.33 -3.68
CA GLU C 248 -13.97 -3.20 -3.74
C GLU C 248 -14.43 -2.64 -2.40
N PRO C 249 -14.19 -1.34 -2.18
CA PRO C 249 -14.28 -0.80 -0.81
C PRO C 249 -15.68 -0.69 -0.26
N GLU C 250 -16.71 -0.83 -1.10
CA GLU C 250 -18.09 -0.86 -0.62
C GLU C 250 -18.71 -2.24 -0.79
N GLY C 251 -17.88 -3.28 -0.88
CA GLY C 251 -18.40 -4.61 -1.14
C GLY C 251 -19.27 -5.14 -0.03
N ASN C 252 -20.15 -6.08 -0.38
CA ASN C 252 -21.03 -6.74 0.58
C ASN C 252 -20.79 -8.25 0.56
N PRO C 253 -19.57 -8.70 0.85
CA PRO C 253 -19.27 -10.12 0.65
C PRO C 253 -20.00 -11.03 1.61
N LEU C 254 -20.34 -10.57 2.82
CA LEU C 254 -21.05 -11.45 3.74
C LEU C 254 -22.48 -11.71 3.26
N ALA C 255 -23.16 -10.68 2.76
CA ALA C 255 -24.49 -10.92 2.19
C ALA C 255 -24.39 -11.87 1.00
N LEU C 256 -23.38 -11.67 0.13
CA LEU C 256 -23.17 -12.59 -0.99
C LEU C 256 -22.93 -14.02 -0.50
N TYR C 257 -22.11 -14.17 0.55
CA TYR C 257 -21.78 -15.53 1.04
C TYR C 257 -23.01 -16.21 1.64
N LEU C 258 -23.74 -15.51 2.52
CA LEU C 258 -24.90 -16.14 3.14
C LEU C 258 -25.95 -16.51 2.11
N GLU C 259 -26.12 -15.68 1.08
CA GLU C 259 -27.05 -16.02 0.00
C GLU C 259 -26.55 -17.24 -0.78
N SER C 260 -25.24 -17.33 -0.99
CA SER C 260 -24.65 -18.44 -1.73
C SER C 260 -24.84 -19.76 -0.99
N LEU C 261 -24.88 -19.71 0.35
CA LEU C 261 -25.01 -20.96 1.09
C LEU C 261 -26.35 -21.64 0.83
N GLY C 262 -27.34 -20.90 0.36
CA GLY C 262 -28.63 -21.50 0.07
C GLY C 262 -28.57 -22.56 -1.01
N ARG C 263 -27.59 -22.46 -1.92
CA ARG C 263 -27.44 -23.46 -2.96
C ARG C 263 -27.18 -24.85 -2.39
N TYR C 264 -26.46 -24.94 -1.26
CA TYR C 264 -26.15 -26.25 -0.71
C TYR C 264 -27.27 -26.79 0.19
N GLU C 265 -28.12 -25.91 0.71
CA GLU C 265 -29.19 -26.36 1.59
C GLU C 265 -30.30 -27.07 0.83
N THR C 266 -30.39 -26.88 -0.49
CA THR C 266 -31.35 -27.61 -1.29
C THR C 266 -30.76 -28.88 -1.89
N MET C 267 -29.45 -29.13 -1.71
CA MET C 267 -28.89 -30.42 -2.13
C MET C 267 -29.31 -31.51 -1.14
N ALA C 268 -29.11 -32.76 -1.53
CA ALA C 268 -29.57 -33.86 -0.67
C ALA C 268 -28.88 -33.80 0.71
N ALA C 269 -29.62 -34.10 1.77
CA ALA C 269 -29.04 -33.99 3.11
C ALA C 269 -27.94 -35.02 3.35
N ASP C 270 -27.91 -36.10 2.58
CA ASP C 270 -26.90 -37.14 2.76
C ASP C 270 -25.72 -36.96 1.80
N THR C 271 -25.57 -35.76 1.25
CA THR C 271 -24.45 -35.45 0.36
C THR C 271 -23.12 -35.68 1.08
N LEU C 272 -22.22 -36.41 0.43
CA LEU C 272 -20.85 -36.53 0.93
C LEU C 272 -20.07 -35.29 0.51
N VAL C 273 -19.58 -34.53 1.49
CA VAL C 273 -18.94 -33.25 1.21
C VAL C 273 -17.43 -33.46 1.25
N LEU C 274 -16.75 -33.00 0.19
CA LEU C 274 -15.30 -33.09 0.07
C LEU C 274 -14.72 -31.68 0.19
N PRO C 275 -14.35 -31.25 1.40
CA PRO C 275 -13.89 -29.88 1.61
C PRO C 275 -12.41 -29.74 1.36
N SER C 276 -11.99 -28.52 1.06
CA SER C 276 -10.57 -28.28 0.79
C SER C 276 -9.72 -28.33 2.05
N HIS C 277 -10.35 -28.26 3.22
CA HIS C 277 -9.64 -28.34 4.48
C HIS C 277 -10.51 -29.06 5.48
N GLY C 278 -9.89 -29.90 6.30
CA GLY C 278 -10.64 -30.78 7.18
C GLY C 278 -10.78 -32.15 6.56
N LYS C 279 -11.83 -32.87 6.90
CA LYS C 279 -12.02 -34.23 6.42
C LYS C 279 -13.34 -34.36 5.68
N PRO C 280 -13.47 -35.34 4.77
CA PRO C 280 -14.77 -35.60 4.16
C PRO C 280 -15.82 -35.81 5.24
N PHE C 281 -17.02 -35.27 5.02
CA PHE C 281 -18.02 -35.36 6.07
C PHE C 281 -19.42 -35.39 5.48
N ARG C 282 -20.37 -35.88 6.29
CA ARG C 282 -21.78 -35.68 6.04
C ARG C 282 -22.38 -34.82 7.15
N GLY C 283 -23.51 -34.22 6.84
CA GLY C 283 -24.08 -33.17 7.66
C GLY C 283 -23.94 -31.82 6.98
N LEU C 284 -24.04 -31.80 5.65
CA LEU C 284 -23.96 -30.55 4.90
C LEU C 284 -24.93 -29.51 5.45
N HIS C 285 -26.20 -29.87 5.60
CA HIS C 285 -27.18 -28.92 6.09
C HIS C 285 -26.87 -28.50 7.52
N THR C 286 -26.42 -29.46 8.33
CA THR C 286 -26.02 -29.12 9.71
C THR C 286 -24.90 -28.09 9.73
N ARG C 287 -23.89 -28.26 8.88
CA ARG C 287 -22.77 -27.31 8.86
C ARG C 287 -23.21 -25.95 8.35
N ILE C 288 -24.09 -25.91 7.34
CA ILE C 288 -24.61 -24.62 6.88
CA ILE C 288 -24.57 -24.61 6.89
C ILE C 288 -25.35 -23.91 8.01
N GLY C 289 -26.15 -24.66 8.76
CA GLY C 289 -26.85 -24.07 9.89
C GLY C 289 -25.89 -23.50 10.91
N GLN C 290 -24.80 -24.22 11.19
CA GLN C 290 -23.78 -23.73 12.11
C GLN C 290 -23.17 -22.41 11.63
N LEU C 291 -22.89 -22.32 10.32
CA LEU C 291 -22.28 -21.12 9.78
C LEU C 291 -23.26 -19.95 9.82
N ARG C 292 -24.52 -20.19 9.52
CA ARG C 292 -25.51 -19.12 9.64
C ARG C 292 -25.68 -18.68 11.08
N ASP C 293 -25.73 -19.62 12.02
CA ASP C 293 -25.77 -19.26 13.44
C ASP C 293 -24.56 -18.42 13.82
N HIS C 294 -23.38 -18.81 13.33
CA HIS C 294 -22.15 -18.11 13.66
C HIS C 294 -22.21 -16.65 13.22
N HIS C 295 -22.61 -16.41 11.97
CA HIS C 295 -22.65 -15.03 11.50
C HIS C 295 -23.78 -14.25 12.13
N ALA C 296 -24.93 -14.88 12.40
CA ALA C 296 -25.99 -14.20 13.14
C ALA C 296 -25.48 -13.69 14.47
N ALA C 297 -24.66 -14.50 15.17
CA ALA C 297 -24.16 -14.09 16.48
C ALA C 297 -23.17 -12.94 16.35
N ARG C 298 -22.31 -12.97 15.32
CA ARG C 298 -21.37 -11.88 15.09
C ARG C 298 -22.09 -10.59 14.74
N LEU C 299 -23.07 -10.69 13.83
CA LEU C 299 -23.85 -9.50 13.49
C LEU C 299 -24.51 -8.91 14.73
N ALA C 300 -25.00 -9.77 15.63
CA ALA C 300 -25.63 -9.26 16.85
C ALA C 300 -24.63 -8.47 17.68
N GLU C 301 -23.37 -8.93 17.74
CA GLU C 301 -22.35 -8.20 18.49
C GLU C 301 -22.04 -6.86 17.85
N VAL C 302 -22.03 -6.80 16.51
CA VAL C 302 -21.76 -5.55 15.83
C VAL C 302 -22.89 -4.56 16.09
N ARG C 303 -24.14 -5.03 15.99
CA ARG C 303 -25.28 -4.18 16.35
C ARG C 303 -25.10 -3.58 17.75
N ALA C 304 -24.80 -4.45 18.73
CA ALA C 304 -24.65 -3.97 20.11
C ALA C 304 -23.56 -2.93 20.21
N ALA C 305 -22.39 -3.20 19.62
CA ALA C 305 -21.28 -2.25 19.70
C ALA C 305 -21.65 -0.90 19.09
N CYS C 306 -22.32 -0.92 17.94
CA CYS C 306 -22.65 0.32 17.24
C CYS C 306 -23.82 1.05 17.88
N ALA C 307 -24.59 0.39 18.75
CA ALA C 307 -25.60 1.10 19.52
C ALA C 307 -24.98 1.93 20.64
N ASP C 308 -23.85 1.47 21.19
CA ASP C 308 -23.18 2.21 22.25
C ASP C 308 -22.44 3.43 21.72
N LYS C 309 -21.82 3.33 20.55
CA LYS C 309 -20.98 4.39 20.00
C LYS C 309 -20.79 4.15 18.52
N PRO C 310 -20.48 5.19 17.75
CA PRO C 310 -20.04 4.96 16.37
C PRO C 310 -18.77 4.13 16.38
N CYS C 311 -18.76 3.06 15.58
CA CYS C 311 -17.65 2.13 15.56
C CYS C 311 -17.05 2.04 14.16
N SER C 312 -15.73 2.08 14.10
CA SER C 312 -14.98 1.69 12.92
C SER C 312 -14.72 0.18 12.95
N ALA C 313 -14.25 -0.35 11.81
CA ALA C 313 -13.82 -1.75 11.79
C ALA C 313 -12.75 -2.02 12.83
N ALA C 314 -11.83 -1.06 13.03
CA ALA C 314 -10.83 -1.23 14.07
C ALA C 314 -11.48 -1.36 15.44
N ASP C 315 -12.58 -0.64 15.67
CA ASP C 315 -13.27 -0.75 16.96
C ASP C 315 -13.91 -2.12 17.13
N ILE C 316 -14.34 -2.74 16.04
CA ILE C 316 -15.04 -4.03 16.11
C ILE C 316 -14.06 -5.18 16.32
N VAL C 317 -12.82 -5.05 15.84
CA VAL C 317 -11.87 -6.16 15.90
C VAL C 317 -11.71 -6.73 17.31
N PRO C 318 -11.44 -5.93 18.36
CA PRO C 318 -11.32 -6.53 19.71
C PRO C 318 -12.55 -7.28 20.19
N ILE C 319 -13.70 -7.08 19.55
CA ILE C 319 -14.89 -7.80 19.99
C ILE C 319 -14.95 -9.18 19.35
N MET C 320 -14.68 -9.26 18.05
CA MET C 320 -14.67 -10.54 17.34
C MET C 320 -13.42 -11.37 17.61
N PHE C 321 -12.31 -10.71 17.94
CA PHE C 321 -11.01 -11.38 18.11
C PHE C 321 -10.40 -10.85 19.39
N ARG C 322 -10.14 -11.75 20.35
CA ARG C 322 -9.69 -11.34 21.67
C ARG C 322 -8.18 -11.45 21.84
N ARG C 323 -7.48 -12.14 20.94
CA ARG C 323 -6.03 -12.24 21.04
C ARG C 323 -5.36 -11.04 20.38
N ALA C 324 -4.31 -10.53 21.01
CA ALA C 324 -3.55 -9.43 20.43
C ALA C 324 -2.93 -9.87 19.11
N LEU C 325 -3.08 -9.04 18.08
CA LEU C 325 -2.88 -9.45 16.70
C LEU C 325 -1.65 -8.78 16.09
N ASP C 326 -0.95 -9.52 15.23
CA ASP C 326 0.12 -8.92 14.45
C ASP C 326 -0.49 -8.31 13.19
N ILE C 327 0.35 -7.85 12.27
CA ILE C 327 -0.17 -7.01 11.19
C ILE C 327 -0.99 -7.82 10.20
N HIS C 328 -0.55 -9.03 9.87
CA HIS C 328 -1.34 -9.87 8.96
C HIS C 328 -2.65 -10.29 9.62
N GLN C 329 -2.61 -10.64 10.91
CA GLN C 329 -3.84 -10.99 11.61
C GLN C 329 -4.77 -9.80 11.76
N MET C 330 -4.22 -8.59 11.90
CA MET C 330 -5.05 -7.42 12.07
C MET C 330 -5.80 -7.06 10.80
N THR C 331 -5.13 -7.13 9.65
CA THR C 331 -5.80 -6.76 8.40
C THR C 331 -6.90 -7.77 8.06
N PHE C 332 -6.63 -9.05 8.30
CA PHE C 332 -7.69 -10.01 8.03
CA PHE C 332 -7.64 -10.09 8.12
C PHE C 332 -8.85 -9.83 9.01
N ALA C 333 -8.58 -9.54 10.29
CA ALA C 333 -9.66 -9.30 11.24
C ALA C 333 -10.45 -8.03 10.88
N MET C 334 -9.75 -6.96 10.48
CA MET C 334 -10.46 -5.76 10.07
C MET C 334 -11.33 -6.02 8.85
N GLY C 335 -10.84 -6.81 7.89
CA GLY C 335 -11.63 -7.12 6.72
C GLY C 335 -12.91 -7.86 7.06
N GLU C 336 -12.83 -8.81 8.00
CA GLU C 336 -14.04 -9.54 8.38
C GLU C 336 -14.98 -8.68 9.21
N ALA C 337 -14.43 -7.84 10.09
CA ALA C 337 -15.28 -6.90 10.81
C ALA C 337 -16.02 -5.99 9.83
N LEU C 338 -15.31 -5.47 8.83
CA LEU C 338 -15.95 -4.57 7.88
C LEU C 338 -17.04 -5.29 7.08
N ALA C 339 -16.83 -6.57 6.78
CA ALA C 339 -17.88 -7.33 6.10
C ALA C 339 -19.16 -7.36 6.91
N HIS C 340 -19.03 -7.49 8.24
CA HIS C 340 -20.23 -7.55 9.07
C HIS C 340 -20.87 -6.17 9.20
N LEU C 341 -20.06 -5.13 9.36
CA LEU C 341 -20.56 -3.76 9.34
C LEU C 341 -21.28 -3.46 8.02
N HIS C 342 -20.70 -3.89 6.89
CA HIS C 342 -21.28 -3.55 5.61
C HIS C 342 -22.61 -4.25 5.37
N LEU C 343 -22.74 -5.51 5.80
CA LEU C 343 -24.04 -6.16 5.68
C LEU C 343 -25.11 -5.36 6.39
N LEU C 344 -24.82 -4.95 7.63
CA LEU C 344 -25.83 -4.22 8.39
C LEU C 344 -26.09 -2.84 7.79
N TRP C 345 -25.03 -2.15 7.37
CA TRP C 345 -25.17 -0.84 6.74
C TRP C 345 -26.02 -0.91 5.48
N LEU C 346 -25.72 -1.85 4.60
CA LEU C 346 -26.38 -1.88 3.29
C LEU C 346 -27.81 -2.38 3.37
N GLN C 347 -28.25 -3.00 4.47
CA GLN C 347 -29.67 -3.28 4.62
C GLN C 347 -30.36 -2.29 5.55
N GLY C 348 -29.71 -1.16 5.83
CA GLY C 348 -30.35 -0.05 6.50
C GLY C 348 -30.35 -0.08 8.01
N GLU C 349 -29.58 -0.98 8.63
CA GLU C 349 -29.54 -1.06 10.09
C GLU C 349 -28.44 -0.21 10.70
N LEU C 350 -27.53 0.30 9.89
CA LEU C 350 -26.49 1.20 10.36
C LEU C 350 -26.41 2.40 9.44
N THR C 351 -25.95 3.51 9.99
CA THR C 351 -25.62 4.71 9.23
C THR C 351 -24.11 4.82 9.17
N ARG C 352 -23.57 4.99 7.96
CA ARG C 352 -22.13 5.12 7.79
C ARG C 352 -21.77 6.61 7.81
N VAL C 353 -20.80 6.95 8.64
CA VAL C 353 -20.40 8.34 8.85
C VAL C 353 -18.92 8.45 8.53
N GLN C 354 -18.58 9.32 7.57
CA GLN C 354 -17.19 9.57 7.24
CA GLN C 354 -17.19 9.58 7.22
C GLN C 354 -16.68 10.68 8.16
N GLY C 355 -15.92 10.30 9.18
CA GLY C 355 -15.51 11.25 10.18
C GLY C 355 -14.63 12.36 9.61
N GLU C 356 -14.71 13.52 10.26
CA GLU C 356 -13.83 14.63 9.87
C GLU C 356 -12.35 14.25 10.02
N ASP C 357 -12.04 13.30 10.91
CA ASP C 357 -10.67 12.80 11.04
C ASP C 357 -10.31 11.78 9.96
N GLY C 358 -11.19 11.52 9.01
CA GLY C 358 -10.90 10.61 7.92
C GLY C 358 -11.23 9.16 8.18
N VAL C 359 -11.72 8.81 9.36
CA VAL C 359 -12.06 7.44 9.71
C VAL C 359 -13.56 7.22 9.49
N ILE C 360 -13.89 6.12 8.84
CA ILE C 360 -15.28 5.70 8.62
C ILE C 360 -15.79 4.97 9.86
N ARG C 361 -16.97 5.39 10.36
CA ARG C 361 -17.61 4.76 11.50
C ARG C 361 -19.07 4.46 11.16
N PHE C 362 -19.65 3.52 11.91
CA PHE C 362 -21.02 3.09 11.70
C PHE C 362 -21.81 3.23 13.00
N ARG C 363 -23.04 3.72 12.91
CA ARG C 363 -23.85 3.96 14.10
C ARG C 363 -25.27 3.49 13.87
N ALA C 364 -25.92 3.09 14.96
CA ALA C 364 -27.34 2.74 14.95
C ALA C 364 -28.18 3.90 14.46
N HIS D 4 -8.93 -1.28 -36.75
CA HIS D 4 -8.92 -2.47 -37.58
C HIS D 4 -10.19 -3.31 -37.43
N HIS D 5 -11.14 -2.79 -36.66
CA HIS D 5 -12.42 -3.47 -36.46
C HIS D 5 -13.39 -3.14 -37.59
N HIS D 6 -14.23 -4.11 -37.94
CA HIS D 6 -15.23 -3.95 -38.98
C HIS D 6 -16.42 -4.82 -38.64
N HIS D 7 -17.58 -4.49 -39.23
CA HIS D 7 -18.84 -5.06 -38.78
C HIS D 7 -19.72 -5.38 -39.99
N HIS D 8 -20.74 -6.21 -39.76
CA HIS D 8 -21.74 -6.52 -40.77
C HIS D 8 -22.88 -5.51 -40.69
N MET D 9 -23.18 -4.86 -41.80
CA MET D 9 -24.22 -3.83 -41.84
C MET D 9 -25.60 -4.47 -41.96
N ASN D 10 -26.60 -3.73 -41.45
CA ASN D 10 -27.98 -4.22 -41.40
C ASN D 10 -28.76 -3.65 -42.58
N ALA D 11 -29.02 -4.50 -43.57
CA ALA D 11 -29.84 -4.11 -44.72
C ALA D 11 -31.32 -4.06 -44.41
N LEU D 12 -31.73 -4.39 -43.18
CA LEU D 12 -33.13 -4.37 -42.76
C LEU D 12 -33.40 -3.31 -41.70
N GLU D 13 -32.65 -2.20 -41.75
CA GLU D 13 -32.85 -1.08 -40.85
C GLU D 13 -34.27 -0.52 -40.91
N HIS D 14 -34.85 -0.47 -42.12
CA HIS D 14 -36.18 0.14 -42.26
C HIS D 14 -37.22 -0.56 -41.41
N GLN D 15 -36.99 -1.81 -41.04
CA GLN D 15 -37.89 -2.54 -40.14
C GLN D 15 -37.85 -2.04 -38.70
N LEU D 16 -36.88 -1.20 -38.36
CA LEU D 16 -36.80 -0.58 -37.05
C LEU D 16 -37.35 0.84 -37.09
N ASP D 17 -37.76 1.33 -35.93
CA ASP D 17 -38.33 2.67 -35.80
C ASP D 17 -37.35 3.58 -35.08
N TYR D 18 -37.00 4.69 -35.70
CA TYR D 18 -36.13 5.67 -35.06
C TYR D 18 -36.97 6.84 -34.58
N PRO D 19 -37.29 6.92 -33.29
CA PRO D 19 -38.21 7.96 -32.80
C PRO D 19 -37.69 9.38 -32.98
N PHE D 20 -36.39 9.57 -33.14
CA PHE D 20 -35.84 10.91 -33.35
C PHE D 20 -35.30 11.09 -34.77
N ALA D 21 -35.70 10.21 -35.69
CA ALA D 21 -35.39 10.26 -37.12
C ALA D 21 -33.87 10.30 -37.29
N ASP D 22 -33.31 11.28 -37.98
CA ASP D 22 -31.87 11.40 -38.17
C ASP D 22 -31.24 12.41 -37.21
N GLY D 23 -31.99 12.89 -36.22
CA GLY D 23 -31.45 13.86 -35.30
C GLY D 23 -30.47 13.24 -34.32
N MET D 24 -29.38 13.94 -34.07
CA MET D 24 -28.35 13.55 -33.12
C MET D 24 -27.82 14.80 -32.44
N PRO D 25 -27.22 14.67 -31.26
CA PRO D 25 -26.58 15.82 -30.61
C PRO D 25 -25.20 16.07 -31.20
N ALA D 26 -24.92 17.33 -31.55
CA ALA D 26 -23.57 17.69 -31.95
C ALA D 26 -22.59 17.41 -30.80
N ALA D 27 -21.33 17.21 -31.16
CA ALA D 27 -20.28 17.00 -30.17
C ALA D 27 -20.32 18.08 -29.10
N GLY D 28 -20.21 17.67 -27.85
CA GLY D 28 -20.25 18.62 -26.75
C GLY D 28 -21.63 18.99 -26.25
N THR D 29 -22.70 18.47 -26.85
CA THR D 29 -24.06 18.80 -26.47
C THR D 29 -24.82 17.52 -26.12
N THR D 30 -25.97 17.71 -25.49
CA THR D 30 -26.83 16.61 -25.05
C THR D 30 -28.21 16.74 -25.67
N GLN D 31 -28.88 15.60 -25.81
CA GLN D 31 -30.25 15.55 -26.30
C GLN D 31 -31.06 14.59 -25.43
N GLU D 32 -32.20 15.06 -24.95
CA GLU D 32 -33.05 14.22 -24.11
C GLU D 32 -33.74 13.15 -24.95
N VAL D 33 -33.56 11.88 -24.58
CA VAL D 33 -34.22 10.77 -25.25
C VAL D 33 -35.36 10.20 -24.40
N ALA D 34 -35.34 10.45 -23.10
CA ALA D 34 -36.43 10.10 -22.19
C ALA D 34 -36.32 11.01 -20.98
N PRO D 35 -37.39 11.15 -20.19
CA PRO D 35 -37.31 12.05 -19.02
C PRO D 35 -36.14 11.73 -18.10
N GLY D 36 -35.19 12.66 -17.99
CA GLY D 36 -34.01 12.45 -17.17
C GLY D 36 -32.94 11.59 -17.80
N VAL D 37 -33.04 11.28 -19.08
CA VAL D 37 -32.04 10.46 -19.78
C VAL D 37 -31.55 11.27 -20.98
N TYR D 38 -30.25 11.52 -21.03
CA TYR D 38 -29.68 12.36 -22.07
C TYR D 38 -28.62 11.61 -22.88
N TRP D 39 -28.56 11.92 -24.17
CA TRP D 39 -27.76 11.22 -25.16
C TRP D 39 -26.53 12.05 -25.50
N LEU D 40 -25.34 11.46 -25.34
CA LEU D 40 -24.08 12.03 -25.80
C LEU D 40 -23.55 11.21 -26.96
N ARG D 41 -23.06 11.88 -27.99
CA ARG D 41 -22.45 11.21 -29.13
C ARG D 41 -21.02 11.72 -29.26
N MET D 42 -20.07 10.85 -28.98
CA MET D 42 -18.65 11.11 -29.04
C MET D 42 -18.06 10.57 -30.32
N PRO D 43 -17.12 11.30 -30.93
CA PRO D 43 -16.47 10.81 -32.14
C PRO D 43 -15.45 9.73 -31.83
N LEU D 44 -15.37 8.75 -32.73
CA LEU D 44 -14.30 7.78 -32.70
C LEU D 44 -13.52 7.85 -34.00
N PRO D 45 -12.21 7.60 -33.97
CA PRO D 45 -11.41 7.68 -35.20
C PRO D 45 -11.38 6.41 -36.02
N PHE D 46 -12.34 5.51 -35.83
CA PHE D 46 -12.33 4.22 -36.49
C PHE D 46 -13.41 4.16 -37.58
N ALA D 47 -13.49 3.01 -38.24
CA ALA D 47 -14.59 2.76 -39.18
C ALA D 47 -15.93 2.96 -38.50
N LEU D 48 -16.07 2.45 -37.28
CA LEU D 48 -17.13 2.88 -36.39
C LEU D 48 -16.72 4.25 -35.87
N ASP D 49 -17.43 5.30 -36.30
CA ASP D 49 -16.92 6.65 -36.12
C ASP D 49 -17.53 7.36 -34.91
N HIS D 50 -18.11 6.62 -33.96
CA HIS D 50 -18.79 7.26 -32.85
C HIS D 50 -19.12 6.23 -31.79
N ILE D 51 -19.36 6.73 -30.59
CA ILE D 51 -20.00 5.94 -29.52
C ILE D 51 -21.02 6.84 -28.83
N ASN D 52 -22.18 6.26 -28.51
CA ASN D 52 -23.22 6.96 -27.75
C ASN D 52 -23.00 6.74 -26.27
N LEU D 53 -22.94 7.83 -25.50
CA LEU D 53 -22.85 7.78 -24.05
C LEU D 53 -24.10 8.38 -23.43
N TRP D 54 -24.38 8.02 -22.17
CA TRP D 54 -25.64 8.38 -21.54
C TRP D 54 -25.39 9.17 -20.26
N LEU D 55 -26.17 10.23 -20.09
CA LEU D 55 -26.14 11.07 -18.90
C LEU D 55 -27.49 10.96 -18.22
N LEU D 56 -27.51 10.40 -17.01
CA LEU D 56 -28.74 10.16 -16.28
C LEU D 56 -28.83 11.11 -15.10
N ARG D 57 -29.88 11.93 -15.09
CA ARG D 57 -30.18 12.78 -13.96
C ARG D 57 -30.34 11.93 -12.70
N ASP D 58 -29.79 12.39 -11.58
CA ASP D 58 -29.69 11.53 -10.40
C ASP D 58 -29.55 12.38 -9.15
N GLU D 59 -29.57 11.71 -8.00
CA GLU D 59 -29.35 12.33 -6.70
C GLU D 59 -28.93 11.25 -5.73
N ILE D 60 -27.79 11.45 -5.07
CA ILE D 60 -27.22 10.46 -4.15
C ILE D 60 -26.80 11.19 -2.88
N ASP D 61 -27.32 10.73 -1.73
CA ASP D 61 -26.98 11.29 -0.43
C ASP D 61 -27.28 12.80 -0.36
N GLY D 62 -28.33 13.24 -1.05
CA GLY D 62 -28.71 14.64 -1.05
C GLY D 62 -28.03 15.49 -2.08
N GLN D 63 -27.00 14.99 -2.78
CA GLN D 63 -26.32 15.74 -3.82
C GLN D 63 -26.97 15.44 -5.16
N LYS D 64 -27.51 16.47 -5.81
CA LYS D 64 -28.05 16.31 -7.15
C LYS D 64 -26.92 16.32 -8.17
N GLY D 65 -27.07 15.54 -9.22
CA GLY D 65 -26.03 15.44 -10.23
C GLY D 65 -26.30 14.41 -11.29
N TRP D 66 -25.24 13.81 -11.83
CA TRP D 66 -25.35 13.03 -13.04
C TRP D 66 -24.66 11.69 -12.89
N THR D 67 -25.33 10.63 -13.31
CA THR D 67 -24.69 9.32 -13.47
C THR D 67 -24.35 9.14 -14.94
N ILE D 68 -23.07 8.88 -15.22
CA ILE D 68 -22.58 8.68 -16.59
C ILE D 68 -22.60 7.18 -16.89
N VAL D 69 -23.03 6.81 -18.09
CA VAL D 69 -22.91 5.43 -18.57
C VAL D 69 -21.97 5.43 -19.79
N ASP D 70 -20.78 4.84 -19.60
CA ASP D 70 -19.71 4.68 -20.60
C ASP D 70 -19.00 6.01 -20.89
N CYS D 71 -17.78 5.93 -21.44
CA CYS D 71 -16.81 7.01 -21.29
C CYS D 71 -16.13 7.49 -22.56
N GLY D 72 -16.01 6.62 -23.56
CA GLY D 72 -15.22 6.92 -24.74
C GLY D 72 -13.78 6.46 -24.58
N ILE D 73 -13.08 6.38 -25.71
CA ILE D 73 -11.63 6.17 -25.66
C ILE D 73 -10.96 7.43 -25.12
N ALA D 74 -9.75 7.26 -24.59
CA ALA D 74 -8.98 8.38 -24.05
C ALA D 74 -8.27 9.12 -25.19
N SER D 75 -9.05 9.91 -25.94
CA SER D 75 -8.53 10.75 -26.99
C SER D 75 -8.65 12.21 -26.57
N GLY D 76 -7.77 13.04 -27.12
CA GLY D 76 -7.87 14.48 -26.86
C GLY D 76 -9.22 15.05 -27.21
N GLU D 77 -9.79 14.64 -28.36
CA GLU D 77 -11.05 15.22 -28.79
C GLU D 77 -12.20 14.84 -27.88
N ILE D 78 -12.23 13.58 -27.43
CA ILE D 78 -13.32 13.18 -26.55
C ILE D 78 -13.18 13.88 -25.20
N LYS D 79 -11.95 13.99 -24.68
CA LYS D 79 -11.74 14.74 -23.45
C LYS D 79 -12.20 16.19 -23.60
N ALA D 80 -11.84 16.84 -24.71
CA ALA D 80 -12.30 18.20 -24.91
C ALA D 80 -13.83 18.27 -24.95
N ASN D 81 -14.48 17.31 -25.61
CA ASN D 81 -15.94 17.30 -25.66
C ASN D 81 -16.53 17.10 -24.27
N TRP D 82 -15.91 16.26 -23.45
CA TRP D 82 -16.38 16.09 -22.08
C TRP D 82 -16.28 17.40 -21.31
N GLU D 83 -15.14 18.12 -21.43
CA GLU D 83 -15.00 19.39 -20.72
C GLU D 83 -16.07 20.38 -21.13
N THR D 84 -16.35 20.47 -22.42
CA THR D 84 -17.46 21.30 -22.88
C THR D 84 -18.76 20.92 -22.20
N VAL D 85 -19.02 19.62 -22.08
CA VAL D 85 -20.24 19.15 -21.40
C VAL D 85 -20.24 19.61 -19.94
N PHE D 86 -19.13 19.39 -19.23
CA PHE D 86 -19.03 19.85 -17.84
C PHE D 86 -19.33 21.33 -17.73
N ASP D 87 -18.81 22.13 -18.66
CA ASP D 87 -18.90 23.58 -18.58
C ASP D 87 -20.26 24.11 -18.97
N THR D 88 -20.99 23.41 -19.85
CA THR D 88 -22.16 23.99 -20.50
C THR D 88 -23.38 23.09 -20.54
N ALA D 89 -23.25 21.79 -20.29
CA ALA D 89 -24.36 20.87 -20.50
C ALA D 89 -24.73 20.06 -19.28
N LEU D 90 -24.10 20.31 -18.13
CA LEU D 90 -24.41 19.60 -16.90
C LEU D 90 -25.18 20.47 -15.91
N GLU D 91 -25.61 21.66 -16.33
CA GLU D 91 -26.34 22.59 -15.46
C GLU D 91 -25.55 22.93 -14.21
N GLY D 92 -24.22 22.95 -14.33
CA GLY D 92 -23.34 23.21 -13.21
C GLY D 92 -23.21 22.10 -12.19
N LEU D 93 -23.95 20.99 -12.35
CA LEU D 93 -24.01 19.94 -11.35
C LEU D 93 -22.85 18.95 -11.52
N PRO D 94 -22.44 18.27 -10.45
CA PRO D 94 -21.32 17.33 -10.56
C PRO D 94 -21.75 15.97 -11.04
N VAL D 95 -20.78 15.23 -11.57
CA VAL D 95 -20.96 13.81 -11.80
C VAL D 95 -20.88 13.08 -10.46
N LEU D 96 -21.74 12.09 -10.26
CA LEU D 96 -21.89 11.40 -8.99
C LEU D 96 -21.27 10.00 -8.99
N ARG D 97 -21.20 9.36 -10.16
CA ARG D 97 -20.63 8.03 -10.35
C ARG D 97 -20.60 7.75 -11.84
N VAL D 98 -19.82 6.74 -12.21
CA VAL D 98 -19.59 6.35 -13.60
C VAL D 98 -19.89 4.86 -13.70
N ILE D 99 -20.85 4.51 -14.55
CA ILE D 99 -21.18 3.12 -14.81
C ILE D 99 -20.57 2.75 -16.16
N VAL D 100 -19.93 1.58 -16.25
CA VAL D 100 -19.34 1.09 -17.48
C VAL D 100 -19.98 -0.25 -17.84
N THR D 101 -20.48 -0.37 -19.07
CA THR D 101 -21.15 -1.59 -19.51
C THR D 101 -20.18 -2.74 -19.70
N HIS D 102 -19.02 -2.50 -20.31
CA HIS D 102 -18.00 -3.53 -20.49
C HIS D 102 -16.66 -2.87 -20.77
N CYS D 103 -15.60 -3.69 -20.80
CA CYS D 103 -14.23 -3.19 -20.72
C CYS D 103 -13.63 -2.87 -22.08
N HIS D 104 -14.38 -2.97 -23.16
CA HIS D 104 -13.82 -2.61 -24.45
C HIS D 104 -13.42 -1.14 -24.41
N PRO D 105 -12.39 -0.76 -25.18
CA PRO D 105 -11.75 0.55 -24.95
C PRO D 105 -12.67 1.75 -25.15
N ASP D 106 -13.61 1.69 -26.10
CA ASP D 106 -14.50 2.83 -26.29
C ASP D 106 -15.49 3.00 -25.14
N HIS D 107 -15.66 1.99 -24.29
CA HIS D 107 -16.55 2.13 -23.15
C HIS D 107 -15.80 2.44 -21.86
N LEU D 108 -14.61 1.85 -21.68
CA LEU D 108 -13.88 1.97 -20.43
C LEU D 108 -12.76 3.01 -20.47
N GLY D 109 -12.42 3.53 -21.66
CA GLY D 109 -11.16 4.25 -21.82
C GLY D 109 -10.99 5.42 -20.87
N LEU D 110 -11.99 6.29 -20.77
CA LEU D 110 -11.88 7.48 -19.95
C LEU D 110 -12.53 7.32 -18.58
N ALA D 111 -12.83 6.10 -18.14
CA ALA D 111 -13.45 5.92 -16.84
C ALA D 111 -12.59 6.51 -15.73
N ASN D 112 -11.27 6.24 -15.75
CA ASN D 112 -10.41 6.75 -14.70
C ASN D 112 -10.39 8.27 -14.71
N TRP D 113 -10.30 8.85 -15.91
CA TRP D 113 -10.26 10.32 -16.05
C TRP D 113 -11.57 10.94 -15.60
N LEU D 114 -12.70 10.34 -15.98
CA LEU D 114 -14.01 10.82 -15.52
C LEU D 114 -14.16 10.68 -14.01
N CYS D 115 -13.74 9.54 -13.46
CA CYS D 115 -13.89 9.33 -12.02
C CYS D 115 -13.09 10.34 -11.22
N GLU D 116 -11.96 10.80 -11.76
CA GLU D 116 -11.10 11.76 -11.09
C GLU D 116 -11.41 13.21 -11.47
N GLY D 117 -12.54 13.46 -12.12
CA GLY D 117 -13.02 14.81 -12.33
C GLY D 117 -12.53 15.51 -13.58
N GLY D 118 -12.08 14.78 -14.59
CA GLY D 118 -11.68 15.48 -15.82
C GLY D 118 -10.38 16.25 -15.63
N ASP D 119 -10.15 17.22 -16.54
CA ASP D 119 -8.89 17.95 -16.56
C ASP D 119 -8.72 18.83 -15.33
N LYS D 120 -9.82 19.35 -14.76
CA LYS D 120 -9.74 20.24 -13.61
C LYS D 120 -9.90 19.52 -12.29
N LYS D 121 -10.00 18.19 -12.30
CA LYS D 121 -10.20 17.36 -11.12
C LYS D 121 -11.36 17.89 -10.26
N ARG D 122 -12.54 17.91 -10.88
CA ARG D 122 -13.71 18.58 -10.31
C ARG D 122 -14.43 17.77 -9.25
N TRP D 123 -14.19 16.46 -9.20
CA TRP D 123 -14.86 15.56 -8.27
C TRP D 123 -13.99 14.31 -8.16
N ASN D 124 -14.46 13.34 -7.35
CA ASN D 124 -13.71 12.10 -7.15
C ASN D 124 -14.75 11.02 -6.83
N VAL D 125 -15.18 10.30 -7.87
CA VAL D 125 -16.34 9.42 -7.74
C VAL D 125 -15.98 7.99 -8.13
N ARG D 126 -16.95 7.09 -7.92
CA ARG D 126 -16.73 5.65 -7.98
C ARG D 126 -17.16 5.08 -9.33
N LEU D 127 -16.33 4.19 -9.86
CA LEU D 127 -16.67 3.39 -11.03
C LEU D 127 -17.54 2.21 -10.64
N TRP D 128 -18.69 2.05 -11.30
CA TRP D 128 -19.57 0.91 -11.13
C TRP D 128 -19.47 0.02 -12.37
N ILE D 129 -19.18 -1.26 -12.18
CA ILE D 129 -18.85 -2.16 -13.30
C ILE D 129 -18.95 -3.61 -12.83
N THR D 130 -19.21 -4.55 -13.73
CA THR D 130 -19.22 -5.96 -13.30
C THR D 130 -17.79 -6.45 -13.07
N LEU D 131 -17.67 -7.53 -12.28
CA LEU D 131 -16.34 -7.99 -11.89
C LEU D 131 -15.56 -8.53 -13.07
N GLY D 132 -16.23 -9.33 -13.90
CA GLY D 132 -15.56 -9.91 -15.06
C GLY D 132 -15.01 -8.84 -15.98
N GLU D 133 -15.76 -7.75 -16.17
CA GLU D 133 -15.28 -6.68 -17.05
C GLU D 133 -14.17 -5.88 -16.38
N TYR D 134 -14.31 -5.59 -15.08
CA TYR D 134 -13.25 -4.87 -14.39
C TYR D 134 -11.94 -5.65 -14.44
N MET D 135 -11.99 -6.96 -14.18
CA MET D 135 -10.76 -7.73 -14.06
C MET D 135 -10.09 -7.96 -15.42
N LEU D 136 -10.87 -8.25 -16.47
CA LEU D 136 -10.26 -8.34 -17.79
C LEU D 136 -9.71 -6.99 -18.21
N GLY D 137 -10.41 -5.92 -17.85
CA GLY D 137 -9.87 -4.59 -18.06
C GLY D 137 -8.50 -4.41 -17.43
N ARG D 138 -8.38 -4.79 -16.16
CA ARG D 138 -7.09 -4.68 -15.47
C ARG D 138 -6.02 -5.52 -16.16
N VAL D 139 -6.38 -6.74 -16.56
CA VAL D 139 -5.41 -7.61 -17.25
C VAL D 139 -4.91 -6.95 -18.52
N MET D 140 -5.82 -6.47 -19.36
CA MET D 140 -5.42 -5.93 -20.66
CA MET D 140 -5.41 -5.94 -20.65
C MET D 140 -4.75 -4.57 -20.53
N ALA D 141 -5.12 -3.78 -19.53
CA ALA D 141 -4.46 -2.49 -19.34
C ALA D 141 -3.00 -2.65 -18.95
N ALA D 142 -2.62 -3.81 -18.42
CA ALA D 142 -1.23 -4.09 -18.11
C ALA D 142 -0.50 -4.60 -19.34
N GLY D 150 0.39 -9.38 -29.31
CA GLY D 150 1.46 -10.08 -28.62
C GLY D 150 1.89 -11.37 -29.27
N GLU D 151 2.87 -12.05 -28.68
CA GLU D 151 3.35 -13.31 -29.23
C GLU D 151 2.30 -14.41 -29.12
N GLY D 152 1.46 -14.36 -28.09
CA GLY D 152 0.37 -15.33 -28.00
C GLY D 152 -0.60 -15.20 -29.15
N ALA D 153 -0.96 -13.97 -29.51
CA ALA D 153 -1.87 -13.76 -30.64
C ALA D 153 -1.25 -14.25 -31.94
N ALA D 154 0.06 -14.08 -32.11
CA ALA D 154 0.72 -14.52 -33.33
C ALA D 154 0.63 -16.03 -33.49
N ARG D 155 0.97 -16.77 -32.42
CA ARG D 155 0.88 -18.23 -32.49
C ARG D 155 -0.57 -18.68 -32.65
N HIS D 156 -1.50 -17.93 -32.06
CA HIS D 156 -2.93 -18.25 -32.19
C HIS D 156 -3.38 -18.17 -33.64
N PHE D 157 -3.13 -17.04 -34.30
CA PHE D 157 -3.61 -16.92 -35.67
C PHE D 157 -2.85 -17.83 -36.62
N ALA D 158 -1.59 -18.16 -36.32
CA ALA D 158 -0.86 -19.12 -37.14
C ALA D 158 -1.54 -20.49 -37.10
N ARG D 159 -1.88 -20.97 -35.91
CA ARG D 159 -2.50 -22.29 -35.87
C ARG D 159 -3.93 -22.27 -36.37
N HIS D 160 -4.50 -21.11 -36.68
CA HIS D 160 -5.80 -21.05 -37.31
C HIS D 160 -5.72 -20.61 -38.77
N GLY D 161 -4.54 -20.67 -39.37
CA GLY D 161 -4.41 -20.62 -40.81
C GLY D 161 -3.71 -19.41 -41.40
N LEU D 162 -3.25 -18.47 -40.58
CA LEU D 162 -2.50 -17.32 -41.08
C LEU D 162 -1.03 -17.70 -41.16
N ARG D 163 -0.51 -17.86 -42.37
CA ARG D 163 0.84 -18.36 -42.57
C ARG D 163 1.81 -17.34 -43.14
N ASP D 164 1.32 -16.23 -43.69
CA ASP D 164 2.19 -15.19 -44.22
C ASP D 164 3.16 -14.70 -43.16
N GLU D 165 4.46 -14.87 -43.43
CA GLU D 165 5.46 -14.52 -42.43
C GLU D 165 5.50 -13.02 -42.19
N ALA D 166 5.36 -12.22 -43.25
CA ALA D 166 5.33 -10.78 -43.08
C ALA D 166 4.12 -10.35 -42.26
N SER D 167 2.97 -10.99 -42.49
CA SER D 167 1.77 -10.66 -41.73
C SER D 167 1.90 -11.07 -40.28
N LEU D 168 2.56 -12.21 -40.02
CA LEU D 168 2.74 -12.65 -38.64
C LEU D 168 3.70 -11.74 -37.88
N ASP D 169 4.72 -11.21 -38.56
CA ASP D 169 5.63 -10.30 -37.89
C ASP D 169 4.94 -8.99 -37.51
N LYS D 170 3.95 -8.56 -38.31
CA LYS D 170 3.21 -7.34 -37.99
C LYS D 170 2.36 -7.52 -36.74
N LEU D 171 1.71 -8.67 -36.58
CA LEU D 171 0.95 -8.91 -35.35
C LEU D 171 1.88 -9.09 -34.16
N ARG D 172 3.02 -9.74 -34.38
CA ARG D 172 3.99 -9.96 -33.31
C ARG D 172 4.56 -8.64 -32.80
N ASN D 173 4.82 -7.70 -33.70
CA ASN D 173 5.42 -6.41 -33.36
C ASN D 173 4.35 -5.35 -33.05
N ARG D 174 3.44 -5.68 -32.15
CA ARG D 174 2.29 -4.83 -31.87
C ARG D 174 2.61 -3.70 -30.90
N TYR D 177 -1.40 -2.06 -27.49
CA TYR D 177 -2.56 -1.63 -28.26
C TYR D 177 -3.68 -1.09 -27.36
N TYR D 178 -4.32 -2.01 -26.62
CA TYR D 178 -5.40 -1.66 -25.71
C TYR D 178 -4.96 -0.61 -24.69
N ALA D 179 -3.69 -0.61 -24.30
CA ALA D 179 -3.23 0.30 -23.25
C ALA D 179 -3.19 1.76 -23.70
N ASP D 180 -3.15 2.04 -25.01
CA ASP D 180 -3.10 3.44 -25.44
C ASP D 180 -4.47 4.10 -25.44
N LEU D 181 -5.53 3.32 -25.70
CA LEU D 181 -6.89 3.83 -25.58
C LEU D 181 -7.39 3.82 -24.13
N VAL D 182 -6.81 2.99 -23.28
CA VAL D 182 -7.22 2.90 -21.88
C VAL D 182 -5.95 3.05 -21.03
N PRO D 183 -5.53 4.28 -20.73
CA PRO D 183 -4.20 4.49 -20.14
C PRO D 183 -4.14 4.21 -18.65
N ALA D 184 -5.28 4.07 -18.00
CA ALA D 184 -5.38 3.79 -16.57
C ALA D 184 -6.77 3.22 -16.32
N VAL D 185 -6.86 2.34 -15.33
CA VAL D 185 -8.15 1.78 -14.92
C VAL D 185 -8.22 2.07 -13.42
N PRO D 186 -9.35 2.55 -12.89
CA PRO D 186 -9.42 2.85 -11.46
C PRO D 186 -9.00 1.66 -10.61
N GLY D 187 -8.34 1.95 -9.48
CA GLY D 187 -7.90 0.90 -8.59
C GLY D 187 -8.96 0.38 -7.65
N GLN D 188 -10.16 0.93 -7.74
CA GLN D 188 -11.28 0.56 -6.89
C GLN D 188 -12.54 0.56 -7.73
N TYR D 189 -13.46 -0.34 -7.41
CA TYR D 189 -14.71 -0.36 -8.16
C TYR D 189 -15.84 -0.78 -7.23
N ARG D 190 -17.06 -0.56 -7.71
CA ARG D 190 -18.28 -1.04 -7.06
C ARG D 190 -18.92 -2.07 -7.99
N ARG D 191 -19.11 -3.27 -7.47
CA ARG D 191 -19.45 -4.42 -8.31
C ARG D 191 -20.93 -4.44 -8.68
N LEU D 192 -21.20 -4.50 -9.99
CA LEU D 192 -22.54 -4.77 -10.52
C LEU D 192 -22.70 -6.27 -10.75
N ARG D 193 -23.86 -6.82 -10.37
CA ARG D 193 -24.18 -8.22 -10.64
C ARG D 193 -25.58 -8.33 -11.27
N ASP D 194 -25.76 -9.37 -12.07
CA ASP D 194 -27.05 -9.64 -12.74
C ASP D 194 -28.18 -9.54 -11.73
N GLY D 195 -29.22 -8.79 -12.08
CA GLY D 195 -30.36 -8.61 -11.22
C GLY D 195 -30.28 -7.50 -10.20
N ASP D 196 -29.09 -6.91 -9.99
CA ASP D 196 -29.00 -5.76 -9.09
C ASP D 196 -29.97 -4.66 -9.53
N ALA D 197 -30.66 -4.07 -8.56
CA ALA D 197 -31.58 -2.98 -8.82
C ALA D 197 -30.87 -1.67 -8.47
N LEU D 198 -30.62 -0.84 -9.47
CA LEU D 198 -29.96 0.44 -9.26
C LEU D 198 -30.98 1.56 -9.22
N SER D 199 -30.82 2.46 -8.26
CA SER D 199 -31.68 3.63 -8.12
CA SER D 199 -31.69 3.63 -8.12
C SER D 199 -30.99 4.81 -8.81
N ILE D 200 -31.53 5.23 -9.95
CA ILE D 200 -30.97 6.33 -10.71
C ILE D 200 -32.09 7.32 -10.97
N GLY D 201 -31.99 8.52 -10.38
CA GLY D 201 -33.06 9.48 -10.51
C GLY D 201 -34.38 8.88 -10.05
N ALA D 202 -35.42 9.11 -10.85
CA ALA D 202 -36.76 8.65 -10.51
C ALA D 202 -37.02 7.19 -10.89
N ARG D 203 -36.00 6.43 -11.30
CA ARG D 203 -36.20 5.10 -11.84
C ARG D 203 -35.42 4.05 -11.07
N THR D 204 -35.86 2.80 -11.24
CA THR D 204 -35.08 1.62 -10.91
C THR D 204 -34.59 1.02 -12.23
N TRP D 205 -33.28 0.88 -12.37
CA TRP D 205 -32.66 0.22 -13.51
C TRP D 205 -32.09 -1.11 -13.04
N ARG D 206 -32.44 -2.18 -13.75
CA ARG D 206 -31.99 -3.51 -13.39
C ARG D 206 -30.82 -3.92 -14.26
N VAL D 207 -29.80 -4.54 -13.64
CA VAL D 207 -28.64 -5.06 -14.37
C VAL D 207 -29.04 -6.35 -15.06
N VAL D 208 -28.80 -6.40 -16.37
CA VAL D 208 -29.07 -7.57 -17.19
C VAL D 208 -27.74 -7.97 -17.80
N THR D 209 -27.16 -9.06 -17.32
CA THR D 209 -25.85 -9.42 -17.83
C THR D 209 -25.97 -10.17 -19.15
N GLY D 210 -24.87 -10.12 -19.90
CA GLY D 210 -24.85 -10.65 -21.25
C GLY D 210 -23.49 -11.24 -21.55
N PHE D 211 -23.46 -12.35 -22.28
CA PHE D 211 -22.23 -13.10 -22.49
C PHE D 211 -21.96 -13.29 -23.98
N GLY D 212 -20.72 -13.67 -24.29
CA GLY D 212 -20.31 -13.95 -25.65
C GLY D 212 -19.60 -12.79 -26.33
N HIS D 213 -19.95 -11.55 -25.99
CA HIS D 213 -19.28 -10.38 -26.54
C HIS D 213 -18.14 -9.90 -25.66
N SER D 214 -18.35 -9.94 -24.35
CA SER D 214 -17.34 -9.55 -23.36
C SER D 214 -17.63 -10.36 -22.11
N PRO D 215 -16.71 -10.35 -21.12
CA PRO D 215 -16.86 -11.27 -19.96
C PRO D 215 -18.21 -11.30 -19.28
N GLU D 216 -18.85 -10.14 -19.08
CA GLU D 216 -20.00 -10.04 -18.20
C GLU D 216 -20.62 -8.68 -18.47
N HIS D 217 -21.20 -8.55 -19.66
CA HIS D 217 -21.66 -7.26 -20.17
C HIS D 217 -22.87 -6.79 -19.38
N CYS D 218 -22.89 -5.51 -19.01
CA CYS D 218 -23.97 -4.92 -18.23
C CYS D 218 -24.87 -4.09 -19.14
N ALA D 219 -26.08 -4.58 -19.39
CA ALA D 219 -27.16 -3.76 -19.92
C ALA D 219 -28.04 -3.30 -18.75
N LEU D 220 -28.70 -2.16 -18.93
CA LEU D 220 -29.50 -1.55 -17.87
C LEU D 220 -30.95 -1.45 -18.35
N HIS D 221 -31.87 -2.03 -17.59
CA HIS D 221 -33.27 -2.13 -18.01
C HIS D 221 -34.16 -1.40 -17.01
N ALA D 222 -34.89 -0.39 -17.51
CA ALA D 222 -35.88 0.34 -16.71
C ALA D 222 -37.25 -0.20 -17.12
N GLU D 223 -37.78 -1.12 -16.32
CA GLU D 223 -38.94 -1.89 -16.76
C GLU D 223 -40.22 -1.04 -16.78
N ALA D 224 -40.42 -0.22 -15.76
CA ALA D 224 -41.67 0.55 -15.68
C ALA D 224 -41.83 1.48 -16.86
N ASP D 225 -40.76 2.15 -17.28
CA ASP D 225 -40.83 3.08 -18.39
C ASP D 225 -40.49 2.46 -19.74
N GLY D 226 -39.97 1.23 -19.76
CA GLY D 226 -39.64 0.58 -21.01
C GLY D 226 -38.47 1.20 -21.74
N VAL D 227 -37.33 1.31 -21.06
CA VAL D 227 -36.09 1.81 -21.66
C VAL D 227 -34.99 0.81 -21.37
N LEU D 228 -34.17 0.54 -22.38
CA LEU D 228 -33.07 -0.42 -22.30
C LEU D 228 -31.79 0.22 -22.83
N ILE D 229 -30.82 0.41 -21.94
CA ILE D 229 -29.46 0.74 -22.35
C ILE D 229 -28.78 -0.59 -22.70
N SER D 230 -28.55 -0.83 -23.99
CA SER D 230 -28.17 -2.16 -24.44
C SER D 230 -26.66 -2.32 -24.64
N GLY D 231 -25.88 -1.29 -24.38
CA GLY D 231 -24.44 -1.38 -24.61
C GLY D 231 -24.14 -1.83 -26.03
N ASP D 232 -23.28 -2.84 -26.16
CA ASP D 232 -22.97 -3.41 -27.45
C ASP D 232 -23.75 -4.68 -27.75
N MET D 233 -24.63 -5.11 -26.84
CA MET D 233 -25.28 -6.41 -27.05
C MET D 233 -26.35 -6.36 -28.14
N VAL D 234 -27.03 -5.22 -28.31
CA VAL D 234 -28.02 -5.06 -29.37
C VAL D 234 -27.78 -3.70 -30.02
N LEU D 235 -27.33 -3.70 -31.27
CA LEU D 235 -27.03 -2.52 -32.05
C LEU D 235 -27.90 -2.51 -33.31
N PRO D 236 -28.46 -1.37 -33.67
CA PRO D 236 -29.47 -1.36 -34.74
C PRO D 236 -28.89 -1.48 -36.14
N ARG D 237 -27.70 -0.93 -36.37
CA ARG D 237 -27.10 -0.92 -37.70
C ARG D 237 -26.09 -2.02 -37.93
N ILE D 238 -25.45 -2.53 -36.89
CA ILE D 238 -24.31 -3.44 -37.07
C ILE D 238 -24.47 -4.65 -36.17
N SER D 239 -23.78 -5.72 -36.56
CA SER D 239 -23.77 -6.90 -35.71
C SER D 239 -22.82 -6.70 -34.52
N THR D 240 -23.00 -7.55 -33.51
CA THR D 240 -22.15 -7.54 -32.32
C THR D 240 -20.97 -8.48 -32.54
N ASN D 241 -19.77 -7.97 -32.32
CA ASN D 241 -18.58 -8.80 -32.41
C ASN D 241 -18.65 -9.96 -31.44
N VAL D 242 -18.42 -11.16 -31.96
CA VAL D 242 -18.32 -12.39 -31.19
C VAL D 242 -17.08 -13.12 -31.70
N SER D 243 -16.07 -13.27 -30.85
CA SER D 243 -14.78 -13.78 -31.30
C SER D 243 -14.20 -14.77 -30.31
N VAL D 244 -13.52 -15.77 -30.84
CA VAL D 244 -12.67 -16.67 -30.07
C VAL D 244 -11.27 -16.08 -30.04
N PHE D 245 -10.74 -15.84 -28.84
CA PHE D 245 -9.42 -15.26 -28.68
C PHE D 245 -8.44 -16.28 -28.11
N ASP D 246 -7.16 -15.89 -28.10
CA ASP D 246 -6.08 -16.78 -27.70
CA ASP D 246 -6.14 -16.84 -27.70
C ASP D 246 -6.18 -17.15 -26.22
N ILE D 247 -6.73 -16.24 -25.40
CA ILE D 247 -6.76 -16.49 -23.95
C ILE D 247 -7.75 -17.59 -23.59
N GLU D 248 -8.82 -17.76 -24.37
CA GLU D 248 -9.83 -18.79 -24.15
C GLU D 248 -9.96 -19.56 -25.44
N PRO D 249 -9.01 -20.46 -25.73
CA PRO D 249 -8.87 -20.99 -27.10
C PRO D 249 -9.91 -22.03 -27.48
N GLU D 250 -10.68 -22.56 -26.52
CA GLU D 250 -11.79 -23.44 -26.85
C GLU D 250 -13.14 -22.78 -26.55
N GLY D 251 -13.16 -21.45 -26.48
CA GLY D 251 -14.36 -20.74 -26.12
C GLY D 251 -15.50 -21.02 -27.09
N ASN D 252 -16.72 -20.82 -26.59
CA ASN D 252 -17.93 -20.91 -27.41
C ASN D 252 -18.74 -19.62 -27.28
N PRO D 253 -18.15 -18.47 -27.60
CA PRO D 253 -18.84 -17.20 -27.34
C PRO D 253 -20.10 -17.00 -28.17
N LEU D 254 -20.20 -17.59 -29.37
CA LEU D 254 -21.42 -17.39 -30.14
C LEU D 254 -22.60 -18.12 -29.49
N ALA D 255 -22.38 -19.32 -28.97
CA ALA D 255 -23.46 -19.99 -28.25
C ALA D 255 -23.87 -19.18 -27.02
N LEU D 256 -22.90 -18.64 -26.29
CA LEU D 256 -23.21 -17.78 -25.15
C LEU D 256 -23.98 -16.55 -25.59
N TYR D 257 -23.60 -15.96 -26.74
CA TYR D 257 -24.23 -14.73 -27.20
C TYR D 257 -25.68 -14.98 -27.61
N LEU D 258 -25.92 -16.05 -28.38
CA LEU D 258 -27.28 -16.31 -28.85
C LEU D 258 -28.19 -16.70 -27.69
N GLU D 259 -27.64 -17.36 -26.68
CA GLU D 259 -28.42 -17.64 -25.48
C GLU D 259 -28.73 -16.35 -24.74
N SER D 260 -27.72 -15.45 -24.65
CA SER D 260 -27.90 -14.18 -23.94
C SER D 260 -28.99 -13.30 -24.54
N LEU D 261 -29.19 -13.38 -25.86
CA LEU D 261 -30.22 -12.55 -26.48
C LEU D 261 -31.62 -12.90 -25.98
N GLY D 262 -31.79 -14.06 -25.34
CA GLY D 262 -33.07 -14.41 -24.76
C GLY D 262 -33.51 -13.47 -23.65
N ARG D 263 -32.56 -12.80 -22.99
CA ARG D 263 -32.93 -11.89 -21.90
C ARG D 263 -33.78 -10.74 -22.38
N TYR D 264 -33.61 -10.32 -23.64
CA TYR D 264 -34.33 -9.16 -24.15
C TYR D 264 -35.64 -9.52 -24.83
N GLU D 265 -35.81 -10.78 -25.22
CA GLU D 265 -37.03 -11.20 -25.90
C GLU D 265 -38.22 -11.28 -24.96
N THR D 266 -37.99 -11.22 -23.65
CA THR D 266 -39.07 -11.15 -22.68
C THR D 266 -39.42 -9.73 -22.29
N MET D 267 -38.62 -8.74 -22.70
CA MET D 267 -38.97 -7.36 -22.46
C MET D 267 -40.09 -6.93 -23.40
N ALA D 268 -40.69 -5.79 -23.08
CA ALA D 268 -41.80 -5.28 -23.89
C ALA D 268 -41.37 -5.04 -25.32
N ALA D 269 -42.27 -5.34 -26.27
CA ALA D 269 -41.94 -5.17 -27.67
C ALA D 269 -41.69 -3.71 -28.04
N ASP D 270 -42.26 -2.76 -27.29
CA ASP D 270 -42.10 -1.34 -27.59
C ASP D 270 -40.99 -0.69 -26.78
N THR D 271 -40.12 -1.48 -26.15
CA THR D 271 -38.99 -0.94 -25.40
C THR D 271 -38.19 0.03 -26.27
N LEU D 272 -37.88 1.19 -25.70
CA LEU D 272 -36.94 2.12 -26.32
C LEU D 272 -35.52 1.66 -26.04
N VAL D 273 -34.77 1.32 -27.09
CA VAL D 273 -33.42 0.79 -26.94
C VAL D 273 -32.42 1.92 -27.18
N LEU D 274 -31.52 2.10 -26.22
CA LEU D 274 -30.45 3.08 -26.32
C LEU D 274 -29.14 2.33 -26.58
N PRO D 275 -28.75 2.19 -27.84
CA PRO D 275 -27.55 1.41 -28.17
C PRO D 275 -26.30 2.26 -28.16
N SER D 276 -25.17 1.61 -27.91
CA SER D 276 -23.90 2.33 -27.87
C SER D 276 -23.46 2.82 -29.24
N HIS D 277 -23.98 2.24 -30.32
CA HIS D 277 -23.69 2.72 -31.66
C HIS D 277 -24.98 2.69 -32.47
N GLY D 278 -25.14 3.69 -33.32
CA GLY D 278 -26.38 3.86 -34.05
C GLY D 278 -27.26 4.88 -33.37
N LYS D 279 -28.57 4.74 -33.48
CA LYS D 279 -29.50 5.72 -32.94
C LYS D 279 -30.52 5.04 -32.06
N PRO D 280 -31.09 5.76 -31.09
CA PRO D 280 -32.17 5.19 -30.27
C PRO D 280 -33.28 4.66 -31.15
N PHE D 281 -33.77 3.47 -30.82
CA PHE D 281 -34.75 2.87 -31.72
C PHE D 281 -35.75 2.03 -30.94
N ARG D 282 -36.87 1.77 -31.59
CA ARG D 282 -37.81 0.75 -31.14
C ARG D 282 -37.82 -0.37 -32.16
N GLY D 283 -38.22 -1.55 -31.69
CA GLY D 283 -38.13 -2.75 -32.49
C GLY D 283 -37.11 -3.72 -31.92
N LEU D 284 -37.05 -3.77 -30.58
CA LEU D 284 -36.10 -4.66 -29.90
C LEU D 284 -36.24 -6.10 -30.38
N HIS D 285 -37.46 -6.62 -30.44
CA HIS D 285 -37.65 -7.99 -30.86
C HIS D 285 -37.32 -8.17 -32.34
N THR D 286 -37.70 -7.18 -33.15
CA THR D 286 -37.32 -7.18 -34.56
C THR D 286 -35.82 -7.34 -34.75
N ARG D 287 -35.03 -6.51 -34.05
CA ARG D 287 -33.59 -6.55 -34.24
C ARG D 287 -32.99 -7.88 -33.79
N ILE D 288 -33.47 -8.41 -32.67
CA ILE D 288 -32.96 -9.70 -32.20
CA ILE D 288 -32.98 -9.71 -32.18
C ILE D 288 -33.21 -10.78 -33.24
N GLY D 289 -34.41 -10.81 -33.83
CA GLY D 289 -34.68 -11.76 -34.88
C GLY D 289 -33.73 -11.60 -36.06
N GLN D 290 -33.47 -10.35 -36.46
CA GLN D 290 -32.51 -10.11 -37.52
C GLN D 290 -31.14 -10.68 -37.16
N LEU D 291 -30.69 -10.42 -35.92
CA LEU D 291 -29.41 -10.97 -35.46
C LEU D 291 -29.42 -12.49 -35.51
N ARG D 292 -30.49 -13.12 -35.03
CA ARG D 292 -30.55 -14.58 -35.05
C ARG D 292 -30.52 -15.11 -36.48
N ASP D 293 -31.26 -14.47 -37.39
CA ASP D 293 -31.22 -14.87 -38.80
C ASP D 293 -29.82 -14.68 -39.38
N HIS D 294 -29.17 -13.55 -39.09
CA HIS D 294 -27.80 -13.31 -39.53
C HIS D 294 -26.89 -14.48 -39.19
N HIS D 295 -26.84 -14.85 -37.90
CA HIS D 295 -25.91 -15.89 -37.48
C HIS D 295 -26.30 -17.26 -37.99
N ALA D 296 -27.60 -17.54 -38.15
CA ALA D 296 -28.00 -18.79 -38.79
C ALA D 296 -27.45 -18.86 -40.21
N ALA D 297 -27.46 -17.73 -40.92
CA ALA D 297 -26.98 -17.70 -42.30
C ALA D 297 -25.47 -17.86 -42.36
N ARG D 298 -24.74 -17.23 -41.42
CA ARG D 298 -23.30 -17.42 -41.37
C ARG D 298 -22.93 -18.85 -41.04
N LEU D 299 -23.68 -19.48 -40.11
CA LEU D 299 -23.42 -20.87 -39.77
C LEU D 299 -23.69 -21.80 -40.96
N ALA D 300 -24.75 -21.52 -41.72
CA ALA D 300 -25.03 -22.33 -42.89
C ALA D 300 -23.86 -22.29 -43.87
N GLU D 301 -23.25 -21.12 -44.04
CA GLU D 301 -22.09 -20.99 -44.92
C GLU D 301 -20.92 -21.83 -44.40
N VAL D 302 -20.69 -21.83 -43.09
CA VAL D 302 -19.59 -22.61 -42.53
C VAL D 302 -19.86 -24.10 -42.71
N ARG D 303 -21.08 -24.55 -42.43
CA ARG D 303 -21.46 -25.94 -42.66
C ARG D 303 -21.15 -26.35 -44.09
N ALA D 304 -21.56 -25.54 -45.06
CA ALA D 304 -21.37 -25.90 -46.46
C ALA D 304 -19.89 -25.97 -46.83
N ALA D 305 -19.09 -25.00 -46.36
CA ALA D 305 -17.66 -25.01 -46.70
C ALA D 305 -16.97 -26.22 -46.10
N CYS D 306 -17.32 -26.57 -44.87
CA CYS D 306 -16.66 -27.67 -44.17
C CYS D 306 -17.12 -29.03 -44.67
N ALA D 307 -18.27 -29.09 -45.35
CA ALA D 307 -18.73 -30.38 -45.88
C ALA D 307 -17.84 -30.86 -47.01
N ASP D 308 -17.21 -29.95 -47.74
CA ASP D 308 -16.38 -30.31 -48.88
C ASP D 308 -14.91 -30.51 -48.52
N LYS D 309 -14.41 -29.87 -47.47
CA LYS D 309 -13.01 -30.02 -47.10
C LYS D 309 -12.84 -29.50 -45.68
N PRO D 310 -11.80 -29.95 -44.98
CA PRO D 310 -11.52 -29.37 -43.65
C PRO D 310 -11.05 -27.93 -43.80
N CYS D 311 -11.72 -27.04 -43.07
CA CYS D 311 -11.50 -25.60 -43.17
C CYS D 311 -10.96 -25.03 -41.86
N SER D 312 -9.98 -24.15 -41.99
CA SER D 312 -9.52 -23.29 -40.90
C SER D 312 -10.37 -22.02 -40.85
N ALA D 313 -10.16 -21.24 -39.78
CA ALA D 313 -10.79 -19.93 -39.71
C ALA D 313 -10.37 -19.08 -40.90
N ALA D 314 -9.09 -19.15 -41.27
CA ALA D 314 -8.60 -18.39 -42.42
C ALA D 314 -9.35 -18.78 -43.70
N ASP D 315 -9.74 -20.05 -43.83
CA ASP D 315 -10.53 -20.44 -45.00
C ASP D 315 -11.92 -19.80 -44.98
N ILE D 316 -12.50 -19.67 -43.80
CA ILE D 316 -13.87 -19.18 -43.65
C ILE D 316 -13.96 -17.67 -43.83
N VAL D 317 -12.90 -16.93 -43.47
CA VAL D 317 -12.98 -15.47 -43.47
C VAL D 317 -13.47 -14.90 -44.80
N PRO D 318 -12.93 -15.27 -45.96
CA PRO D 318 -13.40 -14.65 -47.22
C PRO D 318 -14.81 -15.09 -47.65
N ILE D 319 -15.37 -16.13 -47.04
CA ILE D 319 -16.77 -16.46 -47.26
C ILE D 319 -17.66 -15.62 -46.37
N MET D 320 -17.25 -15.42 -45.11
CA MET D 320 -18.04 -14.69 -44.13
C MET D 320 -17.95 -13.18 -44.34
N PHE D 321 -16.83 -12.69 -44.86
CA PHE D 321 -16.58 -11.26 -45.04
C PHE D 321 -16.29 -11.01 -46.52
N ARG D 322 -17.31 -10.60 -47.27
CA ARG D 322 -17.17 -10.35 -48.70
C ARG D 322 -16.66 -8.93 -48.94
N ARG D 323 -15.45 -8.67 -48.42
CA ARG D 323 -14.84 -7.36 -48.57
C ARG D 323 -13.34 -7.51 -48.41
N ALA D 324 -12.60 -6.58 -49.00
CA ALA D 324 -11.16 -6.54 -48.82
C ALA D 324 -10.83 -6.20 -47.38
N LEU D 325 -9.79 -6.86 -46.85
CA LEU D 325 -9.39 -6.73 -45.45
C LEU D 325 -7.87 -6.71 -45.38
N ASP D 326 -7.31 -5.83 -44.55
CA ASP D 326 -5.87 -5.79 -44.37
C ASP D 326 -5.46 -6.93 -43.43
N ILE D 327 -4.20 -6.94 -43.00
CA ILE D 327 -3.73 -7.98 -42.09
C ILE D 327 -4.43 -7.86 -40.74
N HIS D 328 -4.56 -6.65 -40.22
CA HIS D 328 -5.16 -6.47 -38.90
C HIS D 328 -6.68 -6.65 -38.95
N GLN D 329 -7.33 -6.21 -40.04
CA GLN D 329 -8.75 -6.50 -40.17
C GLN D 329 -8.99 -8.00 -40.30
N MET D 330 -8.09 -8.69 -41.02
CA MET D 330 -8.15 -10.14 -41.13
C MET D 330 -8.17 -10.80 -39.75
N THR D 331 -7.47 -10.18 -38.78
CA THR D 331 -7.34 -10.75 -37.45
C THR D 331 -8.67 -10.77 -36.70
N PHE D 332 -9.35 -9.62 -36.65
CA PHE D 332 -10.67 -9.60 -36.02
C PHE D 332 -11.62 -10.57 -36.73
N ALA D 333 -11.52 -10.64 -38.06
CA ALA D 333 -12.41 -11.51 -38.83
C ALA D 333 -12.17 -12.98 -38.51
N MET D 334 -10.90 -13.37 -38.33
CA MET D 334 -10.59 -14.75 -37.97
C MET D 334 -11.20 -15.14 -36.63
N GLY D 335 -11.27 -14.20 -35.70
CA GLY D 335 -11.87 -14.51 -34.41
C GLY D 335 -13.35 -14.81 -34.53
N GLU D 336 -14.05 -14.05 -35.37
CA GLU D 336 -15.48 -14.29 -35.58
C GLU D 336 -15.72 -15.58 -36.36
N ALA D 337 -14.91 -15.83 -37.40
CA ALA D 337 -15.03 -17.10 -38.11
C ALA D 337 -14.84 -18.27 -37.15
N LEU D 338 -13.84 -18.18 -36.27
CA LEU D 338 -13.61 -19.27 -35.32
C LEU D 338 -14.78 -19.42 -34.34
N ALA D 339 -15.44 -18.33 -33.98
CA ALA D 339 -16.61 -18.44 -33.10
C ALA D 339 -17.72 -19.26 -33.77
N HIS D 340 -17.94 -19.03 -35.06
CA HIS D 340 -18.96 -19.81 -35.76
C HIS D 340 -18.53 -21.26 -35.90
N LEU D 341 -17.24 -21.50 -36.19
CA LEU D 341 -16.75 -22.87 -36.27
C LEU D 341 -16.90 -23.59 -34.93
N HIS D 342 -16.62 -22.87 -33.83
CA HIS D 342 -16.69 -23.52 -32.52
C HIS D 342 -18.13 -23.84 -32.10
N LEU D 343 -19.09 -22.97 -32.44
CA LEU D 343 -20.48 -23.31 -32.13
C LEU D 343 -20.85 -24.65 -32.75
N LEU D 344 -20.51 -24.84 -34.03
CA LEU D 344 -20.85 -26.10 -34.69
C LEU D 344 -20.03 -27.26 -34.14
N TRP D 345 -18.73 -27.05 -33.94
CA TRP D 345 -17.88 -28.10 -33.40
C TRP D 345 -18.39 -28.57 -32.04
N LEU D 346 -18.67 -27.64 -31.15
CA LEU D 346 -18.98 -28.01 -29.77
C LEU D 346 -20.39 -28.55 -29.59
N GLN D 347 -21.28 -28.35 -30.56
CA GLN D 347 -22.54 -29.08 -30.52
C GLN D 347 -22.51 -30.33 -31.38
N GLY D 348 -21.35 -30.71 -31.91
CA GLY D 348 -21.17 -32.02 -32.52
C GLY D 348 -21.37 -32.10 -34.02
N GLU D 349 -21.44 -30.97 -34.72
CA GLU D 349 -21.64 -30.96 -36.16
C GLU D 349 -20.34 -30.88 -36.95
N LEU D 350 -19.23 -30.61 -36.28
CA LEU D 350 -17.92 -30.56 -36.92
C LEU D 350 -16.93 -31.36 -36.10
N THR D 351 -15.94 -31.91 -36.78
CA THR D 351 -14.79 -32.55 -36.15
C THR D 351 -13.58 -31.63 -36.29
N ARG D 352 -12.86 -31.42 -35.19
CA ARG D 352 -11.69 -30.57 -35.18
C ARG D 352 -10.43 -31.43 -35.30
N VAL D 353 -9.58 -31.11 -36.27
CA VAL D 353 -8.35 -31.85 -36.51
C VAL D 353 -7.18 -30.87 -36.56
N GLN D 354 -6.19 -31.08 -35.71
CA GLN D 354 -4.95 -30.33 -35.79
C GLN D 354 -4.04 -30.98 -36.83
N GLY D 355 -3.74 -30.24 -37.90
CA GLY D 355 -2.98 -30.79 -38.99
C GLY D 355 -1.52 -31.00 -38.63
N GLU D 356 -0.80 -31.64 -39.55
CA GLU D 356 0.63 -31.86 -39.37
C GLU D 356 1.40 -30.55 -39.46
N ASP D 357 0.88 -29.56 -40.18
CA ASP D 357 1.46 -28.24 -40.26
C ASP D 357 1.12 -27.37 -39.07
N GLY D 358 0.43 -27.91 -38.07
CA GLY D 358 0.06 -27.16 -36.89
C GLY D 358 -1.20 -26.34 -37.02
N VAL D 359 -1.93 -26.47 -38.13
CA VAL D 359 -3.12 -25.68 -38.40
C VAL D 359 -4.35 -26.47 -37.97
N ILE D 360 -5.23 -25.81 -37.22
CA ILE D 360 -6.50 -26.41 -36.80
C ILE D 360 -7.51 -26.26 -37.93
N ARG D 361 -8.19 -27.37 -38.26
CA ARG D 361 -9.20 -27.38 -39.31
C ARG D 361 -10.44 -28.12 -38.81
N PHE D 362 -11.57 -27.86 -39.45
CA PHE D 362 -12.86 -28.40 -39.06
C PHE D 362 -13.53 -29.04 -40.27
N ARG D 363 -14.17 -30.19 -40.06
CA ARG D 363 -14.83 -30.90 -41.15
C ARG D 363 -16.13 -31.52 -40.66
N ALA D 364 -17.03 -31.77 -41.63
CA ALA D 364 -18.31 -32.44 -41.36
C ALA D 364 -18.12 -33.82 -40.73
#